data_1ZXK
# 
_entry.id   1ZXK 
# 
_audit_conform.dict_name       mmcif_pdbx.dic 
_audit_conform.dict_version    5.376 
_audit_conform.dict_location   http://mmcif.pdb.org/dictionaries/ascii/mmcif_pdbx.dic 
# 
loop_
_database_2.database_id 
_database_2.database_code 
_database_2.pdbx_database_accession 
_database_2.pdbx_DOI 
PDB   1ZXK         pdb_00001zxk 10.2210/pdb1zxk/pdb 
RCSB  RCSB033236   ?            ?                   
WWPDB D_1000033236 ?            ?                   
# 
_pdbx_database_related.db_name        PDB 
_pdbx_database_related.db_id          1ZVN 
_pdbx_database_related.details        . 
_pdbx_database_related.content_type   unspecified 
# 
_pdbx_database_status.status_code                     REL 
_pdbx_database_status.entry_id                        1ZXK 
_pdbx_database_status.recvd_initial_deposition_date   2005-06-08 
_pdbx_database_status.deposit_site                    RCSB 
_pdbx_database_status.process_site                    RCSB 
_pdbx_database_status.status_code_sf                  REL 
_pdbx_database_status.status_code_mr                  ? 
_pdbx_database_status.SG_entry                        ? 
_pdbx_database_status.pdb_format_compatible           Y 
_pdbx_database_status.status_code_cs                  ? 
_pdbx_database_status.status_code_nmr_data            ? 
_pdbx_database_status.methods_development_category    ? 
# 
loop_
_audit_author.name 
_audit_author.pdbx_ordinal 
'Patel, S.D.'     1  
'Ciatto, C.'      2  
'Chen, C.P.'      3  
'Bahna, F.'       4  
'Arkus, N.'       5  
'Schieren, I.'    6  
'Rajebhosale, M.' 7  
'Jessell, T.M.'   8  
'Honig, B.'       9  
'Price, S.R.'     10 
'Shapiro, L.'     11 
# 
_citation.id                        primary 
_citation.title                     'Type II cadherin ectodomain structures: implications for classical cadherin specificity.' 
_citation.journal_abbrev            'Cell(Cambridge,Mass.)' 
_citation.journal_volume            124 
_citation.page_first                1255 
_citation.page_last                 1268 
_citation.year                      2006 
_citation.journal_id_ASTM           CELLB5 
_citation.country                   US 
_citation.journal_id_ISSN           0092-8674 
_citation.journal_id_CSD            0998 
_citation.book_publisher            ? 
_citation.pdbx_database_id_PubMed   16564015 
_citation.pdbx_database_id_DOI      10.1016/j.cell.2005.12.046 
# 
loop_
_citation_author.citation_id 
_citation_author.name 
_citation_author.ordinal 
_citation_author.identifier_ORCID 
primary 'Patel, S.D.'     1  ? 
primary 'Ciatto, C.'      2  ? 
primary 'Chen, C.P.'      3  ? 
primary 'Bahna, F.'       4  ? 
primary 'Rajebhosale, M.' 5  ? 
primary 'Arkus, N.'       6  ? 
primary 'Schieren, I.'    7  ? 
primary 'Jessell, T.M.'   8  ? 
primary 'Honig, B.'       9  ? 
primary 'Price, S.R.'     10 ? 
primary 'Shapiro, L.'     11 ? 
# 
_cell.entry_id           1ZXK 
_cell.length_a           46.196 
_cell.length_b           39.934 
_cell.length_c           66.439 
_cell.angle_alpha        90.00 
_cell.angle_beta         110.68 
_cell.angle_gamma        90.00 
_cell.Z_PDB              4 
_cell.pdbx_unique_axis   ? 
_cell.length_a_esd       ? 
_cell.length_b_esd       ? 
_cell.length_c_esd       ? 
_cell.angle_alpha_esd    ? 
_cell.angle_beta_esd     ? 
_cell.angle_gamma_esd    ? 
# 
_symmetry.entry_id                         1ZXK 
_symmetry.space_group_name_H-M             'P 1 2 1' 
_symmetry.pdbx_full_space_group_name_H-M   ? 
_symmetry.cell_setting                     ? 
_symmetry.Int_Tables_number                3 
_symmetry.space_group_name_Hall            ? 
# 
loop_
_entity.id 
_entity.type 
_entity.src_method 
_entity.pdbx_description 
_entity.formula_weight 
_entity.pdbx_number_of_molecules 
_entity.pdbx_ec 
_entity.pdbx_mutation 
_entity.pdbx_fragment 
_entity.details 
1 polymer man Cadherin-8 11085.474 2   ? G1S 'EC1 domain' ? 
2 water   nat water      18.015    160 ? ?   ?            ? 
# 
_entity_poly.entity_id                      1 
_entity_poly.type                           'polypeptide(L)' 
_entity_poly.nstd_linkage                   no 
_entity_poly.nstd_monomer                   no 
_entity_poly.pdbx_seq_one_letter_code       
;SWVWNQMFVLEEFSGPEPILVGRLHTDLDPGSKKIKYILSGDGAGTIFQINDITGDIHAIKRLDREEKAEYTLTAQAVDF
ETNKPLEPPSEFIIKVQD
;
_entity_poly.pdbx_seq_one_letter_code_can   
;SWVWNQMFVLEEFSGPEPILVGRLHTDLDPGSKKIKYILSGDGAGTIFQINDITGDIHAIKRLDREEKAEYTLTAQAVDF
ETNKPLEPPSEFIIKVQD
;
_entity_poly.pdbx_strand_id                 A,B 
_entity_poly.pdbx_target_identifier         ? 
# 
loop_
_entity_poly_seq.entity_id 
_entity_poly_seq.num 
_entity_poly_seq.mon_id 
_entity_poly_seq.hetero 
1 1  SER n 
1 2  TRP n 
1 3  VAL n 
1 4  TRP n 
1 5  ASN n 
1 6  GLN n 
1 7  MET n 
1 8  PHE n 
1 9  VAL n 
1 10 LEU n 
1 11 GLU n 
1 12 GLU n 
1 13 PHE n 
1 14 SER n 
1 15 GLY n 
1 16 PRO n 
1 17 GLU n 
1 18 PRO n 
1 19 ILE n 
1 20 LEU n 
1 21 VAL n 
1 22 GLY n 
1 23 ARG n 
1 24 LEU n 
1 25 HIS n 
1 26 THR n 
1 27 ASP n 
1 28 LEU n 
1 29 ASP n 
1 30 PRO n 
1 31 GLY n 
1 32 SER n 
1 33 LYS n 
1 34 LYS n 
1 35 ILE n 
1 36 LYS n 
1 37 TYR n 
1 38 ILE n 
1 39 LEU n 
1 40 SER n 
1 41 GLY n 
1 42 ASP n 
1 43 GLY n 
1 44 ALA n 
1 45 GLY n 
1 46 THR n 
1 47 ILE n 
1 48 PHE n 
1 49 GLN n 
1 50 ILE n 
1 51 ASN n 
1 52 ASP n 
1 53 ILE n 
1 54 THR n 
1 55 GLY n 
1 56 ASP n 
1 57 ILE n 
1 58 HIS n 
1 59 ALA n 
1 60 ILE n 
1 61 LYS n 
1 62 ARG n 
1 63 LEU n 
1 64 ASP n 
1 65 ARG n 
1 66 GLU n 
1 67 GLU n 
1 68 LYS n 
1 69 ALA n 
1 70 GLU n 
1 71 TYR n 
1 72 THR n 
1 73 LEU n 
1 74 THR n 
1 75 ALA n 
1 76 GLN n 
1 77 ALA n 
1 78 VAL n 
1 79 ASP n 
1 80 PHE n 
1 81 GLU n 
1 82 THR n 
1 83 ASN n 
1 84 LYS n 
1 85 PRO n 
1 86 LEU n 
1 87 GLU n 
1 88 PRO n 
1 89 PRO n 
1 90 SER n 
1 91 GLU n 
1 92 PHE n 
1 93 ILE n 
1 94 ILE n 
1 95 LYS n 
1 96 VAL n 
1 97 GLN n 
1 98 ASP n 
# 
_entity_src_gen.entity_id                          1 
_entity_src_gen.pdbx_src_id                        1 
_entity_src_gen.pdbx_alt_source_flag               sample 
_entity_src_gen.pdbx_seq_type                      ? 
_entity_src_gen.pdbx_beg_seq_num                   ? 
_entity_src_gen.pdbx_end_seq_num                   ? 
_entity_src_gen.gene_src_common_name               'house mouse' 
_entity_src_gen.gene_src_genus                     Mus 
_entity_src_gen.pdbx_gene_src_gene                 Cdh8 
_entity_src_gen.gene_src_species                   ? 
_entity_src_gen.gene_src_strain                    ? 
_entity_src_gen.gene_src_tissue                    ? 
_entity_src_gen.gene_src_tissue_fraction           ? 
_entity_src_gen.gene_src_details                   ? 
_entity_src_gen.pdbx_gene_src_fragment             ? 
_entity_src_gen.pdbx_gene_src_scientific_name      'Mus musculus' 
_entity_src_gen.pdbx_gene_src_ncbi_taxonomy_id     10090 
_entity_src_gen.pdbx_gene_src_variant              ? 
_entity_src_gen.pdbx_gene_src_cell_line            ? 
_entity_src_gen.pdbx_gene_src_atcc                 ? 
_entity_src_gen.pdbx_gene_src_organ                ? 
_entity_src_gen.pdbx_gene_src_organelle            ? 
_entity_src_gen.pdbx_gene_src_cell                 ? 
_entity_src_gen.pdbx_gene_src_cellular_location    ? 
_entity_src_gen.host_org_common_name               ? 
_entity_src_gen.pdbx_host_org_scientific_name      'Escherichia coli' 
_entity_src_gen.pdbx_host_org_ncbi_taxonomy_id     562 
_entity_src_gen.host_org_genus                     Escherichia 
_entity_src_gen.pdbx_host_org_gene                 ? 
_entity_src_gen.pdbx_host_org_organ                ? 
_entity_src_gen.host_org_species                   ? 
_entity_src_gen.pdbx_host_org_tissue               ? 
_entity_src_gen.pdbx_host_org_tissue_fraction      ? 
_entity_src_gen.pdbx_host_org_strain               ? 
_entity_src_gen.pdbx_host_org_variant              ? 
_entity_src_gen.pdbx_host_org_cell_line            ? 
_entity_src_gen.pdbx_host_org_atcc                 ? 
_entity_src_gen.pdbx_host_org_culture_collection   ? 
_entity_src_gen.pdbx_host_org_cell                 ? 
_entity_src_gen.pdbx_host_org_organelle            ? 
_entity_src_gen.pdbx_host_org_cellular_location    ? 
_entity_src_gen.pdbx_host_org_vector_type          plasmid 
_entity_src_gen.pdbx_host_org_vector               ? 
_entity_src_gen.host_org_details                   ? 
_entity_src_gen.expression_system_id               ? 
_entity_src_gen.plasmid_name                       pSMT3 
_entity_src_gen.plasmid_details                    ? 
_entity_src_gen.pdbx_description                   ? 
# 
_struct_ref.id                         1 
_struct_ref.db_name                    UNP 
_struct_ref.db_code                    CADH8_MOUSE 
_struct_ref.pdbx_db_accession          P97291 
_struct_ref.entity_id                  1 
_struct_ref.pdbx_align_begin           62 
_struct_ref.pdbx_db_isoform            ? 
_struct_ref.pdbx_seq_one_letter_code   ? 
# 
loop_
_struct_ref_seq.align_id 
_struct_ref_seq.ref_id 
_struct_ref_seq.pdbx_PDB_id_code 
_struct_ref_seq.pdbx_strand_id 
_struct_ref_seq.seq_align_beg 
_struct_ref_seq.pdbx_seq_align_beg_ins_code 
_struct_ref_seq.seq_align_end 
_struct_ref_seq.pdbx_seq_align_end_ins_code 
_struct_ref_seq.pdbx_db_accession 
_struct_ref_seq.db_align_beg 
_struct_ref_seq.pdbx_db_align_beg_ins_code 
_struct_ref_seq.db_align_end 
_struct_ref_seq.pdbx_db_align_end_ins_code 
_struct_ref_seq.pdbx_auth_seq_align_beg 
_struct_ref_seq.pdbx_auth_seq_align_end 
1 1 1ZXK A 1 ? 98 ? P97291 62 ? 159 ? 1 98 
2 1 1ZXK B 1 ? 98 ? P97291 62 ? 159 ? 1 98 
# 
loop_
_struct_ref_seq_dif.align_id 
_struct_ref_seq_dif.pdbx_pdb_id_code 
_struct_ref_seq_dif.mon_id 
_struct_ref_seq_dif.pdbx_pdb_strand_id 
_struct_ref_seq_dif.seq_num 
_struct_ref_seq_dif.pdbx_pdb_ins_code 
_struct_ref_seq_dif.pdbx_seq_db_name 
_struct_ref_seq_dif.pdbx_seq_db_accession_code 
_struct_ref_seq_dif.db_mon_id 
_struct_ref_seq_dif.pdbx_seq_db_seq_num 
_struct_ref_seq_dif.details 
_struct_ref_seq_dif.pdbx_auth_seq_num 
_struct_ref_seq_dif.pdbx_ordinal 
1 1ZXK SER A 1 ? UNP P97291 GLY 62 'engineered mutation' 1 1 
2 1ZXK SER B 1 ? UNP P97291 GLY 62 'engineered mutation' 1 2 
# 
loop_
_chem_comp.id 
_chem_comp.type 
_chem_comp.mon_nstd_flag 
_chem_comp.name 
_chem_comp.pdbx_synonyms 
_chem_comp.formula 
_chem_comp.formula_weight 
ALA 'L-peptide linking' y ALANINE         ? 'C3 H7 N O2'     89.093  
ARG 'L-peptide linking' y ARGININE        ? 'C6 H15 N4 O2 1' 175.209 
ASN 'L-peptide linking' y ASPARAGINE      ? 'C4 H8 N2 O3'    132.118 
ASP 'L-peptide linking' y 'ASPARTIC ACID' ? 'C4 H7 N O4'     133.103 
GLN 'L-peptide linking' y GLUTAMINE       ? 'C5 H10 N2 O3'   146.144 
GLU 'L-peptide linking' y 'GLUTAMIC ACID' ? 'C5 H9 N O4'     147.129 
GLY 'peptide linking'   y GLYCINE         ? 'C2 H5 N O2'     75.067  
HIS 'L-peptide linking' y HISTIDINE       ? 'C6 H10 N3 O2 1' 156.162 
HOH non-polymer         . WATER           ? 'H2 O'           18.015  
ILE 'L-peptide linking' y ISOLEUCINE      ? 'C6 H13 N O2'    131.173 
LEU 'L-peptide linking' y LEUCINE         ? 'C6 H13 N O2'    131.173 
LYS 'L-peptide linking' y LYSINE          ? 'C6 H15 N2 O2 1' 147.195 
MET 'L-peptide linking' y METHIONINE      ? 'C5 H11 N O2 S'  149.211 
PHE 'L-peptide linking' y PHENYLALANINE   ? 'C9 H11 N O2'    165.189 
PRO 'L-peptide linking' y PROLINE         ? 'C5 H9 N O2'     115.130 
SER 'L-peptide linking' y SERINE          ? 'C3 H7 N O3'     105.093 
THR 'L-peptide linking' y THREONINE       ? 'C4 H9 N O3'     119.119 
TRP 'L-peptide linking' y TRYPTOPHAN      ? 'C11 H12 N2 O2'  204.225 
TYR 'L-peptide linking' y TYROSINE        ? 'C9 H11 N O3'    181.189 
VAL 'L-peptide linking' y VALINE          ? 'C5 H11 N O2'    117.146 
# 
_exptl.entry_id          1ZXK 
_exptl.method            'X-RAY DIFFRACTION' 
_exptl.crystals_number   1 
# 
_exptl_crystal.id                    1 
_exptl_crystal.density_meas          ? 
_exptl_crystal.density_Matthews      2.69 
_exptl_crystal.density_percent_sol   53.84 
_exptl_crystal.description           ? 
_exptl_crystal.F_000                 ? 
_exptl_crystal.preparation           ? 
# 
_exptl_crystal_grow.crystal_id      1 
_exptl_crystal_grow.method          'VAPOR DIFFUSION, HANGING DROP' 
_exptl_crystal_grow.temp            277 
_exptl_crystal_grow.temp_details    ? 
_exptl_crystal_grow.pH              7 
_exptl_crystal_grow.pdbx_details    '22% PEG 4000, 0.1M HEPES pH7, 0.1M NaAcetate, VAPOR DIFFUSION, HANGING DROP, temperature 277K' 
_exptl_crystal_grow.pdbx_pH_range   . 
# 
_diffrn.id                     1 
_diffrn.ambient_temp           110 
_diffrn.ambient_temp_details   ? 
_diffrn.crystal_id             1 
# 
_diffrn_detector.diffrn_id              1 
_diffrn_detector.detector               CCD 
_diffrn_detector.type                   MARRESEARCH 
_diffrn_detector.pdbx_collection_date   2003-12-18 
_diffrn_detector.details                mirrors 
# 
_diffrn_radiation.diffrn_id                        1 
_diffrn_radiation.wavelength_id                    1 
_diffrn_radiation.pdbx_monochromatic_or_laue_m_l   M 
_diffrn_radiation.monochromator                    diamond 
_diffrn_radiation.pdbx_diffrn_protocol             'SINGLE WAVELENGTH' 
_diffrn_radiation.pdbx_scattering_type             x-ray 
# 
_diffrn_radiation_wavelength.id           1 
_diffrn_radiation_wavelength.wavelength   0.9792 
_diffrn_radiation_wavelength.wt           1.0 
# 
_diffrn_source.diffrn_id                   1 
_diffrn_source.source                      SYNCHROTRON 
_diffrn_source.type                        'APS BEAMLINE 31-ID' 
_diffrn_source.pdbx_synchrotron_site       APS 
_diffrn_source.pdbx_synchrotron_beamline   31-ID 
_diffrn_source.pdbx_wavelength             ? 
_diffrn_source.pdbx_wavelength_list        0.9792 
# 
_reflns.entry_id                     1ZXK 
_reflns.observed_criterion_sigma_F   0 
_reflns.observed_criterion_sigma_I   -3 
_reflns.d_resolution_high            1.99 
_reflns.d_resolution_low             30 
_reflns.number_all                   15376 
_reflns.number_obs                   15229 
_reflns.percent_possible_obs         99 
_reflns.pdbx_Rmerge_I_obs            0.078 
_reflns.pdbx_Rsym_value              ? 
_reflns.pdbx_netI_over_sigmaI        10.4 
_reflns.B_iso_Wilson_estimate        ? 
_reflns.pdbx_redundancy              2.8 
_reflns.R_free_details               ? 
_reflns.limit_h_max                  ? 
_reflns.limit_h_min                  ? 
_reflns.limit_k_max                  ? 
_reflns.limit_k_min                  ? 
_reflns.limit_l_max                  ? 
_reflns.limit_l_min                  ? 
_reflns.observed_criterion_F_max     ? 
_reflns.observed_criterion_F_min     ? 
_reflns.pdbx_chi_squared             ? 
_reflns.pdbx_scaling_rejects         ? 
_reflns.pdbx_ordinal                 1 
_reflns.pdbx_diffrn_id               1 
# 
_reflns_shell.d_res_high             1.99 
_reflns_shell.d_res_low              2.06 
_reflns_shell.percent_possible_all   97.3 
_reflns_shell.Rmerge_I_obs           0.201 
_reflns_shell.pdbx_Rsym_value        ? 
_reflns_shell.meanI_over_sigI_obs    3.9 
_reflns_shell.pdbx_redundancy        2.7 
_reflns_shell.percent_possible_obs   ? 
_reflns_shell.number_unique_all      1469 
_reflns_shell.number_measured_all    ? 
_reflns_shell.number_measured_obs    ? 
_reflns_shell.number_unique_obs      ? 
_reflns_shell.pdbx_chi_squared       ? 
_reflns_shell.pdbx_ordinal           1 
_reflns_shell.pdbx_diffrn_id         1 
# 
_refine.entry_id                                 1ZXK 
_refine.ls_number_reflns_obs                     14686 
_refine.ls_number_reflns_all                     14686 
_refine.pdbx_ls_sigma_I                          ? 
_refine.pdbx_ls_sigma_F                          0 
_refine.pdbx_data_cutoff_high_absF               ? 
_refine.pdbx_data_cutoff_low_absF                ? 
_refine.pdbx_data_cutoff_high_rms_absF           ? 
_refine.ls_d_res_low                             20.00 
_refine.ls_d_res_high                            2.00 
_refine.ls_percent_reflns_obs                    99.34 
_refine.ls_R_factor_obs                          0.25358 
_refine.ls_R_factor_all                          0.25358 
_refine.ls_R_factor_R_work                       0.25201 
_refine.ls_R_factor_R_free                       0.28336 
_refine.ls_R_factor_R_free_error                 ? 
_refine.ls_R_factor_R_free_error_details         ? 
_refine.ls_percent_reflns_R_free                 5.0 
_refine.ls_number_reflns_R_free                  776 
_refine.ls_number_parameters                     ? 
_refine.ls_number_restraints                     ? 
_refine.occupancy_min                            ? 
_refine.occupancy_max                            ? 
_refine.correlation_coeff_Fo_to_Fc               0.906 
_refine.correlation_coeff_Fo_to_Fc_free          0.873 
_refine.B_iso_mean                               10.412 
_refine.aniso_B[1][1]                            1.68 
_refine.aniso_B[2][2]                            -2.90 
_refine.aniso_B[3][3]                            2.38 
_refine.aniso_B[1][2]                            0.00 
_refine.aniso_B[1][3]                            1.65 
_refine.aniso_B[2][3]                            0.00 
_refine.solvent_model_details                    MASK 
_refine.solvent_model_param_ksol                 ? 
_refine.solvent_model_param_bsol                 ? 
_refine.pdbx_solvent_vdw_probe_radii             1.20 
_refine.pdbx_solvent_ion_probe_radii             0.80 
_refine.pdbx_solvent_shrinkage_radii             0.80 
_refine.pdbx_ls_cross_valid_method               THROUGHOUT 
_refine.details                                  'HYDROGENS HAVE BEEN ADDED IN THE RIDING POSITIONS' 
_refine.pdbx_starting_model                      'PDB entry 1ZVN' 
_refine.pdbx_method_to_determine_struct          'MOLECULAR REPLACEMENT' 
_refine.pdbx_isotropic_thermal_model             ? 
_refine.pdbx_stereochemistry_target_values       'MAXIMUM LIKELIHOOD' 
_refine.pdbx_stereochem_target_val_spec_case     ? 
_refine.pdbx_R_Free_selection_details            RANDOM 
_refine.pdbx_overall_ESU_R                       0.237 
_refine.pdbx_overall_ESU_R_Free                  0.196 
_refine.overall_SU_ML                            0.169 
_refine.overall_SU_B                             11.518 
_refine.ls_redundancy_reflns_obs                 ? 
_refine.B_iso_min                                ? 
_refine.B_iso_max                                ? 
_refine.overall_SU_R_Cruickshank_DPI             ? 
_refine.overall_SU_R_free                        ? 
_refine.ls_wR_factor_R_free                      ? 
_refine.ls_wR_factor_R_work                      ? 
_refine.overall_FOM_free_R_set                   ? 
_refine.overall_FOM_work_R_set                   ? 
_refine.pdbx_refine_id                           'X-RAY DIFFRACTION' 
_refine.pdbx_TLS_residual_ADP_flag               'LIKELY RESIDUAL' 
_refine.pdbx_diffrn_id                           1 
_refine.pdbx_overall_phase_error                 ? 
_refine.pdbx_overall_SU_R_free_Cruickshank_DPI   ? 
_refine.pdbx_overall_SU_R_Blow_DPI               ? 
_refine.pdbx_overall_SU_R_free_Blow_DPI          ? 
# 
_refine_hist.pdbx_refine_id                   'X-RAY DIFFRACTION' 
_refine_hist.cycle_id                         LAST 
_refine_hist.pdbx_number_atoms_protein        1519 
_refine_hist.pdbx_number_atoms_nucleic_acid   0 
_refine_hist.pdbx_number_atoms_ligand         0 
_refine_hist.number_atoms_solvent             160 
_refine_hist.number_atoms_total               1679 
_refine_hist.d_res_high                       2.00 
_refine_hist.d_res_low                        20.00 
# 
loop_
_refine_ls_restr.type 
_refine_ls_restr.dev_ideal 
_refine_ls_restr.dev_ideal_target 
_refine_ls_restr.weight 
_refine_ls_restr.number 
_refine_ls_restr.pdbx_refine_id 
_refine_ls_restr.pdbx_restraint_function 
r_bond_refined_d             0.012  0.022  ? 1558 'X-RAY DIFFRACTION' ? 
r_bond_other_d               ?      ?      ? ?    'X-RAY DIFFRACTION' ? 
r_angle_refined_deg          1.439  1.961  ? 2112 'X-RAY DIFFRACTION' ? 
r_angle_other_deg            ?      ?      ? ?    'X-RAY DIFFRACTION' ? 
r_dihedral_angle_1_deg       6.373  5.000  ? 186  'X-RAY DIFFRACTION' ? 
r_dihedral_angle_2_deg       33.254 25.325 ? 77   'X-RAY DIFFRACTION' ? 
r_dihedral_angle_3_deg       15.239 15.000 ? 269  'X-RAY DIFFRACTION' ? 
r_dihedral_angle_4_deg       19.749 15.000 ? 7    'X-RAY DIFFRACTION' ? 
r_chiral_restr               0.088  0.200  ? 235  'X-RAY DIFFRACTION' ? 
r_gen_planes_refined         0.004  0.020  ? 1181 'X-RAY DIFFRACTION' ? 
r_gen_planes_other           ?      ?      ? ?    'X-RAY DIFFRACTION' ? 
r_nbd_refined                0.235  0.200  ? 670  'X-RAY DIFFRACTION' ? 
r_nbd_other                  ?      ?      ? ?    'X-RAY DIFFRACTION' ? 
r_nbtor_refined              0.311  0.200  ? 1004 'X-RAY DIFFRACTION' ? 
r_nbtor_other                ?      ?      ? ?    'X-RAY DIFFRACTION' ? 
r_xyhbond_nbd_refined        0.151  0.200  ? 133  'X-RAY DIFFRACTION' ? 
r_xyhbond_nbd_other          ?      ?      ? ?    'X-RAY DIFFRACTION' ? 
r_metal_ion_refined          ?      ?      ? ?    'X-RAY DIFFRACTION' ? 
r_metal_ion_other            ?      ?      ? ?    'X-RAY DIFFRACTION' ? 
r_symmetry_vdw_refined       0.200  0.200  ? 36   'X-RAY DIFFRACTION' ? 
r_symmetry_vdw_other         ?      ?      ? ?    'X-RAY DIFFRACTION' ? 
r_symmetry_hbond_refined     0.156  0.200  ? 9    'X-RAY DIFFRACTION' ? 
r_symmetry_hbond_other       ?      ?      ? ?    'X-RAY DIFFRACTION' ? 
r_symmetry_metal_ion_refined ?      ?      ? ?    'X-RAY DIFFRACTION' ? 
r_symmetry_metal_ion_other   ?      ?      ? ?    'X-RAY DIFFRACTION' ? 
r_mcbond_it                  0.750  1.500  ? 977  'X-RAY DIFFRACTION' ? 
r_mcbond_other               ?      ?      ? ?    'X-RAY DIFFRACTION' ? 
r_mcangle_it                 1.043  2.000  ? 1534 'X-RAY DIFFRACTION' ? 
r_scbond_it                  1.589  3.000  ? 668  'X-RAY DIFFRACTION' ? 
r_scangle_it                 2.518  4.500  ? 578  'X-RAY DIFFRACTION' ? 
r_rigid_bond_restr           ?      ?      ? ?    'X-RAY DIFFRACTION' ? 
r_sphericity_free            ?      ?      ? ?    'X-RAY DIFFRACTION' ? 
r_sphericity_bonded          ?      ?      ? ?    'X-RAY DIFFRACTION' ? 
# 
_refine_ls_shell.pdbx_total_number_of_bins_used   20 
_refine_ls_shell.d_res_high                       2.000 
_refine_ls_shell.d_res_low                        2.052 
_refine_ls_shell.number_reflns_R_work             993 
_refine_ls_shell.R_factor_R_work                  0.293 
_refine_ls_shell.percent_reflns_obs               93.31 
_refine_ls_shell.R_factor_R_free                  0.283 
_refine_ls_shell.R_factor_R_free_error            ? 
_refine_ls_shell.percent_reflns_R_free            ? 
_refine_ls_shell.number_reflns_R_free             53 
_refine_ls_shell.number_reflns_obs                ? 
_refine_ls_shell.redundancy_reflns_obs            ? 
_refine_ls_shell.number_reflns_all                ? 
_refine_ls_shell.R_factor_all                     ? 
_refine_ls_shell.pdbx_refine_id                   'X-RAY DIFFRACTION' 
# 
_struct.entry_id                  1ZXK 
_struct.title                     'Crystal Structure of Cadherin8 EC1 domain' 
_struct.pdbx_model_details        ? 
_struct.pdbx_CASP_flag            ? 
_struct.pdbx_model_type_details   ? 
# 
_struct_keywords.entry_id        1ZXK 
_struct_keywords.pdbx_keywords   'CELL ADHESION' 
_struct_keywords.text            'cadherin, strand dimer, cell adhesion' 
# 
loop_
_struct_asym.id 
_struct_asym.pdbx_blank_PDB_chainid_flag 
_struct_asym.pdbx_modified 
_struct_asym.entity_id 
_struct_asym.details 
A N N 1 ? 
B N N 1 ? 
C N N 2 ? 
D N N 2 ? 
# 
_struct_biol.id   1 
# 
loop_
_struct_conf.conf_type_id 
_struct_conf.id 
_struct_conf.pdbx_PDB_helix_id 
_struct_conf.beg_label_comp_id 
_struct_conf.beg_label_asym_id 
_struct_conf.beg_label_seq_id 
_struct_conf.pdbx_beg_PDB_ins_code 
_struct_conf.end_label_comp_id 
_struct_conf.end_label_asym_id 
_struct_conf.end_label_seq_id 
_struct_conf.pdbx_end_PDB_ins_code 
_struct_conf.beg_auth_comp_id 
_struct_conf.beg_auth_asym_id 
_struct_conf.beg_auth_seq_id 
_struct_conf.end_auth_comp_id 
_struct_conf.end_auth_asym_id 
_struct_conf.end_auth_seq_id 
_struct_conf.pdbx_PDB_helix_class 
_struct_conf.details 
_struct_conf.pdbx_PDB_helix_length 
HELX_P HELX_P1 1 LEU A 10 ? SER A 14 ? LEU A 10 SER A 14 5 ? 5 
HELX_P HELX_P2 2 LEU B 10 ? SER B 14 ? LEU B 10 SER B 14 5 ? 5 
# 
_struct_conf_type.id          HELX_P 
_struct_conf_type.criteria    ? 
_struct_conf_type.reference   ? 
# 
loop_
_struct_sheet.id 
_struct_sheet.type 
_struct_sheet.number_strands 
_struct_sheet.details 
A ? 4 ? 
B ? 3 ? 
C ? 4 ? 
D ? 3 ? 
# 
loop_
_struct_sheet_order.sheet_id 
_struct_sheet_order.range_id_1 
_struct_sheet_order.range_id_2 
_struct_sheet_order.offset 
_struct_sheet_order.sense 
A 1 2 ? parallel      
A 2 3 ? anti-parallel 
A 3 4 ? anti-parallel 
B 1 2 ? anti-parallel 
B 2 3 ? anti-parallel 
C 1 2 ? parallel      
C 2 3 ? anti-parallel 
C 3 4 ? anti-parallel 
D 1 2 ? anti-parallel 
D 2 3 ? anti-parallel 
# 
loop_
_struct_sheet_range.sheet_id 
_struct_sheet_range.id 
_struct_sheet_range.beg_label_comp_id 
_struct_sheet_range.beg_label_asym_id 
_struct_sheet_range.beg_label_seq_id 
_struct_sheet_range.pdbx_beg_PDB_ins_code 
_struct_sheet_range.end_label_comp_id 
_struct_sheet_range.end_label_asym_id 
_struct_sheet_range.end_label_seq_id 
_struct_sheet_range.pdbx_end_PDB_ins_code 
_struct_sheet_range.beg_auth_comp_id 
_struct_sheet_range.beg_auth_asym_id 
_struct_sheet_range.beg_auth_seq_id 
_struct_sheet_range.end_auth_comp_id 
_struct_sheet_range.end_auth_asym_id 
_struct_sheet_range.end_auth_seq_id 
A 1 GLN A 6  ? VAL A 9  ? GLN A 6  VAL A 9  
A 2 SER A 90 ? VAL A 96 ? SER A 90 VAL A 96 
A 3 GLU A 70 ? ASP A 79 ? GLU A 70 ASP A 79 
A 4 ILE A 35 ? GLY A 41 ? ILE A 35 GLY A 41 
B 1 ILE A 19 ? ARG A 23 ? ILE A 19 ARG A 23 
B 2 ASP A 56 ? ALA A 59 ? ASP A 56 ALA A 59 
B 3 PHE A 48 ? ILE A 50 ? PHE A 48 ILE A 50 
C 1 GLN B 6  ? VAL B 9  ? GLN B 6  VAL B 9  
C 2 SER B 90 ? VAL B 96 ? SER B 90 VAL B 96 
C 3 GLU B 70 ? ASP B 79 ? GLU B 70 ASP B 79 
C 4 ILE B 35 ? GLY B 41 ? ILE B 35 GLY B 41 
D 1 ILE B 19 ? ARG B 23 ? ILE B 19 ARG B 23 
D 2 ASP B 56 ? ALA B 59 ? ASP B 56 ALA B 59 
D 3 PHE B 48 ? ILE B 50 ? PHE B 48 ILE B 50 
# 
loop_
_pdbx_struct_sheet_hbond.sheet_id 
_pdbx_struct_sheet_hbond.range_id_1 
_pdbx_struct_sheet_hbond.range_id_2 
_pdbx_struct_sheet_hbond.range_1_label_atom_id 
_pdbx_struct_sheet_hbond.range_1_label_comp_id 
_pdbx_struct_sheet_hbond.range_1_label_asym_id 
_pdbx_struct_sheet_hbond.range_1_label_seq_id 
_pdbx_struct_sheet_hbond.range_1_PDB_ins_code 
_pdbx_struct_sheet_hbond.range_1_auth_atom_id 
_pdbx_struct_sheet_hbond.range_1_auth_comp_id 
_pdbx_struct_sheet_hbond.range_1_auth_asym_id 
_pdbx_struct_sheet_hbond.range_1_auth_seq_id 
_pdbx_struct_sheet_hbond.range_2_label_atom_id 
_pdbx_struct_sheet_hbond.range_2_label_comp_id 
_pdbx_struct_sheet_hbond.range_2_label_asym_id 
_pdbx_struct_sheet_hbond.range_2_label_seq_id 
_pdbx_struct_sheet_hbond.range_2_PDB_ins_code 
_pdbx_struct_sheet_hbond.range_2_auth_atom_id 
_pdbx_struct_sheet_hbond.range_2_auth_comp_id 
_pdbx_struct_sheet_hbond.range_2_auth_asym_id 
_pdbx_struct_sheet_hbond.range_2_auth_seq_id 
A 1 2 N MET A 7  ? N MET A 7  O LYS A 95 ? O LYS A 95 
A 2 3 O SER A 90 ? O SER A 90 N ALA A 75 ? N ALA A 75 
A 3 4 O VAL A 78 ? O VAL A 78 N LYS A 36 ? N LYS A 36 
B 1 2 N VAL A 21 ? N VAL A 21 O ILE A 57 ? O ILE A 57 
B 2 3 O HIS A 58 ? O HIS A 58 N GLN A 49 ? N GLN A 49 
C 1 2 N MET B 7  ? N MET B 7  O LYS B 95 ? O LYS B 95 
C 2 3 O SER B 90 ? O SER B 90 N ALA B 75 ? N ALA B 75 
C 3 4 O VAL B 78 ? O VAL B 78 N LYS B 36 ? N LYS B 36 
D 1 2 N VAL B 21 ? N VAL B 21 O ILE B 57 ? O ILE B 57 
D 2 3 O HIS B 58 ? O HIS B 58 N GLN B 49 ? N GLN B 49 
# 
_atom_sites.entry_id                    1ZXK 
_atom_sites.fract_transf_matrix[1][1]   0.01904928 
_atom_sites.fract_transf_matrix[1][2]   0.00587956 
_atom_sites.fract_transf_matrix[1][3]   -0.01174366 
_atom_sites.fract_transf_matrix[2][1]   0.01138910 
_atom_sites.fract_transf_matrix[2][2]   -0.02079192 
_atom_sites.fract_transf_matrix[2][3]   0.00806451 
_atom_sites.fract_transf_matrix[3][1]   -0.00043386 
_atom_sites.fract_transf_matrix[3][2]   -0.00602163 
_atom_sites.fract_transf_matrix[3][3]   -0.01491226 
_atom_sites.fract_transf_vector[1]      0.164432 
_atom_sites.fract_transf_vector[2]      0.184550 
_atom_sites.fract_transf_vector[3]      0.280822 
# 
loop_
_atom_type.symbol 
C 
N 
O 
S 
# 
loop_
_atom_site.group_PDB 
_atom_site.id 
_atom_site.type_symbol 
_atom_site.label_atom_id 
_atom_site.label_alt_id 
_atom_site.label_comp_id 
_atom_site.label_asym_id 
_atom_site.label_entity_id 
_atom_site.label_seq_id 
_atom_site.pdbx_PDB_ins_code 
_atom_site.Cartn_x 
_atom_site.Cartn_y 
_atom_site.Cartn_z 
_atom_site.occupancy 
_atom_site.B_iso_or_equiv 
_atom_site.pdbx_formal_charge 
_atom_site.auth_seq_id 
_atom_site.auth_comp_id 
_atom_site.auth_asym_id 
_atom_site.auth_atom_id 
_atom_site.pdbx_PDB_model_num 
ATOM   1    N N   . SER A 1 1  ? -13.411 -8.613  5.574   1.00 10.39  ? 1   SER A N   1 
ATOM   2    C CA  . SER A 1 1  ? -13.539 -7.178  5.945   1.00 9.32   ? 1   SER A CA  1 
ATOM   3    C C   . SER A 1 1  ? -12.187 -6.523  6.219   1.00 8.44   ? 1   SER A C   1 
ATOM   4    O O   . SER A 1 1  ? -12.122 -5.442  6.795   1.00 7.99   ? 1   SER A O   1 
ATOM   5    C CB  . SER A 1 1  ? -14.502 -7.018  7.116   1.00 9.08   ? 1   SER A CB  1 
ATOM   6    O OG  . SER A 1 1  ? -15.750 -7.617  6.790   1.00 13.12  ? 1   SER A OG  1 
ATOM   7    N N   . TRP A 1 2  ? -11.113 -7.174  5.778   1.00 7.89   ? 2   TRP A N   1 
ATOM   8    C CA  . TRP A 1 2  ? -9.821  -6.500  5.679   1.00 7.27   ? 2   TRP A CA  1 
ATOM   9    C C   . TRP A 1 2  ? -9.956  -5.323  4.721   1.00 7.67   ? 2   TRP A C   1 
ATOM   10   O O   . TRP A 1 2  ? -10.607 -5.428  3.677   1.00 7.95   ? 2   TRP A O   1 
ATOM   11   C CB  . TRP A 1 2  ? -8.730  -7.448  5.188   1.00 7.07   ? 2   TRP A CB  1 
ATOM   12   C CG  . TRP A 1 2  ? -8.390  -8.501  6.168   1.00 5.92   ? 2   TRP A CG  1 
ATOM   13   C CD1 . TRP A 1 2  ? -8.697  -9.825  6.086   1.00 5.33   ? 2   TRP A CD1 1 
ATOM   14   C CD2 . TRP A 1 2  ? -7.662  -8.327  7.383   1.00 5.87   ? 2   TRP A CD2 1 
ATOM   15   N NE1 . TRP A 1 2  ? -8.214  -10.491 7.187   1.00 6.47   ? 2   TRP A NE1 1 
ATOM   16   C CE2 . TRP A 1 2  ? -7.579  -9.591  8.004   1.00 6.00   ? 2   TRP A CE2 1 
ATOM   17   C CE3 . TRP A 1 2  ? -7.070  -7.219  8.017   1.00 5.00   ? 2   TRP A CE3 1 
ATOM   18   C CZ2 . TRP A 1 2  ? -6.926  -9.782  9.230   1.00 5.29   ? 2   TRP A CZ2 1 
ATOM   19   C CZ3 . TRP A 1 2  ? -6.430  -7.410  9.234   1.00 3.66   ? 2   TRP A CZ3 1 
ATOM   20   C CH2 . TRP A 1 2  ? -6.351  -8.678  9.818   1.00 4.01   ? 2   TRP A CH2 1 
ATOM   21   N N   . VAL A 1 3  ? -9.371  -4.196  5.106   1.00 7.63   ? 3   VAL A N   1 
ATOM   22   C CA  . VAL A 1 3  ? -9.338  -3.006  4.273   1.00 7.57   ? 3   VAL A CA  1 
ATOM   23   C C   . VAL A 1 3  ? -7.928  -2.871  3.727   1.00 7.51   ? 3   VAL A C   1 
ATOM   24   O O   . VAL A 1 3  ? -6.985  -2.713  4.497   1.00 8.14   ? 3   VAL A O   1 
ATOM   25   C CB  . VAL A 1 3  ? -9.729  -1.739  5.078   1.00 7.54   ? 3   VAL A CB  1 
ATOM   26   C CG1 . VAL A 1 3  ? -9.633  -0.478  4.197   1.00 7.64   ? 3   VAL A CG1 1 
ATOM   27   C CG2 . VAL A 1 3  ? -11.127 -1.889  5.636   1.00 7.14   ? 3   VAL A CG2 1 
ATOM   28   N N   . TRP A 1 4  ? -7.785  -2.934  2.402   1.00 7.19   ? 4   TRP A N   1 
ATOM   29   C CA  . TRP A 1 4  ? -6.458  -2.914  1.770   1.00 6.91   ? 4   TRP A CA  1 
ATOM   30   C C   . TRP A 1 4  ? -6.172  -1.692  0.887   1.00 7.15   ? 4   TRP A C   1 
ATOM   31   O O   . TRP A 1 4  ? -5.016  -1.445  0.528   1.00 6.94   ? 4   TRP A O   1 
ATOM   32   C CB  . TRP A 1 4  ? -6.228  -4.180  0.942   1.00 6.88   ? 4   TRP A CB  1 
ATOM   33   C CG  . TRP A 1 4  ? -6.258  -5.487  1.698   1.00 6.17   ? 4   TRP A CG  1 
ATOM   34   C CD1 . TRP A 1 4  ? -7.205  -6.467  1.600   1.00 6.13   ? 4   TRP A CD1 1 
ATOM   35   C CD2 . TRP A 1 4  ? -5.284  -5.962  2.632   1.00 5.30   ? 4   TRP A CD2 1 
ATOM   36   N NE1 . TRP A 1 4  ? -6.883  -7.521  2.418   1.00 4.73   ? 4   TRP A NE1 1 
ATOM   37   C CE2 . TRP A 1 4  ? -5.707  -7.235  3.062   1.00 4.94   ? 4   TRP A CE2 1 
ATOM   38   C CE3 . TRP A 1 4  ? -4.093  -5.433  3.150   1.00 4.60   ? 4   TRP A CE3 1 
ATOM   39   C CZ2 . TRP A 1 4  ? -4.983  -7.990  3.989   1.00 4.53   ? 4   TRP A CZ2 1 
ATOM   40   C CZ3 . TRP A 1 4  ? -3.369  -6.189  4.056   1.00 4.03   ? 4   TRP A CZ3 1 
ATOM   41   C CH2 . TRP A 1 4  ? -3.821  -7.449  4.471   1.00 4.73   ? 4   TRP A CH2 1 
ATOM   42   N N   . ASN A 1 5  ? -7.219  -0.940  0.539   1.00 7.44   ? 5   ASN A N   1 
ATOM   43   C CA  . ASN A 1 5  ? -7.144  0.137   -0.461  1.00 8.31   ? 5   ASN A CA  1 
ATOM   44   C C   . ASN A 1 5  ? -6.685  1.482   0.112   1.00 9.20   ? 5   ASN A C   1 
ATOM   45   O O   . ASN A 1 5  ? -7.351  2.505   -0.061  1.00 9.38   ? 5   ASN A O   1 
ATOM   46   C CB  . ASN A 1 5  ? -8.491  0.284   -1.203  1.00 7.74   ? 5   ASN A CB  1 
ATOM   47   C CG  . ASN A 1 5  ? -9.623  0.751   -0.289  1.00 8.27   ? 5   ASN A CG  1 
ATOM   48   O OD1 . ASN A 1 5  ? -9.735  0.317   0.852   1.00 7.91   ? 5   ASN A OD1 1 
ATOM   49   N ND2 . ASN A 1 5  ? -10.463 1.635   -0.793  1.00 9.12   ? 5   ASN A ND2 1 
ATOM   50   N N   . GLN A 1 6  ? -5.545  1.462   0.809   1.00 9.86   ? 6   GLN A N   1 
ATOM   51   C CA  . GLN A 1 6  ? -4.872  2.678   1.287   1.00 9.72   ? 6   GLN A CA  1 
ATOM   52   C C   . GLN A 1 6  ? -3.380  2.535   1.007   1.00 9.29   ? 6   GLN A C   1 
ATOM   53   O O   . GLN A 1 6  ? -2.855  1.412   0.925   1.00 10.24  ? 6   GLN A O   1 
ATOM   54   C CB  . GLN A 1 6  ? -5.138  2.970   2.782   1.00 9.86   ? 6   GLN A CB  1 
ATOM   55   C CG  . GLN A 1 6  ? -4.729  1.876   3.779   1.00 11.16  ? 6   GLN A CG  1 
ATOM   56   C CD  . GLN A 1 6  ? -5.262  2.121   5.210   1.00 14.06  ? 6   GLN A CD  1 
ATOM   57   O OE1 . GLN A 1 6  ? -5.759  3.205   5.530   1.00 16.34  ? 6   GLN A OE1 1 
ATOM   58   N NE2 . GLN A 1 6  ? -5.152  1.107   6.074   1.00 13.54  ? 6   GLN A NE2 1 
ATOM   59   N N   . MET A 1 7  ? -2.718  3.663   0.802   1.00 8.71   ? 7   MET A N   1 
ATOM   60   C CA  . MET A 1 7  ? -1.279  3.692   0.582   1.00 8.98   ? 7   MET A CA  1 
ATOM   61   C C   . MET A 1 7  ? -0.701  4.763   1.479   1.00 9.39   ? 7   MET A C   1 
ATOM   62   O O   . MET A 1 7  ? -1.360  5.769   1.780   1.00 9.63   ? 7   MET A O   1 
ATOM   63   C CB  . MET A 1 7  ? -0.927  4.011   -0.880  1.00 9.05   ? 7   MET A CB  1 
ATOM   64   C CG  . MET A 1 7  ? -1.394  3.010   -1.902  1.00 9.05   ? 7   MET A CG  1 
ATOM   65   S SD  . MET A 1 7  ? -1.174  3.599   -3.576  1.00 9.07   ? 7   MET A SD  1 
ATOM   66   C CE  . MET A 1 7  ? -2.316  2.507   -4.428  1.00 8.87   ? 7   MET A CE  1 
ATOM   67   N N   . PHE A 1 8  ? 0.524   4.550   1.932   1.00 9.10   ? 8   PHE A N   1 
ATOM   68   C CA  . PHE A 1 8  ? 1.157   5.537   2.769   1.00 9.14   ? 8   PHE A CA  1 
ATOM   69   C C   . PHE A 1 8  ? 2.390   6.110   2.072   1.00 9.27   ? 8   PHE A C   1 
ATOM   70   O O   . PHE A 1 8  ? 3.154   5.373   1.444   1.00 8.18   ? 8   PHE A O   1 
ATOM   71   C CB  . PHE A 1 8  ? 1.517   4.938   4.137   1.00 8.98   ? 8   PHE A CB  1 
ATOM   72   C CG  . PHE A 1 8  ? 0.301   4.525   4.962   1.00 9.16   ? 8   PHE A CG  1 
ATOM   73   C CD1 . PHE A 1 8  ? -0.253  3.257   4.817   1.00 9.80   ? 8   PHE A CD1 1 
ATOM   74   C CD2 . PHE A 1 8  ? -0.283  5.408   5.853   1.00 8.56   ? 8   PHE A CD2 1 
ATOM   75   C CE1 . PHE A 1 8  ? -1.352  2.859   5.550   1.00 10.10  ? 8   PHE A CE1 1 
ATOM   76   C CE2 . PHE A 1 8  ? -1.407  5.013   6.624   1.00 10.33  ? 8   PHE A CE2 1 
ATOM   77   C CZ  . PHE A 1 8  ? -1.945  3.741   6.458   1.00 8.87   ? 8   PHE A CZ  1 
ATOM   78   N N   . VAL A 1 9  ? 2.589   7.420   2.226   1.00 9.68   ? 9   VAL A N   1 
ATOM   79   C CA  . VAL A 1 9  ? 3.785   8.101   1.720   1.00 10.43  ? 9   VAL A CA  1 
ATOM   80   C C   . VAL A 1 9  ? 4.482   8.800   2.868   1.00 10.44  ? 9   VAL A C   1 
ATOM   81   O O   . VAL A 1 9  ? 3.874   9.565   3.596   1.00 9.82   ? 9   VAL A O   1 
ATOM   82   C CB  . VAL A 1 9  ? 3.474   9.239   0.712   1.00 9.92   ? 9   VAL A CB  1 
ATOM   83   C CG1 . VAL A 1 9  ? 4.707   9.536   -0.153  1.00 10.75  ? 9   VAL A CG1 1 
ATOM   84   C CG2 . VAL A 1 9  ? 2.319   8.911   -0.145  1.00 11.18  ? 9   VAL A CG2 1 
ATOM   85   N N   . LEU A 1 10 ? 5.786   8.597   2.952   1.00 11.12  ? 10  LEU A N   1 
ATOM   86   C CA  . LEU A 1 10 ? 6.600   9.268   3.927   1.00 11.81  ? 10  LEU A CA  1 
ATOM   87   C C   . LEU A 1 10 ? 6.950   10.685  3.451   1.00 11.69  ? 10  LEU A C   1 
ATOM   88   O O   . LEU A 1 10 ? 7.667   10.840  2.471   1.00 10.87  ? 10  LEU A O   1 
ATOM   89   C CB  . LEU A 1 10 ? 7.842   8.411   4.217   1.00 12.36  ? 10  LEU A CB  1 
ATOM   90   C CG  . LEU A 1 10 ? 7.526   6.945   4.585   1.00 13.06  ? 10  LEU A CG  1 
ATOM   91   C CD1 . LEU A 1 10 ? 8.797   6.175   4.916   1.00 16.51  ? 10  LEU A CD1 1 
ATOM   92   C CD2 . LEU A 1 10 ? 6.537   6.845   5.759   1.00 12.44  ? 10  LEU A CD2 1 
ATOM   93   N N   . GLU A 1 11 ? 6.429   11.703  4.153   1.00 11.40  ? 11  GLU A N   1 
ATOM   94   C CA  . GLU A 1 11 ? 6.542   13.115  3.731   1.00 11.87  ? 11  GLU A CA  1 
ATOM   95   C C   . GLU A 1 11 ? 7.985   13.631  3.696   1.00 11.43  ? 11  GLU A C   1 
ATOM   96   O O   . GLU A 1 11 ? 8.345   14.412  2.804   1.00 11.64  ? 11  GLU A O   1 
ATOM   97   C CB  . GLU A 1 11 ? 5.624   14.046  4.560   1.00 11.32  ? 11  GLU A CB  1 
ATOM   98   C CG  . GLU A 1 11 ? 6.303   14.999  5.564   1.00 11.81  ? 11  GLU A CG  1 
ATOM   99   C CD  . GLU A 1 11 ? 5.315   15.684  6.512   1.00 11.81  ? 11  GLU A CD  1 
ATOM   100  O OE1 . GLU A 1 11 ? 4.117   15.803  6.184   1.00 12.27  ? 11  GLU A OE1 1 
ATOM   101  O OE2 . GLU A 1 11 ? 5.730   16.099  7.608   1.00 13.53  ? 11  GLU A OE2 1 
ATOM   102  N N   . GLU A 1 12 ? 8.796   13.168  4.649   1.00 11.00  ? 12  GLU A N   1 
ATOM   103  C CA  . GLU A 1 12 ? 10.229  13.470  4.700   1.00 11.33  ? 12  GLU A CA  1 
ATOM   104  C C   . GLU A 1 12 ? 10.983  13.140  3.397   1.00 10.70  ? 12  GLU A C   1 
ATOM   105  O O   . GLU A 1 12 ? 11.894  13.879  3.000   1.00 10.45  ? 12  GLU A O   1 
ATOM   106  C CB  . GLU A 1 12 ? 10.892  12.754  5.881   1.00 11.43  ? 12  GLU A CB  1 
ATOM   107  C CG  . GLU A 1 12 ? 12.428  12.583  5.758   1.00 15.65  ? 12  GLU A CG  1 
ATOM   108  C CD  . GLU A 1 12 ? 13.250  13.896  5.776   1.00 19.44  ? 12  GLU A CD  1 
ATOM   109  O OE1 . GLU A 1 12 ? 12.681  15.009  5.643   1.00 21.68  ? 12  GLU A OE1 1 
ATOM   110  O OE2 . GLU A 1 12 ? 14.492  13.806  5.916   1.00 20.20  ? 12  GLU A OE2 1 
ATOM   111  N N   . PHE A 1 13 ? 10.606  12.047  2.739   1.00 9.56   ? 13  PHE A N   1 
ATOM   112  C CA  . PHE A 1 13 ? 11.347  11.591  1.569   1.00 9.44   ? 13  PHE A CA  1 
ATOM   113  C C   . PHE A 1 13 ? 10.759  12.124  0.258   1.00 8.96   ? 13  PHE A C   1 
ATOM   114  O O   . PHE A 1 13 ? 11.312  11.882  -0.811  1.00 9.41   ? 13  PHE A O   1 
ATOM   115  C CB  . PHE A 1 13 ? 11.519  10.055  1.581   1.00 9.43   ? 13  PHE A CB  1 
ATOM   116  C CG  . PHE A 1 13 ? 12.088  9.505   2.895   1.00 9.70   ? 13  PHE A CG  1 
ATOM   117  C CD1 . PHE A 1 13 ? 11.370  8.577   3.655   1.00 9.69   ? 13  PHE A CD1 1 
ATOM   118  C CD2 . PHE A 1 13 ? 13.334  9.926   3.367   1.00 8.34   ? 13  PHE A CD2 1 
ATOM   119  C CE1 . PHE A 1 13 ? 11.886  8.071   4.873   1.00 8.33   ? 13  PHE A CE1 1 
ATOM   120  C CE2 . PHE A 1 13 ? 13.859  9.433   4.583   1.00 9.63   ? 13  PHE A CE2 1 
ATOM   121  C CZ  . PHE A 1 13 ? 13.129  8.507   5.335   1.00 9.36   ? 13  PHE A CZ  1 
ATOM   122  N N   . SER A 1 14 ? 9.665   12.886  0.361   1.00 8.97   ? 14  SER A N   1 
ATOM   123  C CA  . SER A 1 14 ? 8.995   13.512  -0.801  1.00 8.51   ? 14  SER A CA  1 
ATOM   124  C C   . SER A 1 14 ? 9.661   14.817  -1.249  1.00 8.74   ? 14  SER A C   1 
ATOM   125  O O   . SER A 1 14 ? 10.324  15.497  -0.458  1.00 8.38   ? 14  SER A O   1 
ATOM   126  C CB  . SER A 1 14 ? 7.520   13.783  -0.499  1.00 8.58   ? 14  SER A CB  1 
ATOM   127  O OG  . SER A 1 14 ? 7.376   14.961  0.293   1.00 8.76   ? 14  SER A OG  1 
ATOM   128  N N   . GLY A 1 15 ? 9.452   15.175  -2.518  1.00 8.65   ? 15  GLY A N   1 
ATOM   129  C CA  . GLY A 1 15 ? 10.054  16.379  -3.107  1.00 8.21   ? 15  GLY A CA  1 
ATOM   130  C C   . GLY A 1 15 ? 9.967   16.302  -4.627  1.00 7.80   ? 15  GLY A C   1 
ATOM   131  O O   . GLY A 1 15 ? 9.176   15.526  -5.167  1.00 8.07   ? 15  GLY A O   1 
ATOM   132  N N   . PRO A 1 16 ? 10.766  17.102  -5.342  1.00 7.82   ? 16  PRO A N   1 
ATOM   133  C CA  . PRO A 1 16 ? 10.655  17.050  -6.803  1.00 7.99   ? 16  PRO A CA  1 
ATOM   134  C C   . PRO A 1 16 ? 11.126  15.714  -7.382  1.00 8.06   ? 16  PRO A C   1 
ATOM   135  O O   . PRO A 1 16 ? 10.740  15.354  -8.502  1.00 8.38   ? 16  PRO A O   1 
ATOM   136  C CB  . PRO A 1 16 ? 11.561  18.203  -7.262  1.00 8.15   ? 16  PRO A CB  1 
ATOM   137  C CG  . PRO A 1 16 ? 11.741  19.063  -6.035  1.00 7.71   ? 16  PRO A CG  1 
ATOM   138  C CD  . PRO A 1 16 ? 11.778  18.083  -4.915  1.00 8.14   ? 16  PRO A CD  1 
ATOM   139  N N   . GLU A 1 17 ? 11.955  14.992  -6.626  1.00 8.02   ? 17  GLU A N   1 
ATOM   140  C CA  . GLU A 1 17 ? 12.358  13.631  -7.010  1.00 8.46   ? 17  GLU A CA  1 
ATOM   141  C C   . GLU A 1 17 ? 11.219  12.651  -6.749  1.00 7.43   ? 17  GLU A C   1 
ATOM   142  O O   . GLU A 1 17 ? 10.810  12.477  -5.584  1.00 6.89   ? 17  GLU A O   1 
ATOM   143  C CB  . GLU A 1 17 ? 13.638  13.184  -6.282  1.00 8.96   ? 17  GLU A CB  1 
ATOM   144  C CG  . GLU A 1 17 ? 14.014  14.000  -5.033  1.00 12.14  ? 17  GLU A CG  1 
ATOM   145  C CD  . GLU A 1 17 ? 14.924  15.186  -5.361  1.00 16.55  ? 17  GLU A CD  1 
ATOM   146  O OE1 . GLU A 1 17 ? 15.040  15.529  -6.565  1.00 18.19  ? 17  GLU A OE1 1 
ATOM   147  O OE2 . GLU A 1 17 ? 15.517  15.776  -4.422  1.00 17.42  ? 17  GLU A OE2 1 
ATOM   148  N N   . PRO A 1 18 ? 10.687  12.024  -7.826  1.00 6.63   ? 18  PRO A N   1 
ATOM   149  C CA  . PRO A 1 18 ? 9.554   11.116  -7.679  1.00 6.41   ? 18  PRO A CA  1 
ATOM   150  C C   . PRO A 1 18 ? 9.865   9.925   -6.784  1.00 6.34   ? 18  PRO A C   1 
ATOM   151  O O   . PRO A 1 18 ? 10.959  9.343   -6.850  1.00 5.76   ? 18  PRO A O   1 
ATOM   152  C CB  . PRO A 1 18 ? 9.268   10.660  -9.117  1.00 6.36   ? 18  PRO A CB  1 
ATOM   153  C CG  . PRO A 1 18 ? 9.861   11.741  -9.955  1.00 6.56   ? 18  PRO A CG  1 
ATOM   154  C CD  . PRO A 1 18 ? 11.094  12.127  -9.245  1.00 6.66   ? 18  PRO A CD  1 
ATOM   155  N N   . ILE A 1 19 ? 8.892   9.616   -5.939  1.00 5.82   ? 19  ILE A N   1 
ATOM   156  C CA  . ILE A 1 19 ? 8.991   8.592   -4.923  1.00 6.37   ? 19  ILE A CA  1 
ATOM   157  C C   . ILE A 1 19 ? 7.782   7.671   -5.134  1.00 5.94   ? 19  ILE A C   1 
ATOM   158  O O   . ILE A 1 19 ? 6.649   8.152   -5.236  1.00 5.34   ? 19  ILE A O   1 
ATOM   159  C CB  . ILE A 1 19 ? 9.008   9.267   -3.506  1.00 6.63   ? 19  ILE A CB  1 
ATOM   160  C CG1 . ILE A 1 19 ? 8.946   8.266   -2.359  1.00 7.77   ? 19  ILE A CG1 1 
ATOM   161  C CG2 . ILE A 1 19 ? 7.852   10.249  -3.364  1.00 6.73   ? 19  ILE A CG2 1 
ATOM   162  C CD1 . ILE A 1 19 ? 8.874   8.951   -0.967  1.00 8.29   ? 19  ILE A CD1 1 
ATOM   163  N N   . LEU A 1 20 ? 8.037   6.365   -5.227  1.00 5.91   ? 20  LEU A N   1 
ATOM   164  C CA  . LEU A 1 20 ? 6.978   5.383   -5.465  1.00 6.57   ? 20  LEU A CA  1 
ATOM   165  C C   . LEU A 1 20 ? 6.071   5.244   -4.252  1.00 6.74   ? 20  LEU A C   1 
ATOM   166  O O   . LEU A 1 20 ? 6.549   5.016   -3.142  1.00 6.46   ? 20  LEU A O   1 
ATOM   167  C CB  . LEU A 1 20 ? 7.557   4.022   -5.856  1.00 7.04   ? 20  LEU A CB  1 
ATOM   168  C CG  . LEU A 1 20 ? 6.562   2.912   -6.209  1.00 7.63   ? 20  LEU A CG  1 
ATOM   169  C CD1 . LEU A 1 20 ? 5.988   3.130   -7.633  1.00 8.69   ? 20  LEU A CD1 1 
ATOM   170  C CD2 . LEU A 1 20 ? 7.303   1.577   -6.144  1.00 7.52   ? 20  LEU A CD2 1 
ATOM   171  N N   . VAL A 1 21 ? 4.773   5.389   -4.506  1.00 6.73   ? 21  VAL A N   1 
ATOM   172  C CA  . VAL A 1 21 ? 3.717   5.363   -3.498  1.00 7.19   ? 21  VAL A CA  1 
ATOM   173  C C   . VAL A 1 21 ? 3.075   3.978   -3.497  1.00 7.37   ? 21  VAL A C   1 
ATOM   174  O O   . VAL A 1 21 ? 2.957   3.324   -2.461  1.00 6.32   ? 21  VAL A O   1 
ATOM   175  C CB  . VAL A 1 21 ? 2.647   6.460   -3.776  1.00 6.88   ? 21  VAL A CB  1 
ATOM   176  C CG1 . VAL A 1 21 ? 1.445   6.314   -2.825  1.00 8.60   ? 21  VAL A CG1 1 
ATOM   177  C CG2 . VAL A 1 21 ? 3.247   7.852   -3.600  1.00 7.46   ? 21  VAL A CG2 1 
ATOM   178  N N   . GLY A 1 22 ? 2.707   3.513   -4.690  1.00 7.04   ? 22  GLY A N   1 
ATOM   179  C CA  . GLY A 1 22 ? 2.036   2.235   -4.832  1.00 6.92   ? 22  GLY A CA  1 
ATOM   180  C C   . GLY A 1 22 ? 1.814   2.000   -6.308  1.00 7.12   ? 22  GLY A C   1 
ATOM   181  O O   . GLY A 1 22 ? 2.456   2.641   -7.136  1.00 6.28   ? 22  GLY A O   1 
ATOM   182  N N   . ARG A 1 23 ? 0.902   1.085   -6.629  1.00 7.01   ? 23  ARG A N   1 
ATOM   183  C CA  . ARG A 1 23 ? 0.667   0.702   -8.015  1.00 8.06   ? 23  ARG A CA  1 
ATOM   184  C C   . ARG A 1 23 ? -0.794  0.277   -8.138  1.00 7.87   ? 23  ARG A C   1 
ATOM   185  O O   . ARG A 1 23 ? -1.314  -0.430  -7.264  1.00 8.83   ? 23  ARG A O   1 
ATOM   186  C CB  . ARG A 1 23 ? 1.601   -0.458  -8.386  1.00 8.01   ? 23  ARG A CB  1 
ATOM   187  C CG  . ARG A 1 23 ? 1.489   -0.976  -9.798  1.00 11.27  ? 23  ARG A CG  1 
ATOM   188  C CD  . ARG A 1 23 ? 1.357   -2.492  -9.764  1.00 17.39  ? 23  ARG A CD  1 
ATOM   189  N NE  . ARG A 1 23 ? 2.642   -3.182  -9.761  1.00 22.82  ? 23  ARG A NE  1 
ATOM   190  C CZ  . ARG A 1 23 ? 2.807   -4.491  -9.533  1.00 23.87  ? 23  ARG A CZ  1 
ATOM   191  N NH1 . ARG A 1 23 ? 1.763   -5.281  -9.242  1.00 21.07  ? 23  ARG A NH1 1 
ATOM   192  N NH2 . ARG A 1 23 ? 4.036   -5.002  -9.564  1.00 21.23  ? 23  ARG A NH2 1 
ATOM   193  N N   . LEU A 1 24 ? -1.472  0.728   -9.185  1.00 7.15   ? 24  LEU A N   1 
ATOM   194  C CA  . LEU A 1 24 ? -2.784  0.182   -9.487  1.00 6.68   ? 24  LEU A CA  1 
ATOM   195  C C   . LEU A 1 24 ? -2.557  -1.117  -10.233 1.00 6.68   ? 24  LEU A C   1 
ATOM   196  O O   . LEU A 1 24 ? -1.650  -1.228  -11.062 1.00 6.48   ? 24  LEU A O   1 
ATOM   197  C CB  . LEU A 1 24 ? -3.621  1.144   -10.335 1.00 6.75   ? 24  LEU A CB  1 
ATOM   198  C CG  . LEU A 1 24 ? -3.996  2.513   -9.742  1.00 6.74   ? 24  LEU A CG  1 
ATOM   199  C CD1 . LEU A 1 24 ? -4.850  3.236   -10.779 1.00 6.81   ? 24  LEU A CD1 1 
ATOM   200  C CD2 . LEU A 1 24 ? -4.697  2.422   -8.387  1.00 6.83   ? 24  LEU A CD2 1 
ATOM   201  N N   . HIS A 1 25 ? -3.378  -2.112  -9.921  1.00 6.74   ? 25  HIS A N   1 
ATOM   202  C CA  . HIS A 1 25 ? -3.187  -3.418  -10.486 1.00 7.27   ? 25  HIS A CA  1 
ATOM   203  C C   . HIS A 1 25 ? -4.492  -4.186  -10.395 1.00 7.86   ? 25  HIS A C   1 
ATOM   204  O O   . HIS A 1 25 ? -5.177  -4.131  -9.374  1.00 6.22   ? 25  HIS A O   1 
ATOM   205  C CB  . HIS A 1 25 ? -2.081  -4.156  -9.735  1.00 7.42   ? 25  HIS A CB  1 
ATOM   206  C CG  . HIS A 1 25 ? -1.786  -5.511  -10.285 1.00 7.84   ? 25  HIS A CG  1 
ATOM   207  N ND1 . HIS A 1 25 ? -1.230  -5.700  -11.530 1.00 9.29   ? 25  HIS A ND1 1 
ATOM   208  C CD2 . HIS A 1 25 ? -1.987  -6.747  -9.770  1.00 9.11   ? 25  HIS A CD2 1 
ATOM   209  C CE1 . HIS A 1 25 ? -1.088  -6.995  -11.753 1.00 9.94   ? 25  HIS A CE1 1 
ATOM   210  N NE2 . HIS A 1 25 ? -1.538  -7.651  -10.700 1.00 7.56   ? 25  HIS A NE2 1 
ATOM   211  N N   . THR A 1 26 ? -4.809  -4.858  -11.499 1.00 8.90   ? 26  THR A N   1 
ATOM   212  C CA  . THR A 1 26 ? -5.977  -5.730  -11.646 1.00 11.12  ? 26  THR A CA  1 
ATOM   213  C C   . THR A 1 26 ? -5.474  -7.153  -11.853 1.00 11.82  ? 26  THR A C   1 
ATOM   214  O O   . THR A 1 26 ? -4.478  -7.361  -12.536 1.00 11.61  ? 26  THR A O   1 
ATOM   215  C CB  . THR A 1 26 ? -6.792  -5.358  -12.912 1.00 10.61  ? 26  THR A CB  1 
ATOM   216  O OG1 . THR A 1 26 ? -7.269  -4.015  -12.783 1.00 14.18  ? 26  THR A OG1 1 
ATOM   217  C CG2 . THR A 1 26 ? -7.982  -6.259  -13.068 1.00 10.73  ? 26  THR A CG2 1 
ATOM   218  N N   . ASP A 1 27 ? -6.171  -8.132  -11.280 1.00 13.29  ? 27  ASP A N   1 
ATOM   219  C CA  . ASP A 1 27 ? -5.815  -9.521  -11.511 1.00 14.82  ? 27  ASP A CA  1 
ATOM   220  C C   . ASP A 1 27 ? -6.381  -10.047 -12.838 1.00 16.17  ? 27  ASP A C   1 
ATOM   221  O O   . ASP A 1 27 ? -6.352  -11.245 -13.085 1.00 16.29  ? 27  ASP A O   1 
ATOM   222  C CB  . ASP A 1 27 ? -6.277  -10.391 -10.343 1.00 14.81  ? 27  ASP A CB  1 
ATOM   223  C CG  . ASP A 1 27 ? -7.780  -10.342 -10.126 1.00 14.13  ? 27  ASP A CG  1 
ATOM   224  O OD1 . ASP A 1 27 ? -8.225  -10.892 -9.104  1.00 16.54  ? 27  ASP A OD1 1 
ATOM   225  O OD2 . ASP A 1 27 ? -8.522  -9.767  -10.956 1.00 11.84  ? 27  ASP A OD2 1 
ATOM   226  N N   . LEU A 1 28 ? -6.910  -9.150  -13.667 1.00 18.32  ? 28  LEU A N   1 
ATOM   227  C CA  . LEU A 1 28 ? -7.456  -9.510  -14.991 1.00 21.32  ? 28  LEU A CA  1 
ATOM   228  C C   . LEU A 1 28 ? -6.333  -9.809  -15.988 1.00 22.34  ? 28  LEU A C   1 
ATOM   229  O O   . LEU A 1 28 ? -5.246  -9.255  -15.880 1.00 22.85  ? 28  LEU A O   1 
ATOM   230  C CB  . LEU A 1 28 ? -8.371  -8.389  -15.498 1.00 21.60  ? 28  LEU A CB  1 
ATOM   231  C CG  . LEU A 1 28 ? -9.593  -8.667  -16.376 1.00 22.33  ? 28  LEU A CG  1 
ATOM   232  C CD1 . LEU A 1 28 ? -10.582 -9.635  -15.715 1.00 22.49  ? 28  LEU A CD1 1 
ATOM   233  C CD2 . LEU A 1 28 ? -10.272 -7.341  -16.690 1.00 22.98  ? 28  LEU A CD2 1 
ATOM   234  N N   . ASP A 1 29 ? -6.611  -10.665 -16.973 1.00 24.79  ? 29  ASP A N   1 
ATOM   235  C CA  . ASP A 1 29 ? -5.562  -11.342 -17.745 1.00 26.32  ? 29  ASP A CA  1 
ATOM   236  C C   . ASP A 1 29 ? -5.322  -10.822 -19.189 1.00 27.34  ? 29  ASP A C   1 
ATOM   237  O O   . ASP A 1 29 ? -5.837  -9.762  -19.547 1.00 27.68  ? 29  ASP A O   1 
ATOM   238  C CB  . ASP A 1 29 ? -5.825  -12.856 -17.713 1.00 26.81  ? 29  ASP A CB  1 
ATOM   239  C CG  . ASP A 1 29 ? -5.948  -13.403 -16.292 1.00 27.71  ? 29  ASP A CG  1 
ATOM   240  O OD1 . ASP A 1 29 ? -5.348  -12.815 -15.359 1.00 29.03  ? 29  ASP A OD1 1 
ATOM   241  O OD2 . ASP A 1 29 ? -6.643  -14.430 -16.106 1.00 28.67  ? 29  ASP A OD2 1 
ATOM   242  N N   . PRO A 1 30 ? -4.510  -11.548 -20.000 1.00 28.18  ? 30  PRO A N   1 
ATOM   243  C CA  . PRO A 1 30 ? -4.131  -11.169 -21.390 1.00 28.50  ? 30  PRO A CA  1 
ATOM   244  C C   . PRO A 1 30 ? -5.272  -10.940 -22.401 1.00 28.64  ? 30  PRO A C   1 
ATOM   245  O O   . PRO A 1 30 ? -6.116  -10.072 -22.199 1.00 28.80  ? 30  PRO A O   1 
ATOM   246  C CB  . PRO A 1 30 ? -3.247  -12.348 -21.859 1.00 28.52  ? 30  PRO A CB  1 
ATOM   247  C CG  . PRO A 1 30 ? -2.748  -12.960 -20.615 1.00 28.70  ? 30  PRO A CG  1 
ATOM   248  C CD  . PRO A 1 30 ? -3.854  -12.817 -19.597 1.00 28.60  ? 30  PRO A CD  1 
ATOM   249  N N   . GLY A 1 31 ? -5.260  -11.695 -23.499 1.00 29.20  ? 31  GLY A N   1 
ATOM   250  C CA  . GLY A 1 31 ? -6.155  -11.441 -24.624 1.00 29.27  ? 31  GLY A CA  1 
ATOM   251  C C   . GLY A 1 31 ? -5.570  -10.425 -25.588 1.00 29.36  ? 31  GLY A C   1 
ATOM   252  O O   . GLY A 1 31 ? -5.630  -10.614 -26.817 1.00 29.65  ? 31  GLY A O   1 
ATOM   253  N N   . LYS A 1 34 ? -4.342  -5.566  -23.159 1.00 12.11  ? 34  LYS A N   1 
ATOM   254  C CA  . LYS A 1 34 ? -3.528  -4.729  -22.321 1.00 11.65  ? 34  LYS A CA  1 
ATOM   255  C C   . LYS A 1 34 ? -4.418  -3.712  -21.587 1.00 11.20  ? 34  LYS A C   1 
ATOM   256  O O   . LYS A 1 34 ? -5.298  -3.080  -22.181 1.00 11.99  ? 34  LYS A O   1 
ATOM   257  C CB  . LYS A 1 34 ? -2.413  -4.055  -23.140 1.00 11.35  ? 34  LYS A CB  1 
ATOM   258  C CG  . LYS A 1 34 ? -1.223  -3.601  -22.296 1.00 13.09  ? 34  LYS A CG  1 
ATOM   259  C CD  . LYS A 1 34 ? 0.010   -3.297  -23.148 1.00 16.99  ? 34  LYS A CD  1 
ATOM   260  C CE  . LYS A 1 34 ? 1.187   -2.948  -22.240 1.00 17.52  ? 34  LYS A CE  1 
ATOM   261  N NZ  . LYS A 1 34 ? 2.454   -2.716  -22.971 1.00 18.57  ? 34  LYS A NZ  1 
ATOM   262  N N   . ILE A 1 35 ? -4.192  -3.601  -20.286 1.00 10.06  ? 35  ILE A N   1 
ATOM   263  C CA  . ILE A 1 35 ? -4.927  -2.726  -19.395 1.00 8.85   ? 35  ILE A CA  1 
ATOM   264  C C   . ILE A 1 35 ? -4.300  -1.325  -19.365 1.00 7.92   ? 35  ILE A C   1 
ATOM   265  O O   . ILE A 1 35 ? -3.084  -1.182  -19.209 1.00 7.98   ? 35  ILE A O   1 
ATOM   266  C CB  . ILE A 1 35 ? -4.944  -3.347  -17.962 1.00 9.27   ? 35  ILE A CB  1 
ATOM   267  C CG1 . ILE A 1 35 ? -5.307  -4.841  -18.042 1.00 10.54  ? 35  ILE A CG1 1 
ATOM   268  C CG2 . ILE A 1 35 ? -5.870  -2.591  -17.039 1.00 7.96   ? 35  ILE A CG2 1 
ATOM   269  C CD1 . ILE A 1 35 ? -5.182  -5.588  -16.735 1.00 11.74  ? 35  ILE A CD1 1 
ATOM   270  N N   . LYS A 1 36 ? -5.134  -0.303  -19.535 1.00 6.90   ? 36  LYS A N   1 
ATOM   271  C CA  . LYS A 1 36 ? -4.723  1.087   -19.352 1.00 6.80   ? 36  LYS A CA  1 
ATOM   272  C C   . LYS A 1 36 ? -5.214  1.595   -17.989 1.00 6.62   ? 36  LYS A C   1 
ATOM   273  O O   . LYS A 1 36 ? -6.413  1.580   -17.704 1.00 6.77   ? 36  LYS A O   1 
ATOM   274  C CB  . LYS A 1 36 ? -5.272  1.956   -20.485 1.00 6.54   ? 36  LYS A CB  1 
ATOM   275  C CG  . LYS A 1 36 ? -4.978  3.433   -20.337 1.00 6.93   ? 36  LYS A CG  1 
ATOM   276  C CD  . LYS A 1 36 ? -5.407  4.207   -21.579 1.00 7.24   ? 36  LYS A CD  1 
ATOM   277  C CE  . LYS A 1 36 ? -5.116  5.689   -21.403 1.00 7.31   ? 36  LYS A CE  1 
ATOM   278  N NZ  . LYS A 1 36 ? -5.447  6.461   -22.630 1.00 9.52   ? 36  LYS A NZ  1 
ATOM   279  N N   . TYR A 1 37 ? -4.271  2.011   -17.151 1.00 6.64   ? 37  TYR A N   1 
ATOM   280  C CA  . TYR A 1 37 ? -4.563  2.506   -15.798 1.00 6.63   ? 37  TYR A CA  1 
ATOM   281  C C   . TYR A 1 37 ? -4.755  4.024   -15.792 1.00 7.00   ? 37  TYR A C   1 
ATOM   282  O O   . TYR A 1 37 ? -3.895  4.792   -16.270 1.00 7.57   ? 37  TYR A O   1 
ATOM   283  C CB  . TYR A 1 37 ? -3.449  2.095   -14.828 1.00 6.26   ? 37  TYR A CB  1 
ATOM   284  C CG  . TYR A 1 37 ? -3.367  0.608   -14.611 1.00 6.39   ? 37  TYR A CG  1 
ATOM   285  C CD1 . TYR A 1 37 ? -2.421  -0.159  -15.290 1.00 5.90   ? 37  TYR A CD1 1 
ATOM   286  C CD2 . TYR A 1 37 ? -4.267  -0.048  -13.750 1.00 7.34   ? 37  TYR A CD2 1 
ATOM   287  C CE1 . TYR A 1 37 ? -2.353  -1.553  -15.115 1.00 6.27   ? 37  TYR A CE1 1 
ATOM   288  C CE2 . TYR A 1 37 ? -4.209  -1.437  -13.555 1.00 6.76   ? 37  TYR A CE2 1 
ATOM   289  C CZ  . TYR A 1 37 ? -3.254  -2.184  -14.245 1.00 6.60   ? 37  TYR A CZ  1 
ATOM   290  O OH  . TYR A 1 37 ? -3.181  -3.550  -14.074 1.00 6.13   ? 37  TYR A OH  1 
ATOM   291  N N   . ILE A 1 38 ? -5.884  4.451   -15.244 1.00 7.06   ? 38  ILE A N   1 
ATOM   292  C CA  . ILE A 1 38 ? -6.248  5.858   -15.211 1.00 7.02   ? 38  ILE A CA  1 
ATOM   293  C C   . ILE A 1 38 ? -6.424  6.305   -13.753 1.00 6.77   ? 38  ILE A C   1 
ATOM   294  O O   . ILE A 1 38 ? -7.051  5.609   -12.930 1.00 6.56   ? 38  ILE A O   1 
ATOM   295  C CB  . ILE A 1 38 ? -7.535  6.143   -16.045 1.00 7.10   ? 38  ILE A CB  1 
ATOM   296  C CG1 . ILE A 1 38 ? -7.262  5.909   -17.538 1.00 7.72   ? 38  ILE A CG1 1 
ATOM   297  C CG2 . ILE A 1 38 ? -8.064  7.567   -15.805 1.00 7.15   ? 38  ILE A CG2 1 
ATOM   298  C CD1 . ILE A 1 38 ? -8.459  6.053   -18.468 1.00 9.48   ? 38  ILE A CD1 1 
ATOM   299  N N   . LEU A 1 39 ? -5.895  7.480   -13.450 1.00 6.44   ? 39  LEU A N   1 
ATOM   300  C CA  . LEU A 1 39 ? -5.947  8.004   -12.076 1.00 6.46   ? 39  LEU A CA  1 
ATOM   301  C C   . LEU A 1 39 ? -6.659  9.354   -12.054 1.00 6.68   ? 39  LEU A C   1 
ATOM   302  O O   . LEU A 1 39 ? -6.326  10.244  -12.852 1.00 6.97   ? 39  LEU A O   1 
ATOM   303  C CB  . LEU A 1 39 ? -4.520  8.166   -11.535 1.00 6.38   ? 39  LEU A CB  1 
ATOM   304  C CG  . LEU A 1 39 ? -4.387  8.613   -10.067 1.00 6.55   ? 39  LEU A CG  1 
ATOM   305  C CD1 . LEU A 1 39 ? -4.989  7.573   -9.166  1.00 5.58   ? 39  LEU A CD1 1 
ATOM   306  C CD2 . LEU A 1 39 ? -2.913  8.872   -9.729  1.00 5.97   ? 39  LEU A CD2 1 
ATOM   307  N N   . SER A 1 40 ? -7.613  9.514   -11.143 1.00 6.67   ? 40  SER A N   1 
ATOM   308  C CA  . SER A 1 40 ? -8.310  10.790  -10.965 1.00 6.92   ? 40  SER A CA  1 
ATOM   309  C C   . SER A 1 40 ? -8.540  11.136  -9.478  1.00 7.00   ? 40  SER A C   1 
ATOM   310  O O   . SER A 1 40 ? -8.316  10.301  -8.605  1.00 7.04   ? 40  SER A O   1 
ATOM   311  C CB  . SER A 1 40 ? -9.644  10.753  -11.711 1.00 6.84   ? 40  SER A CB  1 
ATOM   312  O OG  . SER A 1 40 ? -10.488 9.777   -11.134 1.00 7.52   ? 40  SER A OG  1 
ATOM   313  N N   . GLY A 1 41 ? -8.979  12.368  -9.215  1.00 7.36   ? 41  GLY A N   1 
ATOM   314  C CA  . GLY A 1 41 ? -9.287  12.856  -7.868  1.00 8.47   ? 41  GLY A CA  1 
ATOM   315  C C   . GLY A 1 41 ? -8.225  13.744  -7.238  1.00 9.18   ? 41  GLY A C   1 
ATOM   316  O O   . GLY A 1 41 ? -7.434  14.391  -7.944  1.00 9.59   ? 41  GLY A O   1 
ATOM   317  N N   . ASP A 1 42 ? -8.215  13.719  -5.902  1.00 9.56   ? 42  ASP A N   1 
ATOM   318  C CA  . ASP A 1 42 ? -7.330  14.481  -4.997  1.00 9.89   ? 42  ASP A CA  1 
ATOM   319  C C   . ASP A 1 42 ? -5.849  14.529  -5.403  1.00 8.74   ? 42  ASP A C   1 
ATOM   320  O O   . ASP A 1 42 ? -5.057  13.654  -5.026  1.00 9.32   ? 42  ASP A O   1 
ATOM   321  C CB  . ASP A 1 42 ? -7.463  13.925  -3.556  1.00 9.56   ? 42  ASP A CB  1 
ATOM   322  C CG  . ASP A 1 42 ? -8.590  14.598  -2.733  1.00 12.01  ? 42  ASP A CG  1 
ATOM   323  O OD1 . ASP A 1 42 ? -9.281  15.519  -3.248  1.00 15.05  ? 42  ASP A OD1 1 
ATOM   324  O OD2 . ASP A 1 42 ? -8.786  14.206  -1.551  1.00 8.90   ? 42  ASP A OD2 1 
ATOM   325  N N   . GLY A 1 43 ? -5.478  15.549  -6.168  1.00 8.47   ? 43  GLY A N   1 
ATOM   326  C CA  . GLY A 1 43 ? -4.078  15.752  -6.560  1.00 7.46   ? 43  GLY A CA  1 
ATOM   327  C C   . GLY A 1 43 ? -3.547  14.840  -7.655  1.00 7.39   ? 43  GLY A C   1 
ATOM   328  O O   . GLY A 1 43 ? -2.319  14.720  -7.828  1.00 6.68   ? 43  GLY A O   1 
ATOM   329  N N   . ALA A 1 44 ? -4.457  14.203  -8.395  1.00 7.05   ? 44  ALA A N   1 
ATOM   330  C CA  . ALA A 1 44 ? -4.082  13.324  -9.504  1.00 7.37   ? 44  ALA A CA  1 
ATOM   331  C C   . ALA A 1 44 ? -3.451  14.111  -10.649 1.00 7.63   ? 44  ALA A C   1 
ATOM   332  O O   . ALA A 1 44 ? -4.016  15.088  -11.136 1.00 7.87   ? 44  ALA A O   1 
ATOM   333  C CB  . ALA A 1 44 ? -5.285  12.526  -9.999  1.00 7.20   ? 44  ALA A CB  1 
ATOM   334  N N   . GLY A 1 45 ? -2.262  13.687  -11.060 1.00 7.69   ? 45  GLY A N   1 
ATOM   335  C CA  . GLY A 1 45 ? -1.538  14.368  -12.118 1.00 8.04   ? 45  GLY A CA  1 
ATOM   336  C C   . GLY A 1 45 ? -0.473  15.281  -11.549 1.00 8.09   ? 45  GLY A C   1 
ATOM   337  O O   . GLY A 1 45 ? 0.708   15.119  -11.875 1.00 8.87   ? 45  GLY A O   1 
ATOM   338  N N   . THR A 1 46 ? -0.893  16.195  -10.662 1.00 7.36   ? 46  THR A N   1 
ATOM   339  C CA  . THR A 1 46 ? -0.064  17.297  -10.149 1.00 7.10   ? 46  THR A CA  1 
ATOM   340  C C   . THR A 1 46 ? 0.823   16.893  -8.971  1.00 6.81   ? 46  THR A C   1 
ATOM   341  O O   . THR A 1 46 ? 1.989   17.274  -8.882  1.00 5.98   ? 46  THR A O   1 
ATOM   342  C CB  . THR A 1 46 ? -0.957  18.489  -9.673  1.00 7.31   ? 46  THR A CB  1 
ATOM   343  O OG1 . THR A 1 46 ? -1.837  18.045  -8.639  1.00 6.83   ? 46  THR A OG1 1 
ATOM   344  C CG2 . THR A 1 46 ? -1.795  19.045  -10.813 1.00 8.61   ? 46  THR A CG2 1 
ATOM   345  N N   . ILE A 1 47 ? 0.239   16.139  -8.043  1.00 6.52   ? 47  ILE A N   1 
ATOM   346  C CA  . ILE A 1 47 ? 0.961   15.690  -6.858  1.00 6.70   ? 47  ILE A CA  1 
ATOM   347  C C   . ILE A 1 47 ? 1.310   14.224  -7.040  1.00 6.34   ? 47  ILE A C   1 
ATOM   348  O O   . ILE A 1 47 ? 2.449   13.823  -6.837  1.00 6.40   ? 47  ILE A O   1 
ATOM   349  C CB  . ILE A 1 47 ? 0.136   15.916  -5.557  1.00 6.61   ? 47  ILE A CB  1 
ATOM   350  C CG1 . ILE A 1 47 ? -0.124  17.407  -5.351  1.00 6.94   ? 47  ILE A CG1 1 
ATOM   351  C CG2 . ILE A 1 47 ? 0.837   15.306  -4.336  1.00 5.59   ? 47  ILE A CG2 1 
ATOM   352  C CD1 . ILE A 1 47 ? -1.267  17.708  -4.473  1.00 6.95   ? 47  ILE A CD1 1 
ATOM   353  N N   . PHE A 1 48 ? 0.314   13.434  -7.430  1.00 6.59   ? 48  PHE A N   1 
ATOM   354  C CA  . PHE A 1 48 ? 0.508   12.033  -7.711  1.00 6.85   ? 48  PHE A CA  1 
ATOM   355  C C   . PHE A 1 48 ? 0.380   11.731  -9.217  1.00 7.17   ? 48  PHE A C   1 
ATOM   356  O O   . PHE A 1 48 ? -0.610  12.070  -9.868  1.00 7.58   ? 48  PHE A O   1 
ATOM   357  C CB  . PHE A 1 48 ? -0.433  11.173  -6.862  1.00 6.69   ? 48  PHE A CB  1 
ATOM   358  C CG  . PHE A 1 48 ? -0.319  11.435  -5.359  1.00 7.29   ? 48  PHE A CG  1 
ATOM   359  C CD1 . PHE A 1 48 ? -1.300  12.171  -4.695  1.00 5.88   ? 48  PHE A CD1 1 
ATOM   360  C CD2 . PHE A 1 48 ? 0.769   10.956  -4.623  1.00 6.56   ? 48  PHE A CD2 1 
ATOM   361  C CE1 . PHE A 1 48 ? -1.209  12.425  -3.341  1.00 6.62   ? 48  PHE A CE1 1 
ATOM   362  C CE2 . PHE A 1 48 ? 0.859   11.198  -3.252  1.00 6.70   ? 48  PHE A CE2 1 
ATOM   363  C CZ  . PHE A 1 48 ? -0.131  11.937  -2.613  1.00 6.71   ? 48  PHE A CZ  1 
ATOM   364  N N   . GLN A 1 49 ? 1.395   11.087  -9.755  1.00 7.20   ? 49  GLN A N   1 
ATOM   365  C CA  . GLN A 1 49 ? 1.458   10.789  -11.183 1.00 7.34   ? 49  GLN A CA  1 
ATOM   366  C C   . GLN A 1 49 ? 1.409   9.291   -11.380 1.00 6.96   ? 49  GLN A C   1 
ATOM   367  O O   . GLN A 1 49 ? 2.074   8.546   -10.661 1.00 6.94   ? 49  GLN A O   1 
ATOM   368  C CB  . GLN A 1 49 ? 2.723   11.372  -11.790 1.00 7.56   ? 49  GLN A CB  1 
ATOM   369  C CG  . GLN A 1 49 ? 3.041   10.902  -13.236 1.00 8.76   ? 49  GLN A CG  1 
ATOM   370  C CD  . GLN A 1 49 ? 4.366   11.442  -13.740 1.00 10.06  ? 49  GLN A CD  1 
ATOM   371  O OE1 . GLN A 1 49 ? 4.654   12.622  -13.586 1.00 10.43  ? 49  GLN A OE1 1 
ATOM   372  N NE2 . GLN A 1 49 ? 5.172   10.582  -14.378 1.00 14.51  ? 49  GLN A NE2 1 
ATOM   373  N N   . ILE A 1 50 ? 0.594   8.857   -12.342 1.00 6.75   ? 50  ILE A N   1 
ATOM   374  C CA  . ILE A 1 50 ? 0.501   7.454   -12.702 1.00 6.01   ? 50  ILE A CA  1 
ATOM   375  C C   . ILE A 1 50 ? 1.164   7.193   -14.049 1.00 6.27   ? 50  ILE A C   1 
ATOM   376  O O   . ILE A 1 50 ? 1.163   8.046   -14.930 1.00 5.90   ? 50  ILE A O   1 
ATOM   377  C CB  . ILE A 1 50 ? -0.987  6.979   -12.762 1.00 6.04   ? 50  ILE A CB  1 
ATOM   378  C CG1 . ILE A 1 50 ? -1.055  5.455   -12.728 1.00 5.84   ? 50  ILE A CG1 1 
ATOM   379  C CG2 . ILE A 1 50 ? -1.728  7.572   -13.993 1.00 6.27   ? 50  ILE A CG2 1 
ATOM   380  C CD1 . ILE A 1 50 ? -2.381  4.903   -12.299 1.00 7.38   ? 50  ILE A CD1 1 
ATOM   381  N N   . ASN A 1 51 ? 1.719   6.008   -14.212 1.00 6.28   ? 51  ASN A N   1 
ATOM   382  C CA  . ASN A 1 51 ? 2.002   5.568   -15.554 1.00 6.93   ? 51  ASN A CA  1 
ATOM   383  C C   . ASN A 1 51 ? 0.897   4.614   -16.021 1.00 6.57   ? 51  ASN A C   1 
ATOM   384  O O   . ASN A 1 51 ? 0.578   3.623   -15.340 1.00 6.16   ? 51  ASN A O   1 
ATOM   385  C CB  . ASN A 1 51 ? 3.386   4.962   -15.671 1.00 7.40   ? 51  ASN A CB  1 
ATOM   386  C CG  . ASN A 1 51 ? 3.654   4.451   -17.061 1.00 7.78   ? 51  ASN A CG  1 
ATOM   387  O OD1 . ASN A 1 51 ? 3.445   3.277   -17.325 1.00 10.52  ? 51  ASN A OD1 1 
ATOM   388  N ND2 . ASN A 1 51 ? 4.035   5.344   -17.987 1.00 8.77   ? 51  ASN A ND2 1 
ATOM   389  N N   . ASP A 1 52 ? 0.283   4.959   -17.155 1.00 6.41   ? 52  ASP A N   1 
ATOM   390  C CA  . ASP A 1 52 ? -0.889  4.225   -17.663 1.00 6.54   ? 52  ASP A CA  1 
ATOM   391  C C   . ASP A 1 52 ? -0.617  2.767   -18.053 1.00 6.50   ? 52  ASP A C   1 
ATOM   392  O O   . ASP A 1 52 ? -1.556  1.961   -18.124 1.00 6.41   ? 52  ASP A O   1 
ATOM   393  C CB  . ASP A 1 52 ? -1.643  5.001   -18.778 1.00 6.42   ? 52  ASP A CB  1 
ATOM   394  C CG  . ASP A 1 52 ? -0.883  5.082   -20.102 1.00 7.68   ? 52  ASP A CG  1 
ATOM   395  O OD1 . ASP A 1 52 ? 0.265   4.603   -20.211 1.00 10.65  ? 52  ASP A OD1 1 
ATOM   396  O OD2 . ASP A 1 52 ? -1.456  5.638   -21.065 1.00 6.40   ? 52  ASP A OD2 1 
ATOM   397  N N   . ILE A 1 53 ? 0.662   2.429   -18.262 1.00 6.24   ? 53  ILE A N   1 
ATOM   398  C CA  . ILE A 1 53 ? 1.067   1.060   -18.607 1.00 6.46   ? 53  ILE A CA  1 
ATOM   399  C C   . ILE A 1 53 ? 1.387   0.230   -17.360 1.00 7.00   ? 53  ILE A C   1 
ATOM   400  O O   . ILE A 1 53 ? 0.798   -0.837  -17.138 1.00 7.64   ? 53  ILE A O   1 
ATOM   401  C CB  . ILE A 1 53 ? 2.242   1.058   -19.635 1.00 6.44   ? 53  ILE A CB  1 
ATOM   402  C CG1 . ILE A 1 53 ? 1.697   1.363   -21.036 1.00 6.54   ? 53  ILE A CG1 1 
ATOM   403  C CG2 . ILE A 1 53 ? 3.000   -0.270  -19.595 1.00 6.21   ? 53  ILE A CG2 1 
ATOM   404  C CD1 . ILE A 1 53 ? 2.735   1.935   -22.043 1.00 6.73   ? 53  ILE A CD1 1 
ATOM   405  N N   . THR A 1 54 ? 2.279   0.739   -16.518 1.00 6.67   ? 54  THR A N   1 
ATOM   406  C CA  . THR A 1 54 ? 2.750   -0.016  -15.361 1.00 6.25   ? 54  THR A CA  1 
ATOM   407  C C   . THR A 1 54 ? 1.806   0.050   -14.165 1.00 6.25   ? 54  THR A C   1 
ATOM   408  O O   . THR A 1 54 ? 1.765   -0.876  -13.354 1.00 5.79   ? 54  THR A O   1 
ATOM   409  C CB  . THR A 1 54 ? 4.139   0.465   -14.906 1.00 6.60   ? 54  THR A CB  1 
ATOM   410  O OG1 . THR A 1 54 ? 4.030   1.791   -14.382 1.00 6.73   ? 54  THR A OG1 1 
ATOM   411  C CG2 . THR A 1 54 ? 5.130   0.444   -16.076 1.00 5.60   ? 54  THR A CG2 1 
ATOM   412  N N   . GLY A 1 55 ? 1.065   1.152   -14.073 1.00 5.63   ? 55  GLY A N   1 
ATOM   413  C CA  . GLY A 1 55 ? 0.171   1.384   -12.973 1.00 6.19   ? 55  GLY A CA  1 
ATOM   414  C C   . GLY A 1 55 ? 0.877   2.044   -11.797 1.00 5.82   ? 55  GLY A C   1 
ATOM   415  O O   . GLY A 1 55 ? 0.239   2.358   -10.823 1.00 5.78   ? 55  GLY A O   1 
ATOM   416  N N   . ASP A 1 56 ? 2.187   2.263   -11.909 1.00 6.38   ? 56  ASP A N   1 
ATOM   417  C CA  . ASP A 1 56 ? 2.964   2.876   -10.821 1.00 6.30   ? 56  ASP A CA  1 
ATOM   418  C C   . ASP A 1 56 ? 2.475   4.291   -10.470 1.00 5.92   ? 56  ASP A C   1 
ATOM   419  O O   . ASP A 1 56 ? 2.247   5.115   -11.348 1.00 5.95   ? 56  ASP A O   1 
ATOM   420  C CB  . ASP A 1 56 ? 4.481   2.861   -11.151 1.00 5.96   ? 56  ASP A CB  1 
ATOM   421  C CG  . ASP A 1 56 ? 5.112   1.463   -10.991 1.00 6.98   ? 56  ASP A CG  1 
ATOM   422  O OD1 . ASP A 1 56 ? 4.522   0.580   -10.326 1.00 9.02   ? 56  ASP A OD1 1 
ATOM   423  O OD2 . ASP A 1 56 ? 6.202   1.224   -11.555 1.00 10.92  ? 56  ASP A OD2 1 
ATOM   424  N N   . ILE A 1 57 ? 2.303   4.554   -9.174  1.00 6.39   ? 57  ILE A N   1 
ATOM   425  C CA  . ILE A 1 57 ? 1.949   5.896   -8.712  1.00 5.79   ? 57  ILE A CA  1 
ATOM   426  C C   . ILE A 1 57 ? 3.137   6.500   -7.948  1.00 5.44   ? 57  ILE A C   1 
ATOM   427  O O   . ILE A 1 57 ? 3.601   5.932   -6.961  1.00 4.63   ? 57  ILE A O   1 
ATOM   428  C CB  . ILE A 1 57 ? 0.720   5.875   -7.842  1.00 6.39   ? 57  ILE A CB  1 
ATOM   429  C CG1 . ILE A 1 57 ? -0.501  5.397   -8.644  1.00 5.78   ? 57  ILE A CG1 1 
ATOM   430  C CG2 . ILE A 1 57 ? 0.502   7.245   -7.120  1.00 7.30   ? 57  ILE A CG2 1 
ATOM   431  C CD1 . ILE A 1 57 ? -1.695  5.047   -7.747  1.00 6.99   ? 57  ILE A CD1 1 
ATOM   432  N N   . HIS A 1 58 ? 3.632   7.627   -8.450  1.00 5.03   ? 58  HIS A N   1 
ATOM   433  C CA  . HIS A 1 58 ? 4.716   8.354   -7.810  1.00 5.73   ? 58  HIS A CA  1 
ATOM   434  C C   . HIS A 1 58 ? 4.214   9.671   -7.246  1.00 5.93   ? 58  HIS A C   1 
ATOM   435  O O   . HIS A 1 58 ? 3.403   10.357  -7.871  1.00 6.50   ? 58  HIS A O   1 
ATOM   436  C CB  . HIS A 1 58 ? 5.840   8.660   -8.808  1.00 5.34   ? 58  HIS A CB  1 
ATOM   437  C CG  . HIS A 1 58 ? 6.651   7.462   -9.179  1.00 6.05   ? 58  HIS A CG  1 
ATOM   438  N ND1 . HIS A 1 58 ? 6.245   6.562   -10.139 1.00 4.68   ? 58  HIS A ND1 1 
ATOM   439  C CD2 . HIS A 1 58 ? 7.849   7.021   -8.728  1.00 4.86   ? 58  HIS A CD2 1 
ATOM   440  C CE1 . HIS A 1 58 ? 7.147   5.606   -10.250 1.00 4.68   ? 58  HIS A CE1 1 
ATOM   441  N NE2 . HIS A 1 58 ? 8.130   5.862   -9.406  1.00 5.79   ? 58  HIS A NE2 1 
ATOM   442  N N   . ALA A 1 59 ? 4.716   10.039  -6.083  1.00 6.06   ? 59  ALA A N   1 
ATOM   443  C CA  . ALA A 1 59 ? 4.531   11.401  -5.618  1.00 6.34   ? 59  ALA A CA  1 
ATOM   444  C C   . ALA A 1 59 ? 5.624   12.255  -6.256  1.00 6.52   ? 59  ALA A C   1 
ATOM   445  O O   . ALA A 1 59 ? 6.800   11.884  -6.226  1.00 6.53   ? 59  ALA A O   1 
ATOM   446  C CB  . ALA A 1 59 ? 4.572   11.469  -4.096  1.00 6.45   ? 59  ALA A CB  1 
ATOM   447  N N   . ILE A 1 60 ? 5.239   13.382  -6.852  1.00 6.71   ? 60  ILE A N   1 
ATOM   448  C CA  . ILE A 1 60 ? 6.180   14.193  -7.650  1.00 7.13   ? 60  ILE A CA  1 
ATOM   449  C C   . ILE A 1 60 ? 6.340   15.639  -7.121  1.00 7.12   ? 60  ILE A C   1 
ATOM   450  O O   . ILE A 1 60 ? 6.907   16.504  -7.792  1.00 6.71   ? 60  ILE A O   1 
ATOM   451  C CB  . ILE A 1 60 ? 5.817   14.157  -9.169  1.00 7.30   ? 60  ILE A CB  1 
ATOM   452  C CG1 . ILE A 1 60 ? 4.421   14.757  -9.432  1.00 6.59   ? 60  ILE A CG1 1 
ATOM   453  C CG2 . ILE A 1 60 ? 5.903   12.713  -9.697  1.00 7.67   ? 60  ILE A CG2 1 
ATOM   454  C CD1 . ILE A 1 60 ? 4.149   15.113  -10.914 1.00 6.09   ? 60  ILE A CD1 1 
ATOM   455  N N   . LYS A 1 61 ? 5.840   15.850  -5.902  1.00 7.27   ? 61  LYS A N   1 
ATOM   456  C CA  . LYS A 1 61 ? 5.847   17.129  -5.177  1.00 8.01   ? 61  LYS A CA  1 
ATOM   457  C C   . LYS A 1 61 ? 6.131   16.836  -3.720  1.00 7.83   ? 61  LYS A C   1 
ATOM   458  O O   . LYS A 1 61 ? 5.771   15.763  -3.236  1.00 7.24   ? 61  LYS A O   1 
ATOM   459  C CB  . LYS A 1 61 ? 4.463   17.773  -5.220  1.00 7.95   ? 61  LYS A CB  1 
ATOM   460  C CG  . LYS A 1 61 ? 4.395   19.068  -5.956  1.00 10.68  ? 61  LYS A CG  1 
ATOM   461  C CD  . LYS A 1 61 ? 2.970   19.593  -6.002  1.00 13.23  ? 61  LYS A CD  1 
ATOM   462  C CE  . LYS A 1 61 ? 2.936   20.943  -6.710  1.00 14.20  ? 61  LYS A CE  1 
ATOM   463  N NZ  . LYS A 1 61 ? 1.537   21.328  -7.049  1.00 15.39  ? 61  LYS A NZ  1 
ATOM   464  N N   . ARG A 1 62 ? 6.780   17.778  -3.028  1.00 8.53   ? 62  ARG A N   1 
ATOM   465  C CA  . ARG A 1 62 ? 6.847   17.747  -1.569  1.00 9.34   ? 62  ARG A CA  1 
ATOM   466  C C   . ARG A 1 62 ? 5.434   17.732  -0.982  1.00 9.93   ? 62  ARG A C   1 
ATOM   467  O O   . ARG A 1 62 ? 4.560   18.504  -1.399  1.00 10.00  ? 62  ARG A O   1 
ATOM   468  C CB  . ARG A 1 62 ? 7.647   18.935  -1.008  1.00 9.99   ? 62  ARG A CB  1 
ATOM   469  C CG  . ARG A 1 62 ? 7.566   19.119  0.523   1.00 9.83   ? 62  ARG A CG  1 
ATOM   470  C CD  . ARG A 1 62 ? 8.543   18.197  1.286   1.00 13.10  ? 62  ARG A CD  1 
ATOM   471  N NE  . ARG A 1 62 ? 8.669   18.415  2.751   1.00 14.55  ? 62  ARG A NE  1 
ATOM   472  C CZ  . ARG A 1 62 ? 7.766   18.981  3.571   1.00 18.27  ? 62  ARG A CZ  1 
ATOM   473  N NH1 . ARG A 1 62 ? 6.597   19.433  3.124   1.00 19.64  ? 62  ARG A NH1 1 
ATOM   474  N NH2 . ARG A 1 62 ? 8.035   19.110  4.876   1.00 17.48  ? 62  ARG A NH2 1 
ATOM   475  N N   . LEU A 1 63 ? 5.227   16.820  -0.035  1.00 10.29  ? 63  LEU A N   1 
ATOM   476  C CA  . LEU A 1 63 ? 3.950   16.648  0.646   1.00 10.35  ? 63  LEU A CA  1 
ATOM   477  C C   . LEU A 1 63 ? 4.017   17.296  2.000   1.00 10.53  ? 63  LEU A C   1 
ATOM   478  O O   . LEU A 1 63 ? 5.088   17.396  2.606   1.00 10.41  ? 63  LEU A O   1 
ATOM   479  C CB  . LEU A 1 63 ? 3.624   15.161  0.796   1.00 10.42  ? 63  LEU A CB  1 
ATOM   480  C CG  . LEU A 1 63 ? 3.333   14.404  -0.499  1.00 12.03  ? 63  LEU A CG  1 
ATOM   481  C CD1 . LEU A 1 63 ? 3.512   12.889  -0.325  1.00 11.84  ? 63  LEU A CD1 1 
ATOM   482  C CD2 . LEU A 1 63 ? 1.927   14.734  -0.984  1.00 14.02  ? 63  LEU A CD2 1 
ATOM   483  N N   . ASP A 1 64 ? 2.860   17.738  2.471   1.00 10.73  ? 64  ASP A N   1 
ATOM   484  C CA  . ASP A 1 64 ? 2.766   18.449  3.726   1.00 10.66  ? 64  ASP A CA  1 
ATOM   485  C C   . ASP A 1 64 ? 1.499   18.008  4.435   1.00 10.63  ? 64  ASP A C   1 
ATOM   486  O O   . ASP A 1 64 ? 0.404   18.471  4.112   1.00 10.53  ? 64  ASP A O   1 
ATOM   487  C CB  . ASP A 1 64 ? 2.741   19.953  3.468   1.00 11.00  ? 64  ASP A CB  1 
ATOM   488  C CG  . ASP A 1 64 ? 2.640   20.756  4.737   1.00 11.26  ? 64  ASP A CG  1 
ATOM   489  O OD1 . ASP A 1 64 ? 2.553   21.996  4.642   1.00 14.48  ? 64  ASP A OD1 1 
ATOM   490  O OD2 . ASP A 1 64 ? 2.652   20.162  5.835   1.00 13.03  ? 64  ASP A OD2 1 
ATOM   491  N N   . ARG A 1 65 ? 1.670   17.116  5.407   1.00 10.49  ? 65  ARG A N   1 
ATOM   492  C CA  . ARG A 1 65 ? 0.555   16.497  6.125   1.00 11.00  ? 65  ARG A CA  1 
ATOM   493  C C   . ARG A 1 65 ? -0.323  17.517  6.856   1.00 10.50  ? 65  ARG A C   1 
ATOM   494  O O   . ARG A 1 65 ? -1.512  17.286  7.065   1.00 10.02  ? 65  ARG A O   1 
ATOM   495  C CB  . ARG A 1 65 ? 1.070   15.443  7.106   1.00 10.61  ? 65  ARG A CB  1 
ATOM   496  C CG  . ARG A 1 65 ? 0.037   14.407  7.462   1.00 12.44  ? 65  ARG A CG  1 
ATOM   497  C CD  . ARG A 1 65 ? 0.311   13.846  8.863   1.00 15.34  ? 65  ARG A CD  1 
ATOM   498  N NE  . ARG A 1 65 ? -0.678  12.836  9.235   1.00 15.01  ? 65  ARG A NE  1 
ATOM   499  C CZ  . ARG A 1 65 ? -1.602  12.994  10.177  1.00 16.49  ? 65  ARG A CZ  1 
ATOM   500  N NH1 . ARG A 1 65 ? -1.677  14.127  10.873  1.00 17.89  ? 65  ARG A NH1 1 
ATOM   501  N NH2 . ARG A 1 65 ? -2.462  12.009  10.430  1.00 15.76  ? 65  ARG A NH2 1 
ATOM   502  N N   . GLU A 1 66 ? 0.262   18.654  7.215   1.00 10.71  ? 66  GLU A N   1 
ATOM   503  C CA  . GLU A 1 66 ? -0.478  19.704  7.915   1.00 11.12  ? 66  GLU A CA  1 
ATOM   504  C C   . GLU A 1 66 ? -1.398  20.464  6.945   1.00 10.73  ? 66  GLU A C   1 
ATOM   505  O O   . GLU A 1 66 ? -2.450  20.952  7.338   1.00 10.64  ? 66  GLU A O   1 
ATOM   506  C CB  . GLU A 1 66 ? 0.488   20.646  8.655   1.00 11.40  ? 66  GLU A CB  1 
ATOM   507  C CG  . GLU A 1 66 ? 1.492   19.908  9.584   1.00 13.12  ? 66  GLU A CG  1 
ATOM   508  C CD  . GLU A 1 66 ? 2.497   20.844  10.287  1.00 15.62  ? 66  GLU A CD  1 
ATOM   509  O OE1 . GLU A 1 66 ? 2.743   21.977  9.795   1.00 17.02  ? 66  GLU A OE1 1 
ATOM   510  O OE2 . GLU A 1 66 ? 3.052   20.437  11.344  1.00 16.73  ? 66  GLU A OE2 1 
ATOM   511  N N   . GLU A 1 67 ? -0.981  20.565  5.684   1.00 10.91  ? 67  GLU A N   1 
ATOM   512  C CA  . GLU A 1 67 ? -1.808  21.122  4.600   1.00 11.07  ? 67  GLU A CA  1 
ATOM   513  C C   . GLU A 1 67 ? -2.927  20.152  4.166   1.00 10.44  ? 67  GLU A C   1 
ATOM   514  O O   . GLU A 1 67 ? -4.098  20.540  4.081   1.00 10.49  ? 67  GLU A O   1 
ATOM   515  C CB  . GLU A 1 67 ? -0.938  21.488  3.381   1.00 11.55  ? 67  GLU A CB  1 
ATOM   516  C CG  . GLU A 1 67 ? -1.705  22.198  2.262   1.00 12.27  ? 67  GLU A CG  1 
ATOM   517  C CD  . GLU A 1 67 ? -0.852  22.531  1.056   1.00 14.00  ? 67  GLU A CD  1 
ATOM   518  O OE1 . GLU A 1 67 ? -0.930  23.687  0.591   1.00 13.87  ? 67  GLU A OE1 1 
ATOM   519  O OE2 . GLU A 1 67 ? -0.122  21.642  0.558   1.00 16.32  ? 67  GLU A OE2 1 
ATOM   520  N N   . LYS A 1 68 ? -2.555  18.903  3.896   1.00 9.37   ? 68  LYS A N   1 
ATOM   521  C CA  . LYS A 1 68 ? -3.516  17.838  3.560   1.00 8.96   ? 68  LYS A CA  1 
ATOM   522  C C   . LYS A 1 68 ? -2.924  16.486  3.937   1.00 8.35   ? 68  LYS A C   1 
ATOM   523  O O   . LYS A 1 68 ? -1.833  16.129  3.491   1.00 8.46   ? 68  LYS A O   1 
ATOM   524  C CB  . LYS A 1 68 ? -3.835  17.840  2.063   1.00 8.71   ? 68  LYS A CB  1 
ATOM   525  C CG  . LYS A 1 68 ? -5.126  17.145  1.693   1.00 9.21   ? 68  LYS A CG  1 
ATOM   526  C CD  . LYS A 1 68 ? -5.335  17.219  0.186   1.00 10.39  ? 68  LYS A CD  1 
ATOM   527  C CE  . LYS A 1 68 ? -6.787  17.065  -0.194  1.00 11.61  ? 68  LYS A CE  1 
ATOM   528  N NZ  . LYS A 1 68 ? -7.575  18.281  0.233   1.00 15.84  ? 68  LYS A NZ  1 
ATOM   529  N N   . ALA A 1 69 ? -3.664  15.737  4.735   1.00 7.74   ? 69  ALA A N   1 
ATOM   530  C CA  . ALA A 1 69 ? -3.182  14.513  5.364   1.00 7.45   ? 69  ALA A CA  1 
ATOM   531  C C   . ALA A 1 69 ? -3.574  13.274  4.582   1.00 7.76   ? 69  ALA A C   1 
ATOM   532  O O   . ALA A 1 69 ? -2.869  12.268  4.634   1.00 7.97   ? 69  ALA A O   1 
ATOM   533  C CB  . ALA A 1 69 ? -3.725  14.414  6.839   1.00 7.39   ? 69  ALA A CB  1 
ATOM   534  N N   . GLU A 1 70 ? -4.705  13.348  3.878   1.00 7.71   ? 70  GLU A N   1 
ATOM   535  C CA  . GLU A 1 70 ? -5.274  12.210  3.134   1.00 7.10   ? 70  GLU A CA  1 
ATOM   536  C C   . GLU A 1 70 ? -5.767  12.649  1.770   1.00 6.74   ? 70  GLU A C   1 
ATOM   537  O O   . GLU A 1 70 ? -6.359  13.716  1.618   1.00 6.54   ? 70  GLU A O   1 
ATOM   538  C CB  . GLU A 1 70 ? -6.428  11.567  3.914   1.00 8.09   ? 70  GLU A CB  1 
ATOM   539  C CG  . GLU A 1 70 ? -6.010  11.093  5.293   1.00 8.38   ? 70  GLU A CG  1 
ATOM   540  C CD  . GLU A 1 70 ? -7.012  10.188  5.976   1.00 10.19  ? 70  GLU A CD  1 
ATOM   541  O OE1 . GLU A 1 70 ? -8.036  9.838   5.356   1.00 12.20  ? 70  GLU A OE1 1 
ATOM   542  O OE2 . GLU A 1 70 ? -6.774  9.834   7.163   1.00 13.64  ? 70  GLU A OE2 1 
ATOM   543  N N   . TYR A 1 71 ? -5.471  11.833  0.768   1.00 6.43   ? 71  TYR A N   1 
ATOM   544  C CA  . TYR A 1 71 ? -5.890  12.091  -0.595  1.00 6.67   ? 71  TYR A CA  1 
ATOM   545  C C   . TYR A 1 71 ? -6.779  10.944  -1.050  1.00 6.17   ? 71  TYR A C   1 
ATOM   546  O O   . TYR A 1 71 ? -6.342  9.805   -1.128  1.00 7.12   ? 71  TYR A O   1 
ATOM   547  C CB  . TYR A 1 71 ? -4.671  12.202  -1.505  1.00 6.14   ? 71  TYR A CB  1 
ATOM   548  C CG  . TYR A 1 71 ? -3.806  13.412  -1.253  1.00 7.14   ? 71  TYR A CG  1 
ATOM   549  C CD1 . TYR A 1 71 ? -2.908  13.442  -0.178  1.00 6.42   ? 71  TYR A CD1 1 
ATOM   550  C CD2 . TYR A 1 71 ? -3.847  14.519  -2.120  1.00 7.81   ? 71  TYR A CD2 1 
ATOM   551  C CE1 . TYR A 1 71 ? -2.097  14.525  0.040   1.00 6.59   ? 71  TYR A CE1 1 
ATOM   552  C CE2 . TYR A 1 71 ? -3.037  15.640  -1.884  1.00 7.08   ? 71  TYR A CE2 1 
ATOM   553  C CZ  . TYR A 1 71 ? -2.167  15.618  -0.805  1.00 6.89   ? 71  TYR A CZ  1 
ATOM   554  O OH  . TYR A 1 71 ? -1.365  16.704  -0.538  1.00 9.32   ? 71  TYR A OH  1 
ATOM   555  N N   . THR A 1 72 ? -8.036  11.235  -1.333  1.00 6.45   ? 72  THR A N   1 
ATOM   556  C CA  . THR A 1 72 ? -8.932  10.219  -1.873  1.00 6.16   ? 72  THR A CA  1 
ATOM   557  C C   . THR A 1 72 ? -8.838  10.270  -3.402  1.00 5.99   ? 72  THR A C   1 
ATOM   558  O O   . THR A 1 72 ? -9.135  11.297  -4.020  1.00 4.85   ? 72  THR A O   1 
ATOM   559  C CB  . THR A 1 72 ? -10.359 10.451  -1.440  1.00 6.81   ? 72  THR A CB  1 
ATOM   560  O OG1 . THR A 1 72 ? -10.427 10.372  -0.019  1.00 6.48   ? 72  THR A OG1 1 
ATOM   561  C CG2 . THR A 1 72 ? -11.268 9.359   -2.013  1.00 7.59   ? 72  THR A CG2 1 
ATOM   562  N N   . LEU A 1 73 ? -8.421  9.148   -3.984  1.00 5.88   ? 73  LEU A N   1 
ATOM   563  C CA  . LEU A 1 73 ? -8.258  9.055   -5.432  1.00 6.86   ? 73  LEU A CA  1 
ATOM   564  C C   . LEU A 1 73 ? -9.166  7.973   -6.000  1.00 6.73   ? 73  LEU A C   1 
ATOM   565  O O   . LEU A 1 73 ? -9.760  7.193   -5.258  1.00 6.90   ? 73  LEU A O   1 
ATOM   566  C CB  . LEU A 1 73 ? -6.801  8.803   -5.787  1.00 6.92   ? 73  LEU A CB  1 
ATOM   567  C CG  . LEU A 1 73 ? -5.915  10.028  -5.527  1.00 7.18   ? 73  LEU A CG  1 
ATOM   568  C CD1 . LEU A 1 73 ? -5.107  9.805   -4.278  1.00 10.65  ? 73  LEU A CD1 1 
ATOM   569  C CD2 . LEU A 1 73 ? -5.007  10.263  -6.701  1.00 10.23  ? 73  LEU A CD2 1 
ATOM   570  N N   . THR A 1 74 ? -9.325  7.985   -7.312  1.00 7.11   ? 74  THR A N   1 
ATOM   571  C CA  . THR A 1 74 ? -10.145 6.993   -7.980  1.00 7.00   ? 74  THR A CA  1 
ATOM   572  C C   . THR A 1 74 ? -9.257  6.262   -8.947  1.00 6.85   ? 74  THR A C   1 
ATOM   573  O O   . THR A 1 74 ? -8.524  6.890   -9.734  1.00 7.08   ? 74  THR A O   1 
ATOM   574  C CB  . THR A 1 74 ? -11.318 7.649   -8.720  1.00 7.15   ? 74  THR A CB  1 
ATOM   575  O OG1 . THR A 1 74 ? -12.174 8.302   -7.769  1.00 7.50   ? 74  THR A OG1 1 
ATOM   576  C CG2 . THR A 1 74 ? -12.128 6.617   -9.538  1.00 8.22   ? 74  THR A CG2 1 
ATOM   577  N N   . ALA A 1 75 ? -9.328  4.934   -8.887  1.00 6.54   ? 75  ALA A N   1 
ATOM   578  C CA  . ALA A 1 75 ? -8.616  4.068   -9.831  1.00 6.00   ? 75  ALA A CA  1 
ATOM   579  C C   . ALA A 1 75 ? -9.544  3.661   -10.967 1.00 5.95   ? 75  ALA A C   1 
ATOM   580  O O   . ALA A 1 75 ? -10.702 3.294   -10.736 1.00 5.49   ? 75  ALA A O   1 
ATOM   581  C CB  . ALA A 1 75 ? -8.135  2.843   -9.113  1.00 5.89   ? 75  ALA A CB  1 
ATOM   582  N N   . GLN A 1 76 ? -9.032  3.707   -12.191 1.00 6.31   ? 76  GLN A N   1 
ATOM   583  C CA  . GLN A 1 76 ? -9.788  3.207   -13.341 1.00 6.28   ? 76  GLN A CA  1 
ATOM   584  C C   . GLN A 1 76 ? -8.901  2.326   -14.210 1.00 5.96   ? 76  GLN A C   1 
ATOM   585  O O   . GLN A 1 76 ? -7.687  2.525   -14.270 1.00 5.25   ? 76  GLN A O   1 
ATOM   586  C CB  . GLN A 1 76 ? -10.345 4.365   -14.159 1.00 6.90   ? 76  GLN A CB  1 
ATOM   587  C CG  . GLN A 1 76 ? -11.642 4.992   -13.594 1.00 8.42   ? 76  GLN A CG  1 
ATOM   588  C CD  . GLN A 1 76 ? -12.153 6.106   -14.498 1.00 9.80   ? 76  GLN A CD  1 
ATOM   589  O OE1 . GLN A 1 76 ? -13.006 5.877   -15.356 1.00 12.90  ? 76  GLN A OE1 1 
ATOM   590  N NE2 . GLN A 1 76 ? -11.598 7.304   -14.341 1.00 8.24   ? 76  GLN A NE2 1 
ATOM   591  N N   . ALA A 1 77 ? -9.513  1.350   -14.871 1.00 5.45   ? 77  ALA A N   1 
ATOM   592  C CA  . ALA A 1 77 ? -8.795  0.516   -15.834 1.00 5.66   ? 77  ALA A CA  1 
ATOM   593  C C   . ALA A 1 77 ? -9.635  0.367   -17.086 1.00 5.82   ? 77  ALA A C   1 
ATOM   594  O O   . ALA A 1 77 ? -10.809 -0.018  -17.012 1.00 4.80   ? 77  ALA A O   1 
ATOM   595  C CB  . ALA A 1 77 ? -8.457  -0.835  -15.233 1.00 5.86   ? 77  ALA A CB  1 
ATOM   596  N N   . VAL A 1 78 ? -9.038  0.699   -18.232 1.00 6.06   ? 78  VAL A N   1 
ATOM   597  C CA  . VAL A 1 78 ? -9.750  0.646   -19.514 1.00 6.38   ? 78  VAL A CA  1 
ATOM   598  C C   . VAL A 1 78 ? -8.953  -0.095  -20.582 1.00 6.87   ? 78  VAL A C   1 
ATOM   599  O O   . VAL A 1 78 ? -7.740  -0.297  -20.446 1.00 6.87   ? 78  VAL A O   1 
ATOM   600  C CB  . VAL A 1 78 ? -10.158 2.063   -20.043 1.00 6.12   ? 78  VAL A CB  1 
ATOM   601  C CG1 . VAL A 1 78 ? -11.060 2.784   -19.053 1.00 7.56   ? 78  VAL A CG1 1 
ATOM   602  C CG2 . VAL A 1 78 ? -8.936  2.922   -20.380 1.00 6.54   ? 78  VAL A CG2 1 
ATOM   603  N N   . ASP A 1 79 ? -9.652  -0.505  -21.639 1.00 7.24   ? 79  ASP A N   1 
ATOM   604  C CA  . ASP A 1 79 ? -9.021  -1.093  -22.805 1.00 7.44   ? 79  ASP A CA  1 
ATOM   605  C C   . ASP A 1 79 ? -8.379  0.021   -23.616 1.00 7.43   ? 79  ASP A C   1 
ATOM   606  O O   . ASP A 1 79 ? -9.021  1.011   -23.950 1.00 7.68   ? 79  ASP A O   1 
ATOM   607  C CB  . ASP A 1 79 ? -10.065 -1.830  -23.663 1.00 8.28   ? 79  ASP A CB  1 
ATOM   608  C CG  . ASP A 1 79 ? -9.468  -2.414  -24.937 1.00 9.50   ? 79  ASP A CG  1 
ATOM   609  O OD1 . ASP A 1 79 ? -10.025 -2.176  -26.031 1.00 13.81  ? 79  ASP A OD1 1 
ATOM   610  O OD2 . ASP A 1 79 ? -8.420  -3.094  -24.855 1.00 12.10  ? 79  ASP A OD2 1 
ATOM   611  N N   . PHE A 1 80 ? -7.108  -0.151  -23.949 1.00 7.35   ? 80  PHE A N   1 
ATOM   612  C CA  . PHE A 1 80 ? -6.378  0.838   -24.735 1.00 7.40   ? 80  PHE A CA  1 
ATOM   613  C C   . PHE A 1 80 ? -7.063  1.257   -26.048 1.00 8.08   ? 80  PHE A C   1 
ATOM   614  O O   . PHE A 1 80 ? -6.979  2.418   -26.460 1.00 7.94   ? 80  PHE A O   1 
ATOM   615  C CB  . PHE A 1 80 ? -4.977  0.316   -25.022 1.00 6.77   ? 80  PHE A CB  1 
ATOM   616  C CG  . PHE A 1 80 ? -3.978  0.675   -23.977 1.00 5.95   ? 80  PHE A CG  1 
ATOM   617  C CD1 . PHE A 1 80 ? -3.547  -0.268  -23.055 1.00 5.48   ? 80  PHE A CD1 1 
ATOM   618  C CD2 . PHE A 1 80 ? -3.458  1.963   -23.916 1.00 6.71   ? 80  PHE A CD2 1 
ATOM   619  C CE1 . PHE A 1 80 ? -2.612  0.063   -22.091 1.00 5.32   ? 80  PHE A CE1 1 
ATOM   620  C CE2 . PHE A 1 80 ? -2.508  2.301   -22.954 1.00 6.24   ? 80  PHE A CE2 1 
ATOM   621  C CZ  . PHE A 1 80 ? -2.092  1.346   -22.037 1.00 6.55   ? 80  PHE A CZ  1 
ATOM   622  N N   . GLU A 1 81 ? -7.746  0.316   -26.690 1.00 8.96   ? 81  GLU A N   1 
ATOM   623  C CA  . GLU A 1 81 ? -8.335  0.571   -27.999 1.00 10.34  ? 81  GLU A CA  1 
ATOM   624  C C   . GLU A 1 81 ? -9.706  1.242   -27.927 1.00 10.68  ? 81  GLU A C   1 
ATOM   625  O O   . GLU A 1 81 ? -9.954  2.224   -28.638 1.00 11.26  ? 81  GLU A O   1 
ATOM   626  C CB  . GLU A 1 81 ? -8.422  -0.724  -28.802 1.00 10.11  ? 81  GLU A CB  1 
ATOM   627  C CG  . GLU A 1 81 ? -8.781  -0.529  -30.269 1.00 12.29  ? 81  GLU A CG  1 
ATOM   628  C CD  . GLU A 1 81 ? -8.893  -1.842  -31.001 1.00 13.98  ? 81  GLU A CD  1 
ATOM   629  O OE1 . GLU A 1 81 ? -9.034  -2.884  -30.329 1.00 17.08  ? 81  GLU A OE1 1 
ATOM   630  O OE2 . GLU A 1 81 ? -8.840  -1.843  -32.244 1.00 16.19  ? 81  GLU A OE2 1 
ATOM   631  N N   . THR A 1 82 ? -10.592 0.705   -27.092 1.00 10.70  ? 82  THR A N   1 
ATOM   632  C CA  . THR A 1 82 ? -11.997 1.128   -27.072 1.00 10.92  ? 82  THR A CA  1 
ATOM   633  C C   . THR A 1 82 ? -12.327 2.067   -25.914 1.00 11.07  ? 82  THR A C   1 
ATOM   634  O O   . THR A 1 82 ? -13.427 2.632   -25.854 1.00 11.31  ? 82  THR A O   1 
ATOM   635  C CB  . THR A 1 82 ? -12.948 -0.086  -26.990 1.00 10.86  ? 82  THR A CB  1 
ATOM   636  O OG1 . THR A 1 82 ? -12.852 -0.678  -25.692 1.00 10.29  ? 82  THR A OG1 1 
ATOM   637  C CG2 . THR A 1 82 ? -12.594 -1.131  -28.046 1.00 11.70  ? 82  THR A CG2 1 
ATOM   638  N N   . ASN A 1 83 ? -11.380 2.221   -24.992 1.00 10.64  ? 83  ASN A N   1 
ATOM   639  C CA  . ASN A 1 83 ? -11.612 2.934   -23.736 1.00 10.96  ? 83  ASN A CA  1 
ATOM   640  C C   . ASN A 1 83 ? -12.781 2.371   -22.900 1.00 9.94   ? 83  ASN A C   1 
ATOM   641  O O   . ASN A 1 83 ? -13.229 3.021   -21.949 1.00 9.57   ? 83  ASN A O   1 
ATOM   642  C CB  . ASN A 1 83 ? -11.749 4.457   -23.958 1.00 11.62  ? 83  ASN A CB  1 
ATOM   643  C CG  . ASN A 1 83 ? -11.379 5.278   -22.711 1.00 14.87  ? 83  ASN A CG  1 
ATOM   644  O OD1 . ASN A 1 83 ? -11.419 4.786   -21.583 1.00 18.89  ? 83  ASN A OD1 1 
ATOM   645  N ND2 . ASN A 1 83 ? -11.022 6.543   -22.918 1.00 18.28  ? 83  ASN A ND2 1 
ATOM   646  N N   . LYS A 1 84 ? -13.268 1.172   -23.234 1.00 8.78   ? 84  LYS A N   1 
ATOM   647  C CA  . LYS A 1 84 ? -14.303 0.533   -22.394 1.00 7.85   ? 84  LYS A CA  1 
ATOM   648  C C   . LYS A 1 84 ? -13.716 0.071   -21.046 1.00 7.19   ? 84  LYS A C   1 
ATOM   649  O O   . LYS A 1 84 ? -12.604 -0.475  -21.006 1.00 6.29   ? 84  LYS A O   1 
ATOM   650  C CB  . LYS A 1 84 ? -14.984 -0.636  -23.110 1.00 7.94   ? 84  LYS A CB  1 
ATOM   651  N N   . PRO A 1 85 ? -14.465 0.284   -19.941 1.00 6.81   ? 85  PRO A N   1 
ATOM   652  C CA  . PRO A 1 85 ? -13.989 -0.093  -18.604 1.00 6.14   ? 85  PRO A CA  1 
ATOM   653  C C   . PRO A 1 85 ? -13.704 -1.584  -18.458 1.00 5.83   ? 85  PRO A C   1 
ATOM   654  O O   . PRO A 1 85 ? -14.465 -2.425  -18.939 1.00 4.66   ? 85  PRO A O   1 
ATOM   655  C CB  . PRO A 1 85 ? -15.162 0.279   -17.695 1.00 6.15   ? 85  PRO A CB  1 
ATOM   656  C CG  . PRO A 1 85 ? -15.919 1.301   -18.443 1.00 7.41   ? 85  PRO A CG  1 
ATOM   657  C CD  . PRO A 1 85 ? -15.799 0.911   -19.884 1.00 6.81   ? 85  PRO A CD  1 
ATOM   658  N N   . LEU A 1 86 ? -12.611 -1.900  -17.782 1.00 5.65   ? 86  LEU A N   1 
ATOM   659  C CA  . LEU A 1 86 ? -12.261 -3.280  -17.491 1.00 6.29   ? 86  LEU A CA  1 
ATOM   660  C C   . LEU A 1 86 ? -12.424 -3.572  -15.998 1.00 6.41   ? 86  LEU A C   1 
ATOM   661  O O   . LEU A 1 86 ? -12.381 -4.734  -15.583 1.00 6.31   ? 86  LEU A O   1 
ATOM   662  C CB  . LEU A 1 86 ? -10.836 -3.605  -17.968 1.00 6.55   ? 86  LEU A CB  1 
ATOM   663  C CG  . LEU A 1 86 ? -10.542 -3.526  -19.474 1.00 6.49   ? 86  LEU A CG  1 
ATOM   664  C CD1 . LEU A 1 86 ? -9.063  -3.733  -19.747 1.00 6.91   ? 86  LEU A CD1 1 
ATOM   665  C CD2 . LEU A 1 86 ? -11.366 -4.509  -20.299 1.00 6.82   ? 86  LEU A CD2 1 
ATOM   666  N N   . GLU A 1 87 ? -12.608 -2.507  -15.211 1.00 6.57   ? 87  GLU A N   1 
ATOM   667  C CA  . GLU A 1 87 ? -12.833 -2.575  -13.764 1.00 6.97   ? 87  GLU A CA  1 
ATOM   668  C C   . GLU A 1 87 ? -13.853 -1.505  -13.381 1.00 6.95   ? 87  GLU A C   1 
ATOM   669  O O   . GLU A 1 87 ? -14.036 -0.540  -14.129 1.00 6.81   ? 87  GLU A O   1 
ATOM   670  C CB  . GLU A 1 87 ? -11.512 -2.328  -12.995 1.00 7.25   ? 87  GLU A CB  1 
ATOM   671  C CG  . GLU A 1 87 ? -10.531 -3.515  -12.974 1.00 9.23   ? 87  GLU A CG  1 
ATOM   672  C CD  . GLU A 1 87 ? -11.144 -4.802  -12.391 1.00 11.77  ? 87  GLU A CD  1 
ATOM   673  O OE1 . GLU A 1 87 ? -12.156 -4.722  -11.692 1.00 13.16  ? 87  GLU A OE1 1 
ATOM   674  O OE2 . GLU A 1 87 ? -10.627 -5.911  -12.653 1.00 12.56  ? 87  GLU A OE2 1 
ATOM   675  N N   . PRO A 1 88 ? -14.530 -1.660  -12.216 1.00 7.37   ? 88  PRO A N   1 
ATOM   676  C CA  . PRO A 1 88 ? -15.342 -0.537  -11.751 1.00 7.25   ? 88  PRO A CA  1 
ATOM   677  C C   . PRO A 1 88 ? -14.414 0.574   -11.249 1.00 7.15   ? 88  PRO A C   1 
ATOM   678  O O   . PRO A 1 88 ? -13.348 0.269   -10.709 1.00 7.23   ? 88  PRO A O   1 
ATOM   679  C CB  . PRO A 1 88 ? -16.100 -1.131  -10.568 1.00 7.46   ? 88  PRO A CB  1 
ATOM   680  C CG  . PRO A 1 88 ? -15.196 -2.196  -10.038 1.00 7.14   ? 88  PRO A CG  1 
ATOM   681  C CD  . PRO A 1 88 ? -14.596 -2.800  -11.274 1.00 7.73   ? 88  PRO A CD  1 
ATOM   682  N N   . PRO A 1 89 ? -14.791 1.849   -11.465 1.00 7.35   ? 89  PRO A N   1 
ATOM   683  C CA  . PRO A 1 89 ? -14.053 2.949   -10.869 1.00 7.74   ? 89  PRO A CA  1 
ATOM   684  C C   . PRO A 1 89 ? -14.061 2.750   -9.360  1.00 7.59   ? 89  PRO A C   1 
ATOM   685  O O   . PRO A 1 89 ? -15.116 2.444   -8.772  1.00 7.35   ? 89  PRO A O   1 
ATOM   686  C CB  . PRO A 1 89 ? -14.868 4.174   -11.284 1.00 7.78   ? 89  PRO A CB  1 
ATOM   687  C CG  . PRO A 1 89 ? -15.489 3.765   -12.591 1.00 8.68   ? 89  PRO A CG  1 
ATOM   688  C CD  . PRO A 1 89 ? -15.913 2.345   -12.292 1.00 8.27   ? 89  PRO A CD  1 
ATOM   689  N N   . SER A 1 90 ? -12.894 2.842   -8.734  1.00 7.57   ? 90  SER A N   1 
ATOM   690  C CA  . SER A 1 90 ? -12.810 2.470   -7.321  1.00 8.26   ? 90  SER A CA  1 
ATOM   691  C C   . SER A 1 90 ? -11.935 3.426   -6.529  1.00 8.11   ? 90  SER A C   1 
ATOM   692  O O   . SER A 1 90 ? -10.807 3.718   -6.917  1.00 7.77   ? 90  SER A O   1 
ATOM   693  C CB  . SER A 1 90 ? -12.362 1.007   -7.170  1.00 8.34   ? 90  SER A CB  1 
ATOM   694  O OG  . SER A 1 90 ? -13.352 0.134   -7.719  1.00 9.66   ? 90  SER A OG  1 
ATOM   695  N N   . GLU A 1 91 ? -12.484 3.911   -5.420  1.00 7.50   ? 91  GLU A N   1 
ATOM   696  C CA  . GLU A 1 91 ? -11.776 4.841   -4.553  1.00 8.31   ? 91  GLU A CA  1 
ATOM   697  C C   . GLU A 1 91 ? -10.703 4.140   -3.734  1.00 8.19   ? 91  GLU A C   1 
ATOM   698  O O   . GLU A 1 91 ? -10.882 3.004   -3.280  1.00 7.63   ? 91  GLU A O   1 
ATOM   699  C CB  . GLU A 1 91 ? -12.766 5.541   -3.605  1.00 8.70   ? 91  GLU A CB  1 
ATOM   700  C CG  . GLU A 1 91 ? -13.717 6.447   -4.345  1.00 10.72  ? 91  GLU A CG  1 
ATOM   701  C CD  . GLU A 1 91 ? -14.364 7.495   -3.459  1.00 14.19  ? 91  GLU A CD  1 
ATOM   702  O OE1 . GLU A 1 91 ? -14.481 7.288   -2.219  1.00 12.16  ? 91  GLU A OE1 1 
ATOM   703  O OE2 . GLU A 1 91 ? -14.756 8.540   -4.032  1.00 16.62  ? 91  GLU A OE2 1 
ATOM   704  N N   . PHE A 1 92 ? -9.587  4.833   -3.545  1.00 7.78   ? 92  PHE A N   1 
ATOM   705  C CA  . PHE A 1 92 ? -8.551  4.402   -2.613  1.00 7.87   ? 92  PHE A CA  1 
ATOM   706  C C   . PHE A 1 92 ? -7.933  5.644   -1.974  1.00 7.92   ? 92  PHE A C   1 
ATOM   707  O O   . PHE A 1 92 ? -8.092  6.751   -2.496  1.00 8.69   ? 92  PHE A O   1 
ATOM   708  C CB  . PHE A 1 92 ? -7.487  3.515   -3.307  1.00 7.47   ? 92  PHE A CB  1 
ATOM   709  C CG  . PHE A 1 92 ? -6.597  4.248   -4.263  1.00 7.59   ? 92  PHE A CG  1 
ATOM   710  C CD1 . PHE A 1 92 ? -5.313  4.620   -3.894  1.00 8.08   ? 92  PHE A CD1 1 
ATOM   711  C CD2 . PHE A 1 92 ? -7.037  4.536   -5.558  1.00 6.58   ? 92  PHE A CD2 1 
ATOM   712  C CE1 . PHE A 1 92 ? -4.481  5.285   -4.797  1.00 7.60   ? 92  PHE A CE1 1 
ATOM   713  C CE2 . PHE A 1 92 ? -6.226  5.194   -6.459  1.00 8.80   ? 92  PHE A CE2 1 
ATOM   714  C CZ  . PHE A 1 92 ? -4.933  5.584   -6.082  1.00 8.76   ? 92  PHE A CZ  1 
ATOM   715  N N   . ILE A 1 93 ? -7.231  5.471   -0.867  1.00 7.25   ? 93  ILE A N   1 
ATOM   716  C CA  . ILE A 1 93 ? -6.746  6.625   -0.127  1.00 7.43   ? 93  ILE A CA  1 
ATOM   717  C C   . ILE A 1 93 ? -5.214  6.608   -0.005  1.00 7.38   ? 93  ILE A C   1 
ATOM   718  O O   . ILE A 1 93 ? -4.630  5.599   0.368   1.00 6.97   ? 93  ILE A O   1 
ATOM   719  C CB  . ILE A 1 93 ? -7.425  6.752   1.283   1.00 7.81   ? 93  ILE A CB  1 
ATOM   720  C CG1 . ILE A 1 93 ? -8.960  6.882   1.145   1.00 7.02   ? 93  ILE A CG1 1 
ATOM   721  C CG2 . ILE A 1 93 ? -6.860  7.955   2.039   1.00 8.24   ? 93  ILE A CG2 1 
ATOM   722  C CD1 . ILE A 1 93 ? -9.762  6.879   2.453   1.00 8.73   ? 93  ILE A CD1 1 
ATOM   723  N N   . ILE A 1 94 ? -4.580  7.744   -0.318  1.00 7.09   ? 94  ILE A N   1 
ATOM   724  C CA  . ILE A 1 94 ? -3.168  7.937   -0.040  1.00 6.37   ? 94  ILE A CA  1 
ATOM   725  C C   . ILE A 1 94 ? -3.046  8.773   1.253   1.00 6.31   ? 94  ILE A C   1 
ATOM   726  O O   . ILE A 1 94 ? -3.518  9.906   1.324   1.00 5.95   ? 94  ILE A O   1 
ATOM   727  C CB  . ILE A 1 94 ? -2.409  8.579   -1.213  1.00 6.25   ? 94  ILE A CB  1 
ATOM   728  C CG1 . ILE A 1 94 ? -2.560  7.713   -2.488  1.00 5.50   ? 94  ILE A CG1 1 
ATOM   729  C CG2 . ILE A 1 94 ? -0.942  8.768   -0.842  1.00 6.42   ? 94  ILE A CG2 1 
ATOM   730  C CD1 . ILE A 1 94 ? -1.959  8.313   -3.770  1.00 6.52   ? 94  ILE A CD1 1 
ATOM   731  N N   . LYS A 1 95 ? -2.407  8.194   2.263   1.00 6.24   ? 95  LYS A N   1 
ATOM   732  C CA  . LYS A 1 95 ? -2.310  8.827   3.576   1.00 6.93   ? 95  LYS A CA  1 
ATOM   733  C C   . LYS A 1 95 ? -0.891  9.348   3.821   1.00 7.31   ? 95  LYS A C   1 
ATOM   734  O O   . LYS A 1 95 ? 0.094   8.633   3.597   1.00 6.08   ? 95  LYS A O   1 
ATOM   735  C CB  . LYS A 1 95 ? -2.715  7.832   4.658   1.00 6.65   ? 95  LYS A CB  1 
ATOM   736  C CG  . LYS A 1 95 ? -4.118  7.286   4.462   1.00 7.45   ? 95  LYS A CG  1 
ATOM   737  C CD  . LYS A 1 95 ? -4.630  6.569   5.683   1.00 7.44   ? 95  LYS A CD  1 
ATOM   738  C CE  . LYS A 1 95 ? -6.157  6.416   5.623   1.00 7.61   ? 95  LYS A CE  1 
ATOM   739  N NZ  . LYS A 1 95 ? -6.652  5.435   6.627   1.00 6.97   ? 95  LYS A NZ  1 
ATOM   740  N N   . VAL A 1 96 ? -0.783  10.606  4.217   1.00 8.46   ? 96  VAL A N   1 
ATOM   741  C CA  . VAL A 1 96 ? 0.560   11.138  4.409   1.00 10.82  ? 96  VAL A CA  1 
ATOM   742  C C   . VAL A 1 96 ? 1.095   10.969  5.834   1.00 12.83  ? 96  VAL A C   1 
ATOM   743  O O   . VAL A 1 96 ? 0.456   11.297  6.828   1.00 12.69  ? 96  VAL A O   1 
ATOM   744  C CB  . VAL A 1 96 ? 0.665   12.600  3.907   1.00 10.40  ? 96  VAL A CB  1 
ATOM   745  C CG1 . VAL A 1 96 ? 2.136   13.088  3.943   1.00 10.10  ? 96  VAL A CG1 1 
ATOM   746  C CG2 . VAL A 1 96 ? 0.098   12.704  2.484   1.00 9.72   ? 96  VAL A CG2 1 
ATOM   747  N N   . GLN A 1 97 ? 2.351   10.460  5.822   1.00 16.24  ? 97  GLN A N   1 
ATOM   748  C CA  . GLN A 1 97 ? 3.368   10.266  6.880   1.00 19.45  ? 97  GLN A CA  1 
ATOM   749  C C   . GLN A 1 97 ? 3.311   11.136  8.095   1.00 21.68  ? 97  GLN A C   1 
ATOM   750  O O   . GLN A 1 97 ? 2.496   12.031  8.255   1.00 23.18  ? 97  GLN A O   1 
ATOM   751  C CB  . GLN A 1 97 ? 4.785   10.506  6.289   1.00 19.75  ? 97  GLN A CB  1 
ATOM   752  C CG  . GLN A 1 97 ? 5.962   10.241  7.236   1.00 19.37  ? 97  GLN A CG  1 
ATOM   753  C CD  . GLN A 1 97 ? 7.271   11.013  6.956   1.00 21.59  ? 97  GLN A CD  1 
ATOM   754  O OE1 . GLN A 1 97 ? 7.308   12.247  6.958   1.00 21.49  ? 97  GLN A OE1 1 
ATOM   755  N NE2 . GLN A 1 97 ? 8.415   10.361  6.762   1.00 22.00  ? 97  GLN A NE2 1 
ATOM   756  N N   . ASP A 1 98 ? 4.237   10.840  8.980   1.00 23.65  ? 98  ASP A N   1 
ATOM   757  C CA  . ASP A 1 98 ? 4.334   11.549  10.217  1.00 25.89  ? 98  ASP A CA  1 
ATOM   758  C C   . ASP A 1 98 ? 3.351   12.701  10.321  1.00 26.29  ? 98  ASP A C   1 
ATOM   759  O O   . ASP A 1 98 ? 2.350   12.590  11.035  1.00 26.80  ? 98  ASP A O   1 
ATOM   760  C CB  . ASP A 1 98 ? 5.750   12.035  10.419  1.00 26.37  ? 98  ASP A CB  1 
ATOM   761  C CG  . ASP A 1 98 ? 6.756   10.935  10.136  1.00 28.33  ? 98  ASP A CG  1 
ATOM   762  O OD1 . ASP A 1 98 ? 6.486   9.756   10.488  1.00 29.22  ? 98  ASP A OD1 1 
ATOM   763  O OD2 . ASP A 1 98 ? 7.812   11.234  9.540   1.00 30.54  ? 98  ASP A OD2 1 
ATOM   764  N N   . SER B 1 1  ? -10.525 -8.021  -11.003 1.00 5.99   ? 1   SER B N   1 
ATOM   765  C CA  . SER B 1 1  ? -10.833 -7.097  -9.881  1.00 6.33   ? 1   SER B CA  1 
ATOM   766  C C   . SER B 1 1  ? -9.557  -6.396  -9.390  1.00 6.12   ? 1   SER B C   1 
ATOM   767  O O   . SER B 1 1  ? -8.456  -6.901  -9.603  1.00 5.88   ? 1   SER B O   1 
ATOM   768  C CB  . SER B 1 1  ? -11.517 -7.864  -8.758  1.00 6.82   ? 1   SER B CB  1 
ATOM   769  O OG  . SER B 1 1  ? -10.621 -8.790  -8.158  1.00 9.20   ? 1   SER B OG  1 
ATOM   770  N N   . TRP B 1 2  ? -9.710  -5.246  -8.733  1.00 5.75   ? 2   TRP B N   1 
ATOM   771  C CA  . TRP B 1 2  ? -8.553  -4.523  -8.195  1.00 5.94   ? 2   TRP B CA  1 
ATOM   772  C C   . TRP B 1 2  ? -7.807  -5.353  -7.161  1.00 6.51   ? 2   TRP B C   1 
ATOM   773  O O   . TRP B 1 2  ? -8.417  -6.070  -6.373  1.00 6.57   ? 2   TRP B O   1 
ATOM   774  C CB  . TRP B 1 2  ? -8.965  -3.181  -7.608  1.00 5.33   ? 2   TRP B CB  1 
ATOM   775  C CG  . TRP B 1 2  ? -9.504  -2.228  -8.624  1.00 5.62   ? 2   TRP B CG  1 
ATOM   776  C CD1 . TRP B 1 2  ? -10.806 -1.866  -8.801  1.00 5.14   ? 2   TRP B CD1 1 
ATOM   777  C CD2 . TRP B 1 2  ? -8.747  -1.514  -9.616  1.00 4.68   ? 2   TRP B CD2 1 
ATOM   778  N NE1 . TRP B 1 2  ? -10.909 -0.972  -9.849  1.00 5.18   ? 2   TRP B NE1 1 
ATOM   779  C CE2 . TRP B 1 2  ? -9.658  -0.730  -10.355 1.00 3.71   ? 2   TRP B CE2 1 
ATOM   780  C CE3 . TRP B 1 2  ? -7.380  -1.453  -9.939  1.00 3.75   ? 2   TRP B CE3 1 
ATOM   781  C CZ2 . TRP B 1 2  ? -9.251  0.103   -11.402 1.00 4.46   ? 2   TRP B CZ2 1 
ATOM   782  C CZ3 . TRP B 1 2  ? -6.977  -0.639  -10.988 1.00 2.92   ? 2   TRP B CZ3 1 
ATOM   783  C CH2 . TRP B 1 2  ? -7.906  0.134   -11.700 1.00 4.22   ? 2   TRP B CH2 1 
ATOM   784  N N   . VAL B 1 3  ? -6.479  -5.275  -7.197  1.00 6.84   ? 3   VAL B N   1 
ATOM   785  C CA  . VAL B 1 3  ? -5.619  -5.941  -6.226  1.00 7.05   ? 3   VAL B CA  1 
ATOM   786  C C   . VAL B 1 3  ? -4.997  -4.866  -5.328  1.00 7.15   ? 3   VAL B C   1 
ATOM   787  O O   . VAL B 1 3  ? -4.190  -4.065  -5.786  1.00 7.46   ? 3   VAL B O   1 
ATOM   788  C CB  . VAL B 1 3  ? -4.521  -6.805  -6.936  1.00 7.30   ? 3   VAL B CB  1 
ATOM   789  C CG1 . VAL B 1 3  ? -3.556  -7.430  -5.923  1.00 7.56   ? 3   VAL B CG1 1 
ATOM   790  C CG2 . VAL B 1 3  ? -5.168  -7.909  -7.788  1.00 6.76   ? 3   VAL B CG2 1 
ATOM   791  N N   . TRP B 1 4  ? -5.401  -4.836  -4.061  1.00 6.89   ? 4   TRP B N   1 
ATOM   792  C CA  . TRP B 1 4  ? -4.932  -3.807  -3.119  1.00 6.82   ? 4   TRP B CA  1 
ATOM   793  C C   . TRP B 1 4  ? -4.004  -4.329  -2.023  1.00 7.08   ? 4   TRP B C   1 
ATOM   794  O O   . TRP B 1 4  ? -3.326  -3.543  -1.337  1.00 6.98   ? 4   TRP B O   1 
ATOM   795  C CB  . TRP B 1 4  ? -6.102  -3.071  -2.468  1.00 6.71   ? 4   TRP B CB  1 
ATOM   796  C CG  . TRP B 1 4  ? -7.072  -2.430  -3.407  1.00 6.09   ? 4   TRP B CG  1 
ATOM   797  C CD1 . TRP B 1 4  ? -8.339  -2.847  -3.678  1.00 7.17   ? 4   TRP B CD1 1 
ATOM   798  C CD2 . TRP B 1 4  ? -6.869  -1.237  -4.166  1.00 6.04   ? 4   TRP B CD2 1 
ATOM   799  N NE1 . TRP B 1 4  ? -8.936  -2.004  -4.592  1.00 6.35   ? 4   TRP B NE1 1 
ATOM   800  C CE2 . TRP B 1 4  ? -8.055  -1.005  -4.905  1.00 5.95   ? 4   TRP B CE2 1 
ATOM   801  C CE3 . TRP B 1 4  ? -5.790  -0.355  -4.323  1.00 5.49   ? 4   TRP B CE3 1 
ATOM   802  C CZ2 . TRP B 1 4  ? -8.199  0.086   -5.770  1.00 4.86   ? 4   TRP B CZ2 1 
ATOM   803  C CZ3 . TRP B 1 4  ? -5.937  0.725   -5.191  1.00 5.86   ? 4   TRP B CZ3 1 
ATOM   804  C CH2 . TRP B 1 4  ? -7.130  0.929   -5.904  1.00 5.14   ? 4   TRP B CH2 1 
ATOM   805  N N   . ASN B 1 5  ? -3.954  -5.649  -1.859  1.00 7.31   ? 5   ASN B N   1 
ATOM   806  C CA  . ASN B 1 5  ? -3.259  -6.259  -0.711  1.00 8.63   ? 5   ASN B CA  1 
ATOM   807  C C   . ASN B 1 5  ? -1.742  -6.390  -0.922  1.00 9.34   ? 5   ASN B C   1 
ATOM   808  O O   . ASN B 1 5  ? -1.157  -7.450  -0.713  1.00 9.37   ? 5   ASN B O   1 
ATOM   809  C CB  . ASN B 1 5  ? -3.921  -7.599  -0.308  1.00 7.72   ? 5   ASN B CB  1 
ATOM   810  C CG  . ASN B 1 5  ? -3.815  -8.667  -1.385  1.00 9.01   ? 5   ASN B CG  1 
ATOM   811  O OD1 . ASN B 1 5  ? -3.865  -8.387  -2.590  1.00 8.30   ? 5   ASN B OD1 1 
ATOM   812  N ND2 . ASN B 1 5  ? -3.676  -9.912  -0.952  1.00 10.47  ? 5   ASN B ND2 1 
ATOM   813  N N   . GLN B 1 6  ? -1.125  -5.293  -1.358  1.00 10.18  ? 6   GLN B N   1 
ATOM   814  C CA  . GLN B 1 6  ? 0.309   -5.228  -1.611  1.00 11.28  ? 6   GLN B CA  1 
ATOM   815  C C   . GLN B 1 6  ? 0.752   -3.922  -1.003  1.00 11.51  ? 6   GLN B C   1 
ATOM   816  O O   . GLN B 1 6  ? -0.032  -2.949  -0.931  1.00 12.85  ? 6   GLN B O   1 
ATOM   817  C CB  . GLN B 1 6  ? 0.644   -5.261  -3.107  1.00 11.44  ? 6   GLN B CB  1 
ATOM   818  C CG  . GLN B 1 6  ? 0.266   -6.575  -3.808  1.00 14.18  ? 6   GLN B CG  1 
ATOM   819  C CD  . GLN B 1 6  ? 0.691   -6.614  -5.239  1.00 15.81  ? 6   GLN B CD  1 
ATOM   820  O OE1 . GLN B 1 6  ? 1.204   -5.625  -5.777  1.00 17.97  ? 6   GLN B OE1 1 
ATOM   821  N NE2 . GLN B 1 6  ? 0.493   -7.776  -5.893  1.00 18.33  ? 6   GLN B NE2 1 
ATOM   822  N N   . MET B 1 7  ? 1.968   -3.905  -0.490  1.00 10.59  ? 7   MET B N   1 
ATOM   823  C CA  . MET B 1 7  ? 2.502   -2.685  0.097   1.00 10.87  ? 7   MET B CA  1 
ATOM   824  C C   . MET B 1 7  ? 3.899   -2.564  -0.455  1.00 10.15  ? 7   MET B C   1 
ATOM   825  O O   . MET B 1 7  ? 4.616   -3.553  -0.566  1.00 10.84  ? 7   MET B O   1 
ATOM   826  C CB  . MET B 1 7  ? 2.564   -2.742  1.634   1.00 10.22  ? 7   MET B CB  1 
ATOM   827  C CG  . MET B 1 7  ? 1.254   -2.919  2.381   1.00 10.96  ? 7   MET B CG  1 
ATOM   828  S SD  . MET B 1 7  ? 1.560   -3.261  4.116   1.00 10.97  ? 7   MET B SD  1 
ATOM   829  C CE  . MET B 1 7  ? -0.040  -3.919  4.568   1.00 12.24  ? 7   MET B CE  1 
ATOM   830  N N   . PHE B 1 8  ? 4.285   -1.360  -0.826  1.00 10.01  ? 8   PHE B N   1 
ATOM   831  C CA  . PHE B 1 8  ? 5.621   -1.138  -1.335  1.00 9.79   ? 8   PHE B CA  1 
ATOM   832  C C   . PHE B 1 8  ? 6.465   -0.414  -0.289  1.00 10.21  ? 8   PHE B C   1 
ATOM   833  O O   . PHE B 1 8  ? 5.976   0.493   0.404   1.00 9.93   ? 8   PHE B O   1 
ATOM   834  C CB  . PHE B 1 8  ? 5.542   -0.349  -2.641  1.00 10.09  ? 8   PHE B CB  1 
ATOM   835  C CG  . PHE B 1 8  ? 4.941   -1.141  -3.787  1.00 10.59  ? 8   PHE B CG  1 
ATOM   836  C CD1 . PHE B 1 8  ? 3.555   -1.234  -3.935  1.00 11.69  ? 8   PHE B CD1 1 
ATOM   837  C CD2 . PHE B 1 8  ? 5.750   -1.824  -4.670  1.00 11.17  ? 8   PHE B CD2 1 
ATOM   838  C CE1 . PHE B 1 8  ? 2.987   -1.959  -4.966  1.00 13.24  ? 8   PHE B CE1 1 
ATOM   839  C CE2 . PHE B 1 8  ? 5.179   -2.557  -5.737  1.00 12.63  ? 8   PHE B CE2 1 
ATOM   840  C CZ  . PHE B 1 8  ? 3.804   -2.625  -5.869  1.00 11.08  ? 8   PHE B CZ  1 
ATOM   841  N N   . VAL B 1 9  ? 7.735   -0.807  -0.179  1.00 10.09  ? 9   VAL B N   1 
ATOM   842  C CA  . VAL B 1 9  ? 8.678   -0.154  0.741   1.00 10.33  ? 9   VAL B CA  1 
ATOM   843  C C   . VAL B 1 9  ? 9.935   0.174   -0.047  1.00 9.96   ? 9   VAL B C   1 
ATOM   844  O O   . VAL B 1 9  ? 10.452  -0.658  -0.764  1.00 9.62   ? 9   VAL B O   1 
ATOM   845  C CB  . VAL B 1 9  ? 9.085   -1.090  1.919   1.00 9.71   ? 9   VAL B CB  1 
ATOM   846  C CG1 . VAL B 1 9  ? 9.916   -0.344  2.966   1.00 10.71  ? 9   VAL B CG1 1 
ATOM   847  C CG2 . VAL B 1 9  ? 7.887   -1.665  2.551   1.00 10.62  ? 9   VAL B CG2 1 
ATOM   848  N N   . LEU B 1 10 ? 10.422  1.393   0.126   1.00 10.34  ? 10  LEU B N   1 
ATOM   849  C CA  . LEU B 1 10 ? 11.641  1.837   -0.510  1.00 10.70  ? 10  LEU B CA  1 
ATOM   850  C C   . LEU B 1 10 ? 12.875  1.449   0.296   1.00 10.59  ? 10  LEU B C   1 
ATOM   851  O O   . LEU B 1 10 ? 13.080  1.938   1.402   1.00 10.28  ? 10  LEU B O   1 
ATOM   852  C CB  . LEU B 1 10 ? 11.569  3.351   -0.747  1.00 10.88  ? 10  LEU B CB  1 
ATOM   853  C CG  . LEU B 1 10 ? 10.385  3.749   -1.640  1.00 11.36  ? 10  LEU B CG  1 
ATOM   854  C CD1 . LEU B 1 10 ? 9.945   5.129   -1.325  1.00 13.53  ? 10  LEU B CD1 1 
ATOM   855  C CD2 . LEU B 1 10 ? 10.721  3.608   -3.117  1.00 11.54  ? 10  LEU B CD2 1 
ATOM   856  N N   . GLU B 1 11 ? 13.667  0.540   -0.263  1.00 10.74  ? 11  GLU B N   1 
ATOM   857  C CA  . GLU B 1 11 ? 14.899  0.037   0.350   1.00 10.99  ? 11  GLU B CA  1 
ATOM   858  C C   . GLU B 1 11 ? 15.835  1.158   0.805   1.00 10.57  ? 11  GLU B C   1 
ATOM   859  O O   . GLU B 1 11 ? 16.328  1.128   1.933   1.00 10.18  ? 11  GLU B O   1 
ATOM   860  C CB  . GLU B 1 11 ? 15.627  -0.890  -0.627  1.00 12.04  ? 11  GLU B CB  1 
ATOM   861  C CG  . GLU B 1 11 ? 17.109  -1.035  -0.357  1.00 14.42  ? 11  GLU B CG  1 
ATOM   862  C CD  . GLU B 1 11 ? 17.845  -1.686  -1.479  1.00 15.57  ? 11  GLU B CD  1 
ATOM   863  O OE1 . GLU B 1 11 ? 19.059  -1.404  -1.622  1.00 19.13  ? 11  GLU B OE1 1 
ATOM   864  O OE2 . GLU B 1 11 ? 17.224  -2.475  -2.226  1.00 18.59  ? 11  GLU B OE2 1 
ATOM   865  N N   . GLU B 1 12 ? 16.054  2.145   -0.067  1.00 10.09  ? 12  GLU B N   1 
ATOM   866  C CA  . GLU B 1 12 ? 16.924  3.287   0.241   1.00 10.82  ? 12  GLU B CA  1 
ATOM   867  C C   . GLU B 1 12 ? 16.634  3.993   1.581   1.00 10.47  ? 12  GLU B C   1 
ATOM   868  O O   . GLU B 1 12 ? 17.550  4.489   2.245   1.00 9.81   ? 12  GLU B O   1 
ATOM   869  C CB  . GLU B 1 12 ? 16.913  4.309   -0.896  1.00 11.09  ? 12  GLU B CB  1 
ATOM   870  C CG  . GLU B 1 12 ? 18.088  5.297   -0.841  1.00 14.74  ? 12  GLU B CG  1 
ATOM   871  C CD  . GLU B 1 12 ? 19.434  4.649   -0.446  1.00 19.47  ? 12  GLU B CD  1 
ATOM   872  O OE1 . GLU B 1 12 ? 20.035  3.911   -1.282  1.00 21.86  ? 12  GLU B OE1 1 
ATOM   873  O OE2 . GLU B 1 12 ? 19.905  4.912   0.691   1.00 19.44  ? 12  GLU B OE2 1 
ATOM   874  N N   . PHE B 1 13 ? 15.368  4.049   1.965   1.00 9.85   ? 13  PHE B N   1 
ATOM   875  C CA  . PHE B 1 13 ? 15.003  4.769   3.181   1.00 10.51  ? 13  PHE B CA  1 
ATOM   876  C C   . PHE B 1 13 ? 14.949  3.850   4.408   1.00 9.77   ? 13  PHE B C   1 
ATOM   877  O O   . PHE B 1 13 ? 14.698  4.315   5.517   1.00 10.96  ? 13  PHE B O   1 
ATOM   878  C CB  . PHE B 1 13 ? 13.708  5.587   2.955   1.00 11.03  ? 13  PHE B CB  1 
ATOM   879  C CG  . PHE B 1 13 ? 13.774  6.517   1.740   1.00 11.16  ? 13  PHE B CG  1 
ATOM   880  C CD1 . PHE B 1 13 ? 12.811  6.448   0.740   1.00 11.42  ? 13  PHE B CD1 1 
ATOM   881  C CD2 . PHE B 1 13 ? 14.813  7.447   1.605   1.00 11.34  ? 13  PHE B CD2 1 
ATOM   882  C CE1 . PHE B 1 13 ? 12.863  7.294   -0.387  1.00 10.96  ? 13  PHE B CE1 1 
ATOM   883  C CE2 . PHE B 1 13 ? 14.885  8.303   0.487   1.00 12.82  ? 13  PHE B CE2 1 
ATOM   884  C CZ  . PHE B 1 13 ? 13.899  8.211   -0.525  1.00 11.61  ? 13  PHE B CZ  1 
ATOM   885  N N   . SER B 1 14 ? 15.209  2.553   4.209   1.00 9.44   ? 14  SER B N   1 
ATOM   886  C CA  . SER B 1 14 ? 15.222  1.562   5.304   1.00 8.59   ? 14  SER B CA  1 
ATOM   887  C C   . SER B 1 14 ? 16.535  1.587   6.089   1.00 8.55   ? 14  SER B C   1 
ATOM   888  O O   . SER B 1 14 ? 17.520  2.186   5.652   1.00 8.31   ? 14  SER B O   1 
ATOM   889  C CB  . SER B 1 14 ? 14.971  0.147   4.788   1.00 8.05   ? 14  SER B CB  1 
ATOM   890  O OG  . SER B 1 14 ? 16.084  -0.309  4.015   1.00 9.82   ? 14  SER B OG  1 
ATOM   891  N N   . GLY B 1 15 ? 16.545  0.919   7.244   1.00 7.99   ? 15  GLY B N   1 
ATOM   892  C CA  . GLY B 1 15 ? 17.738  0.885   8.101   1.00 8.36   ? 15  GLY B CA  1 
ATOM   893  C C   . GLY B 1 15 ? 17.351  0.626   9.548   1.00 8.08   ? 15  GLY B C   1 
ATOM   894  O O   . GLY B 1 15 ? 16.249  0.130   9.805   1.00 7.82   ? 15  GLY B O   1 
ATOM   895  N N   . PRO B 1 16 ? 18.242  0.949   10.509  1.00 8.47   ? 16  PRO B N   1 
ATOM   896  C CA  . PRO B 1 16 ? 17.880  0.735   11.920  1.00 8.67   ? 16  PRO B CA  1 
ATOM   897  C C   . PRO B 1 16 ? 16.713  1.597   12.420  1.00 8.95   ? 16  PRO B C   1 
ATOM   898  O O   . PRO B 1 16 ? 15.959  1.165   13.309  1.00 9.40   ? 16  PRO B O   1 
ATOM   899  C CB  . PRO B 1 16 ? 19.173  1.079   12.674  1.00 8.92   ? 16  PRO B CB  1 
ATOM   900  C CG  . PRO B 1 16 ? 20.255  1.003   11.638  1.00 8.51   ? 16  PRO B CG  1 
ATOM   901  C CD  . PRO B 1 16 ? 19.611  1.483   10.386  1.00 8.90   ? 16  PRO B CD  1 
ATOM   902  N N   . GLU B 1 17 ? 16.559  2.796   11.867  1.00 8.54   ? 17  GLU B N   1 
ATOM   903  C CA  . GLU B 1 17 ? 15.397  3.633   12.191  1.00 8.62   ? 17  GLU B CA  1 
ATOM   904  C C   . GLU B 1 17 ? 14.146  3.109   11.464  1.00 7.93   ? 17  GLU B C   1 
ATOM   905  O O   . GLU B 1 17 ? 14.154  2.981   10.233  1.00 8.07   ? 17  GLU B O   1 
ATOM   906  C CB  . GLU B 1 17 ? 15.668  5.101   11.838  1.00 8.52   ? 17  GLU B CB  1 
ATOM   907  C CG  . GLU B 1 17 ? 16.564  5.815   12.843  1.00 9.65   ? 17  GLU B CG  1 
ATOM   908  C CD  . GLU B 1 17 ? 17.111  7.136   12.327  1.00 11.94  ? 17  GLU B CD  1 
ATOM   909  O OE1 . GLU B 1 17 ? 17.120  7.351   11.086  1.00 14.49  ? 17  GLU B OE1 1 
ATOM   910  O OE2 . GLU B 1 17 ? 17.560  7.953   13.165  1.00 13.89  ? 17  GLU B OE2 1 
ATOM   911  N N   . PRO B 1 18 ? 13.074  2.782   12.218  1.00 7.20   ? 18  PRO B N   1 
ATOM   912  C CA  . PRO B 1 18 ? 11.903  2.173   11.579  1.00 7.12   ? 18  PRO B CA  1 
ATOM   913  C C   . PRO B 1 18 ? 11.154  3.108   10.625  1.00 6.71   ? 18  PRO B C   1 
ATOM   914  O O   . PRO B 1 18 ? 10.997  4.302   10.899  1.00 6.55   ? 18  PRO B O   1 
ATOM   915  C CB  . PRO B 1 18 ? 11.024  1.780   12.765  1.00 7.19   ? 18  PRO B CB  1 
ATOM   916  C CG  . PRO B 1 18 ? 11.966  1.777   13.949  1.00 7.53   ? 18  PRO B CG  1 
ATOM   917  C CD  . PRO B 1 18 ? 12.879  2.903   13.673  1.00 7.34   ? 18  PRO B CD  1 
ATOM   918  N N   . ILE B 1 19 ? 10.749  2.570   9.485   1.00 5.87   ? 19  ILE B N   1 
ATOM   919  C CA  . ILE B 1 19 ? 9.961   3.332   8.533   1.00 6.03   ? 19  ILE B CA  1 
ATOM   920  C C   . ILE B 1 19 ? 8.626   2.607   8.335   1.00 6.23   ? 19  ILE B C   1 
ATOM   921  O O   . ILE B 1 19 ? 8.590   1.379   8.232   1.00 6.25   ? 19  ILE B O   1 
ATOM   922  C CB  . ILE B 1 19 ? 10.700  3.600   7.165   1.00 5.99   ? 19  ILE B CB  1 
ATOM   923  C CG1 . ILE B 1 19 ? 11.146  2.307   6.498   1.00 5.73   ? 19  ILE B CG1 1 
ATOM   924  C CG2 . ILE B 1 19 ? 11.899  4.537   7.375   1.00 5.65   ? 19  ILE B CG2 1 
ATOM   925  C CD1 . ILE B 1 19 ? 11.468  2.446   4.956   1.00 8.18   ? 19  ILE B CD1 1 
ATOM   926  N N   . LEU B 1 20 ? 7.550   3.388   8.296   1.00 6.10   ? 20  LEU B N   1 
ATOM   927  C CA  . LEU B 1 20 ? 6.209   2.882   8.099   1.00 6.44   ? 20  LEU B CA  1 
ATOM   928  C C   . LEU B 1 20 ? 6.037   2.264   6.711   1.00 6.55   ? 20  LEU B C   1 
ATOM   929  O O   . LEU B 1 20 ? 6.415   2.874   5.698   1.00 6.19   ? 20  LEU B O   1 
ATOM   930  C CB  . LEU B 1 20 ? 5.193   4.001   8.286   1.00 6.72   ? 20  LEU B CB  1 
ATOM   931  C CG  . LEU B 1 20 ? 3.733   3.562   8.214   1.00 7.61   ? 20  LEU B CG  1 
ATOM   932  C CD1 . LEU B 1 20 ? 3.366   2.732   9.479   1.00 10.87  ? 20  LEU B CD1 1 
ATOM   933  C CD2 . LEU B 1 20 ? 2.859   4.815   8.117   1.00 8.08   ? 20  LEU B CD2 1 
ATOM   934  N N   . VAL B 1 21 ? 5.477   1.057   6.701   1.00 6.19   ? 21  VAL B N   1 
ATOM   935  C CA  . VAL B 1 21 ? 5.262   0.251   5.482   1.00 6.69   ? 21  VAL B CA  1 
ATOM   936  C C   . VAL B 1 21 ? 3.798   0.346   5.064   1.00 6.60   ? 21  VAL B C   1 
ATOM   937  O O   . VAL B 1 21 ? 3.470   0.555   3.899   1.00 6.09   ? 21  VAL B O   1 
ATOM   938  C CB  . VAL B 1 21 ? 5.598   -1.245  5.714   1.00 6.01   ? 21  VAL B CB  1 
ATOM   939  C CG1 . VAL B 1 21 ? 5.164   -2.105  4.499   1.00 8.05   ? 21  VAL B CG1 1 
ATOM   940  C CG2 . VAL B 1 21 ? 7.076   -1.424  5.941   1.00 7.22   ? 21  VAL B CG2 1 
ATOM   941  N N   . GLY B 1 22 ? 2.916   0.223   6.047   1.00 6.65   ? 22  GLY B N   1 
ATOM   942  C CA  . GLY B 1 22 ? 1.492   0.085   5.772   1.00 6.74   ? 22  GLY B CA  1 
ATOM   943  C C   . GLY B 1 22 ? 0.811   -0.238  7.080   1.00 6.61   ? 22  GLY B C   1 
ATOM   944  O O   . GLY B 1 22 ? 1.416   -0.077  8.142   1.00 6.85   ? 22  GLY B O   1 
ATOM   945  N N   . ARG B 1 23 ? -0.430  -0.699  7.012   0.50 6.14   ? 23  ARG B N   1 
ATOM   946  C CA  . ARG B 1 23 ? -1.220  -0.870  8.222   0.50 6.87   ? 23  ARG B CA  1 
ATOM   947  C C   . ARG B 1 23 ? -2.286  -1.920  7.993   0.50 6.69   ? 23  ARG B C   1 
ATOM   948  O O   . ARG B 1 23 ? -3.008  -1.874  6.994   0.50 6.64   ? 23  ARG B O   1 
ATOM   949  C CB  . ARG B 1 23 ? -1.863  0.464   8.604   0.50 6.68   ? 23  ARG B CB  1 
ATOM   950  C CG  A ARG B 1 23 ? -2.671  0.403   9.901   0.50 7.46   ? 23  ARG B CG  1 
ATOM   951  C CG  B ARG B 1 23 ? -2.915  0.395   9.671   0.50 7.73   ? 23  ARG B CG  1 
ATOM   952  C CD  A ARG B 1 23 ? -3.477  1.679   10.187  0.50 8.27   ? 23  ARG B CD  1 
ATOM   953  C CD  B ARG B 1 23 ? -3.477  1.782   9.888   0.50 9.14   ? 23  ARG B CD  1 
ATOM   954  N NE  A ARG B 1 23 ? -4.585  1.892   9.246   0.50 7.01   ? 23  ARG B NE  1 
ATOM   955  N NE  B ARG B 1 23 ? -2.415  2.771   10.082  0.50 8.55   ? 23  ARG B NE  1 
ATOM   956  C CZ  A ARG B 1 23 ? -5.748  2.467   9.562   0.50 6.16   ? 23  ARG B CZ  1 
ATOM   957  C CZ  B ARG B 1 23 ? -2.585  4.085   9.966   0.50 8.14   ? 23  ARG B CZ  1 
ATOM   958  N NH1 A ARG B 1 23 ? -5.991  2.882   10.808  0.50 6.52   ? 23  ARG B NH1 1 
ATOM   959  N NH1 B ARG B 1 23 ? -3.773  4.582   9.643   0.50 9.04   ? 23  ARG B NH1 1 
ATOM   960  N NH2 A ARG B 1 23 ? -6.678  2.619   8.638   0.50 4.16   ? 23  ARG B NH2 1 
ATOM   961  N NH2 B ARG B 1 23 ? -1.565  4.905   10.165  0.50 7.09   ? 23  ARG B NH2 1 
ATOM   962  N N   . LEU B 1 24 ? -2.369  -2.882  8.906   1.00 6.99   ? 24  LEU B N   1 
ATOM   963  C CA  . LEU B 1 24 ? -3.474  -3.837  8.875   1.00 6.75   ? 24  LEU B CA  1 
ATOM   964  C C   . LEU B 1 24 ? -4.700  -3.148  9.470   1.00 7.27   ? 24  LEU B C   1 
ATOM   965  O O   . LEU B 1 24 ? -4.604  -2.448  10.483  1.00 7.11   ? 24  LEU B O   1 
ATOM   966  C CB  . LEU B 1 24 ? -3.134  -5.114  9.657   1.00 6.68   ? 24  LEU B CB  1 
ATOM   967  C CG  . LEU B 1 24 ? -1.971  -6.001  9.189   1.00 6.98   ? 24  LEU B CG  1 
ATOM   968  C CD1 . LEU B 1 24 ? -1.930  -7.256  10.055  1.00 6.64   ? 24  LEU B CD1 1 
ATOM   969  C CD2 . LEU B 1 24 ? -2.095  -6.337  7.687   1.00 6.17   ? 24  LEU B CD2 1 
ATOM   970  N N   . HIS B 1 25 ? -5.845  -3.338  8.823   1.00 7.71   ? 25  HIS B N   1 
ATOM   971  C CA  . HIS B 1 25 ? -7.077  -2.708  9.251   1.00 8.66   ? 25  HIS B CA  1 
ATOM   972  C C   . HIS B 1 25 ? -8.253  -3.523  8.763   1.00 9.10   ? 25  HIS B C   1 
ATOM   973  O O   . HIS B 1 25 ? -8.291  -4.001  7.603   1.00 7.61   ? 25  HIS B O   1 
ATOM   974  C CB  . HIS B 1 25 ? -7.178  -1.281  8.700   1.00 9.37   ? 25  HIS B CB  1 
ATOM   975  C CG  . HIS B 1 25 ? -8.381  -0.529  9.179   1.00 10.14  ? 25  HIS B CG  1 
ATOM   976  N ND1 . HIS B 1 25 ? -8.495  -0.039  10.462  1.00 12.43  ? 25  HIS B ND1 1 
ATOM   977  C CD2 . HIS B 1 25 ? -9.516  -0.171  8.537   1.00 10.08  ? 25  HIS B CD2 1 
ATOM   978  C CE1 . HIS B 1 25 ? -9.654  0.579   10.593  1.00 12.29  ? 25  HIS B CE1 1 
ATOM   979  N NE2 . HIS B 1 25 ? -10.287 0.521   9.437   1.00 10.66  ? 25  HIS B NE2 1 
ATOM   980  N N   . THR B 1 26 ? -9.188  -3.691  9.682   1.00 9.40   ? 26  THR B N   1 
ATOM   981  C CA  . THR B 1 26 ? -10.490 -4.296  9.424   1.00 11.03  ? 26  THR B CA  1 
ATOM   982  C C   . THR B 1 26 ? -11.542 -3.214  9.599   1.00 11.53  ? 26  THR B C   1 
ATOM   983  O O   . THR B 1 26 ? -11.436 -2.386  10.507  1.00 11.24  ? 26  THR B O   1 
ATOM   984  C CB  . THR B 1 26 ? -10.798 -5.402  10.450  1.00 10.66  ? 26  THR B CB  1 
ATOM   985  O OG1 . THR B 1 26 ? -9.812  -6.434  10.334  1.00 13.45  ? 26  THR B OG1 1 
ATOM   986  C CG2 . THR B 1 26 ? -12.156 -5.998  10.194  1.00 11.17  ? 26  THR B CG2 1 
ATOM   987  N N   . ASP B 1 27 ? -12.564 -3.213  8.751   1.00 12.81  ? 27  ASP B N   1 
ATOM   988  C CA  . ASP B 1 27 ? -13.695 -2.319  9.012   1.00 14.43  ? 27  ASP B CA  1 
ATOM   989  C C   . ASP B 1 27 ? -14.697 -2.912  10.010  1.00 15.14  ? 27  ASP B C   1 
ATOM   990  O O   . ASP B 1 27 ? -15.892 -2.961  9.742   1.00 15.72  ? 27  ASP B O   1 
ATOM   991  C CB  . ASP B 1 27 ? -14.384 -1.887  7.706   1.00 14.54  ? 27  ASP B CB  1 
ATOM   992  C CG  . ASP B 1 27 ? -14.868 -3.064  6.876   1.00 13.68  ? 27  ASP B CG  1 
ATOM   993  O OD1 . ASP B 1 27 ? -14.845 -2.946  5.640   1.00 16.52  ? 27  ASP B OD1 1 
ATOM   994  O OD2 . ASP B 1 27 ? -15.253 -4.103  7.438   1.00 10.97  ? 27  ASP B OD2 1 
ATOM   995  N N   . LEU B 1 28 ? -14.213 -3.358  11.167  1.00 17.00  ? 28  LEU B N   1 
ATOM   996  C CA  . LEU B 1 28 ? -15.119 -3.726  12.285  1.00 17.78  ? 28  LEU B CA  1 
ATOM   997  C C   . LEU B 1 28 ? -14.974 -2.795  13.476  1.00 18.53  ? 28  LEU B C   1 
ATOM   998  O O   . LEU B 1 28 ? -13.936 -2.159  13.639  1.00 19.45  ? 28  LEU B O   1 
ATOM   999  C CB  . LEU B 1 28 ? -14.868 -5.163  12.747  1.00 17.90  ? 28  LEU B CB  1 
ATOM   1000 C CG  . LEU B 1 28 ? -15.347 -6.343  11.895  1.00 18.60  ? 28  LEU B CG  1 
ATOM   1001 C CD1 . LEU B 1 28 ? -14.874 -7.640  12.529  1.00 19.19  ? 28  LEU B CD1 1 
ATOM   1002 C CD2 . LEU B 1 28 ? -16.870 -6.349  11.725  1.00 18.88  ? 28  LEU B CD2 1 
ATOM   1003 N N   . ASP B 1 29 ? -16.016 -2.716  14.306  1.00 19.58  ? 29  ASP B N   1 
ATOM   1004 C CA  . ASP B 1 29 ? -15.957 -2.001  15.594  1.00 20.23  ? 29  ASP B CA  1 
ATOM   1005 C C   . ASP B 1 29 ? -15.887 -2.958  16.776  1.00 20.21  ? 29  ASP B C   1 
ATOM   1006 O O   . ASP B 1 29 ? -15.091 -3.892  16.780  1.00 20.60  ? 29  ASP B O   1 
ATOM   1007 C CB  . ASP B 1 29 ? -17.163 -1.074  15.770  1.00 20.45  ? 29  ASP B CB  1 
ATOM   1008 C CG  . ASP B 1 29 ? -16.935 0.304   15.166  1.00 21.85  ? 29  ASP B CG  1 
ATOM   1009 O OD1 . ASP B 1 29 ? -16.095 0.430   14.244  1.00 23.22  ? 29  ASP B OD1 1 
ATOM   1010 O OD2 . ASP B 1 29 ? -17.608 1.262   15.613  1.00 22.82  ? 29  ASP B OD2 1 
ATOM   1011 N N   . LYS B 1 34 ? -10.249 -3.120  20.953  1.00 16.27  ? 34  LYS B N   1 
ATOM   1012 C CA  . LYS B 1 34 ? -11.060 -4.275  20.550  1.00 16.27  ? 34  LYS B CA  1 
ATOM   1013 C C   . LYS B 1 34 ? -10.344 -5.277  19.609  1.00 14.74  ? 34  LYS B C   1 
ATOM   1014 O O   . LYS B 1 34 ? -10.253 -6.466  19.929  1.00 15.36  ? 34  LYS B O   1 
ATOM   1015 C CB  . LYS B 1 34 ? -12.413 -3.813  19.965  1.00 17.21  ? 34  LYS B CB  1 
ATOM   1016 C CG  . LYS B 1 34 ? -13.204 -4.879  19.191  1.00 17.84  ? 34  LYS B CG  1 
ATOM   1017 C CD  . LYS B 1 34 ? -14.044 -5.758  20.117  1.00 20.31  ? 34  LYS B CD  1 
ATOM   1018 C CE  . LYS B 1 34 ? -14.552 -7.013  19.381  1.00 20.84  ? 34  LYS B CE  1 
ATOM   1019 N NZ  . LYS B 1 34 ? -15.347 -7.900  20.288  1.00 23.11  ? 34  LYS B NZ  1 
ATOM   1020 N N   . ILE B 1 35 ? -9.854  -4.825  18.458  1.00 13.48  ? 35  ILE B N   1 
ATOM   1021 C CA  . ILE B 1 35 ? -9.236  -5.728  17.493  1.00 11.28  ? 35  ILE B CA  1 
ATOM   1022 C C   . ILE B 1 35 ? -7.731  -5.864  17.775  1.00 10.26  ? 35  ILE B C   1 
ATOM   1023 O O   . ILE B 1 35 ? -7.014  -4.861  17.842  1.00 10.12  ? 35  ILE B O   1 
ATOM   1024 C CB  . ILE B 1 35 ? -9.489  -5.247  16.019  1.00 12.02  ? 35  ILE B CB  1 
ATOM   1025 C CG1 . ILE B 1 35 ? -10.992 -5.072  15.752  1.00 13.94  ? 35  ILE B CG1 1 
ATOM   1026 C CG2 . ILE B 1 35 ? -8.858  -6.202  14.986  1.00 10.73  ? 35  ILE B CG2 1 
ATOM   1027 C CD1 . ILE B 1 35 ? -11.303 -4.091  14.633  1.00 15.14  ? 35  ILE B CD1 1 
ATOM   1028 N N   . LYS B 1 36 ? -7.256  -7.098  17.927  1.00 8.50   ? 36  LYS B N   1 
ATOM   1029 C CA  . LYS B 1 36 ? -5.823  -7.365  18.035  1.00 7.65   ? 36  LYS B CA  1 
ATOM   1030 C C   . LYS B 1 36 ? -5.262  -7.815  16.679  1.00 7.09   ? 36  LYS B C   1 
ATOM   1031 O O   . LYS B 1 36 ? -5.738  -8.804  16.115  1.00 6.61   ? 36  LYS B O   1 
ATOM   1032 C CB  . LYS B 1 36 ? -5.554  -8.428  19.096  1.00 7.41   ? 36  LYS B CB  1 
ATOM   1033 C CG  . LYS B 1 36 ? -4.098  -8.818  19.227  1.00 7.29   ? 36  LYS B CG  1 
ATOM   1034 C CD  . LYS B 1 36 ? -3.876  -9.727  20.446  1.00 9.32   ? 36  LYS B CD  1 
ATOM   1035 C CE  . LYS B 1 36 ? -2.412  -10.144 20.488  1.00 9.60   ? 36  LYS B CE  1 
ATOM   1036 N NZ  . LYS B 1 36 ? -2.169  -11.208 21.481  1.00 12.63  ? 36  LYS B NZ  1 
ATOM   1037 N N   . TYR B 1 37 ? -4.261  -7.089  16.172  1.00 6.57   ? 37  TYR B N   1 
ATOM   1038 C CA  . TYR B 1 37 ? -3.650  -7.397  14.864  1.00 6.88   ? 37  TYR B CA  1 
ATOM   1039 C C   . TYR B 1 37 ? -2.402  -8.255  15.033  1.00 6.83   ? 37  TYR B C   1 
ATOM   1040 O O   . TYR B 1 37 ? -1.512  -7.952  15.849  1.00 6.76   ? 37  TYR B O   1 
ATOM   1041 C CB  . TYR B 1 37 ? -3.326  -6.116  14.071  1.00 7.03   ? 37  TYR B CB  1 
ATOM   1042 C CG  . TYR B 1 37 ? -4.564  -5.349  13.679  1.00 7.32   ? 37  TYR B CG  1 
ATOM   1043 C CD1 . TYR B 1 37 ? -5.008  -4.273  14.452  1.00 6.74   ? 37  TYR B CD1 1 
ATOM   1044 C CD2 . TYR B 1 37 ? -5.325  -5.729  12.568  1.00 5.76   ? 37  TYR B CD2 1 
ATOM   1045 C CE1 . TYR B 1 37 ? -6.171  -3.573  14.120  1.00 6.95   ? 37  TYR B CE1 1 
ATOM   1046 C CE2 . TYR B 1 37 ? -6.475  -5.035  12.216  1.00 6.22   ? 37  TYR B CE2 1 
ATOM   1047 C CZ  . TYR B 1 37 ? -6.900  -3.953  12.993  1.00 7.25   ? 37  TYR B CZ  1 
ATOM   1048 O OH  . TYR B 1 37 ? -8.056  -3.260  12.657  1.00 5.90   ? 37  TYR B OH  1 
ATOM   1049 N N   . ILE B 1 38 ? -2.367  -9.341  14.278  1.00 6.37   ? 38  ILE B N   1 
ATOM   1050 C CA  . ILE B 1 38 ? -1.308  -10.318 14.386  1.00 6.53   ? 38  ILE B CA  1 
ATOM   1051 C C   . ILE B 1 38 ? -0.656  -10.493 13.020  1.00 6.24   ? 38  ILE B C   1 
ATOM   1052 O O   . ILE B 1 38 ? -1.347  -10.598 12.004  1.00 6.01   ? 38  ILE B O   1 
ATOM   1053 C CB  . ILE B 1 38 ? -1.822  -11.658 14.978  1.00 6.55   ? 38  ILE B CB  1 
ATOM   1054 C CG1 . ILE B 1 38 ? -2.263  -11.433 16.433  1.00 7.20   ? 38  ILE B CG1 1 
ATOM   1055 C CG2 . ILE B 1 38 ? -0.754  -12.734 14.905  1.00 6.71   ? 38  ILE B CG2 1 
ATOM   1056 C CD1 . ILE B 1 38 ? -2.738  -12.671 17.178  1.00 9.87   ? 38  ILE B CD1 1 
ATOM   1057 N N   . LEU B 1 39 ? 0.674   -10.508 13.012  1.00 6.28   ? 39  LEU B N   1 
ATOM   1058 C CA  . LEU B 1 39 ? 1.427   -10.653 11.770  1.00 7.10   ? 39  LEU B CA  1 
ATOM   1059 C C   . LEU B 1 39 ? 2.311   -11.894 11.783  1.00 7.00   ? 39  LEU B C   1 
ATOM   1060 O O   . LEU B 1 39 ? 3.081   -12.106 12.719  1.00 7.53   ? 39  LEU B O   1 
ATOM   1061 C CB  . LEU B 1 39 ? 2.301   -9.407  11.578  1.00 7.40   ? 39  LEU B CB  1 
ATOM   1062 C CG  . LEU B 1 39 ? 3.063   -9.296  10.260  1.00 7.10   ? 39  LEU B CG  1 
ATOM   1063 C CD1 . LEU B 1 39 ? 2.103   -9.156  9.126   1.00 7.01   ? 39  LEU B CD1 1 
ATOM   1064 C CD2 . LEU B 1 39 ? 4.009   -8.102  10.326  1.00 8.34   ? 39  LEU B CD2 1 
ATOM   1065 N N   . SER B 1 40 ? 2.242   -12.688 10.729  1.00 7.65   ? 40  SER B N   1 
ATOM   1066 C CA  . SER B 1 40 ? 3.099   -13.866 10.621  1.00 8.23   ? 40  SER B CA  1 
ATOM   1067 C C   . SER B 1 40 ? 3.666   -14.027 9.210   1.00 8.21   ? 40  SER B C   1 
ATOM   1068 O O   . SER B 1 40 ? 3.257   -13.313 8.286   1.00 8.03   ? 40  SER B O   1 
ATOM   1069 C CB  . SER B 1 40 ? 2.344   -15.126 11.068  1.00 7.85   ? 40  SER B CB  1 
ATOM   1070 O OG  . SER B 1 40 ? 1.251   -15.389 10.210  1.00 9.12   ? 40  SER B OG  1 
ATOM   1071 N N   . GLY B 1 41 ? 4.618   -14.951 9.060   1.00 9.10   ? 41  GLY B N   1 
ATOM   1072 C CA  . GLY B 1 41 ? 5.243   -15.253 7.765   1.00 9.91   ? 41  GLY B CA  1 
ATOM   1073 C C   . GLY B 1 41 ? 6.605   -14.603 7.518   1.00 10.88  ? 41  GLY B C   1 
ATOM   1074 O O   . GLY B 1 41 ? 7.317   -14.241 8.455   1.00 10.72  ? 41  GLY B O   1 
ATOM   1075 N N   . ASP B 1 42 ? 6.931   -14.455 6.232   1.00 12.32  ? 42  ASP B N   1 
ATOM   1076 C CA  . ASP B 1 42 ? 8.182   -13.858 5.713   1.00 12.99  ? 42  ASP B CA  1 
ATOM   1077 C C   . ASP B 1 42 ? 8.701   -12.625 6.444   1.00 12.22  ? 42  ASP B C   1 
ATOM   1078 O O   . ASP B 1 42 ? 8.359   -11.486 6.098   1.00 13.14  ? 42  ASP B O   1 
ATOM   1079 C CB  . ASP B 1 42 ? 7.999   -13.531 4.227   1.00 13.39  ? 42  ASP B CB  1 
ATOM   1080 C CG  . ASP B 1 42 ? 8.187   -14.748 3.327   1.00 15.70  ? 42  ASP B CG  1 
ATOM   1081 O OD1 . ASP B 1 42 ? 8.510   -15.844 3.854   1.00 19.16  ? 42  ASP B OD1 1 
ATOM   1082 O OD2 . ASP B 1 42 ? 8.014   -14.613 2.093   1.00 16.31  ? 42  ASP B OD2 1 
ATOM   1083 N N   . GLY B 1 43 ? 9.529   -12.847 7.457   1.00 11.68  ? 43  GLY B N   1 
ATOM   1084 C CA  . GLY B 1 43 ? 10.242  -11.739 8.119   1.00 10.81  ? 43  GLY B CA  1 
ATOM   1085 C C   . GLY B 1 43 ? 9.412   -10.973 9.138   1.00 10.13  ? 43  GLY B C   1 
ATOM   1086 O O   . GLY B 1 43 ? 9.756   -9.847  9.512   1.00 9.80   ? 43  GLY B O   1 
ATOM   1087 N N   . ALA B 1 44 ? 8.309   -11.581 9.568   1.00 9.21   ? 44  ALA B N   1 
ATOM   1088 C CA  . ALA B 1 44 ? 7.477   -11.030 10.626  1.00 9.27   ? 44  ALA B CA  1 
ATOM   1089 C C   . ALA B 1 44 ? 8.255   -11.038 11.941  1.00 9.17   ? 44  ALA B C   1 
ATOM   1090 O O   . ALA B 1 44 ? 8.811   -12.063 12.328  1.00 9.08   ? 44  ALA B O   1 
ATOM   1091 C CB  . ALA B 1 44 ? 6.176   -11.828 10.753  1.00 8.76   ? 44  ALA B CB  1 
ATOM   1092 N N   . GLY B 1 45 ? 8.319   -9.880  12.594  1.00 9.12   ? 45  GLY B N   1 
ATOM   1093 C CA  . GLY B 1 45 ? 8.998   -9.745  13.887  1.00 9.58   ? 45  GLY B CA  1 
ATOM   1094 C C   . GLY B 1 45 ? 10.446  -9.291  13.786  1.00 9.82   ? 45  GLY B C   1 
ATOM   1095 O O   . GLY B 1 45 ? 10.916  -8.504  14.615  1.00 11.16  ? 45  GLY B O   1 
ATOM   1096 N N   . THR B 1 46 ? 11.144  -9.784  12.769  1.00 8.97   ? 46  THR B N   1 
ATOM   1097 C CA  . THR B 1 46 ? 12.574  -9.578  12.595  1.00 8.41   ? 46  THR B CA  1 
ATOM   1098 C C   . THR B 1 46 ? 12.912  -8.434  11.642  1.00 7.77   ? 46  THR B C   1 
ATOM   1099 O O   . THR B 1 46 ? 13.839  -7.658  11.882  1.00 7.52   ? 46  THR B O   1 
ATOM   1100 C CB  . THR B 1 46 ? 13.246  -10.881 12.097  1.00 8.47   ? 46  THR B CB  1 
ATOM   1101 O OG1 . THR B 1 46 ? 12.524  -11.396 10.972  1.00 8.24   ? 46  THR B OG1 1 
ATOM   1102 C CG2 . THR B 1 46 ? 13.270  -11.934 13.220  1.00 9.71   ? 46  THR B CG2 1 
ATOM   1103 N N   . ILE B 1 47 ? 12.164  -8.355  10.550  1.00 7.72   ? 47  ILE B N   1 
ATOM   1104 C CA  . ILE B 1 47 ? 12.371  -7.351  9.510   1.00 7.44   ? 47  ILE B CA  1 
ATOM   1105 C C   . ILE B 1 47 ? 11.183  -6.404  9.500   1.00 7.04   ? 47  ILE B C   1 
ATOM   1106 O O   . ILE B 1 47 ? 11.351  -5.198  9.456   1.00 6.92   ? 47  ILE B O   1 
ATOM   1107 C CB  . ILE B 1 47 ? 12.571  -8.013  8.114   1.00 7.73   ? 47  ILE B CB  1 
ATOM   1108 C CG1 . ILE B 1 47 ? 13.912  -8.756  8.066   1.00 8.18   ? 47  ILE B CG1 1 
ATOM   1109 C CG2 . ILE B 1 47 ? 12.489  -6.978  6.977   1.00 6.27   ? 47  ILE B CG2 1 
ATOM   1110 C CD1 . ILE B 1 47 ? 14.082  -9.644  6.887   1.00 6.99   ? 47  ILE B CD1 1 
ATOM   1111 N N   . PHE B 1 48 ? 9.982   -6.974  9.547   1.00 7.11   ? 48  PHE B N   1 
ATOM   1112 C CA  . PHE B 1 48 ? 8.761   -6.210  9.666   1.00 7.10   ? 48  PHE B CA  1 
ATOM   1113 C C   . PHE B 1 48 ? 8.106   -6.435  11.039  1.00 7.69   ? 48  PHE B C   1 
ATOM   1114 O O   . PHE B 1 48 ? 7.877   -7.575  11.467  1.00 8.10   ? 48  PHE B O   1 
ATOM   1115 C CB  . PHE B 1 48 ? 7.815   -6.532  8.505   1.00 7.43   ? 48  PHE B CB  1 
ATOM   1116 C CG  . PHE B 1 48 ? 8.430   -6.311  7.132   1.00 6.72   ? 48  PHE B CG  1 
ATOM   1117 C CD1 . PHE B 1 48 ? 8.865   -7.390  6.367   1.00 6.04   ? 48  PHE B CD1 1 
ATOM   1118 C CD2 . PHE B 1 48 ? 8.575   -5.027  6.618   1.00 7.22   ? 48  PHE B CD2 1 
ATOM   1119 C CE1 . PHE B 1 48 ? 9.421   -7.202  5.107   1.00 7.87   ? 48  PHE B CE1 1 
ATOM   1120 C CE2 . PHE B 1 48 ? 9.130   -4.817  5.357   1.00 6.73   ? 48  PHE B CE2 1 
ATOM   1121 C CZ  . PHE B 1 48 ? 9.562   -5.916  4.593   1.00 8.30   ? 48  PHE B CZ  1 
ATOM   1122 N N   . GLN B 1 49 ? 7.803   -5.335  11.712  1.00 7.41   ? 49  GLN B N   1 
ATOM   1123 C CA  . GLN B 1 49 ? 7.239   -5.339  13.059  1.00 8.01   ? 49  GLN B CA  1 
ATOM   1124 C C   . GLN B 1 49 ? 5.880   -4.657  13.043  1.00 7.35   ? 49  GLN B C   1 
ATOM   1125 O O   . GLN B 1 49 ? 5.730   -3.578  12.470  1.00 7.70   ? 49  GLN B O   1 
ATOM   1126 C CB  . GLN B 1 49 ? 8.176   -4.630  14.015  1.00 7.83   ? 49  GLN B CB  1 
ATOM   1127 C CG  . GLN B 1 49 ? 7.608   -4.334  15.426  1.00 9.95   ? 49  GLN B CG  1 
ATOM   1128 C CD  . GLN B 1 49 ? 8.544   -3.481  16.252  1.00 12.34  ? 49  GLN B CD  1 
ATOM   1129 O OE1 . GLN B 1 49 ? 9.661   -3.890  16.558  1.00 14.48  ? 49  GLN B OE1 1 
ATOM   1130 N NE2 . GLN B 1 49 ? 8.084   -2.297  16.654  1.00 16.43  ? 49  GLN B NE2 1 
ATOM   1131 N N   . ILE B 1 50 ? 4.897   -5.321  13.644  1.00 6.66   ? 50  ILE B N   1 
ATOM   1132 C CA  . ILE B 1 50 ? 3.544   -4.804  13.777  1.00 6.01   ? 50  ILE B CA  1 
ATOM   1133 C C   . ILE B 1 50 ? 3.276   -4.327  15.213  1.00 5.84   ? 50  ILE B C   1 
ATOM   1134 O O   . ILE B 1 50 ? 3.787   -4.902  16.159  1.00 5.35   ? 50  ILE B O   1 
ATOM   1135 C CB  . ILE B 1 50 ? 2.492   -5.882  13.379  1.00 6.04   ? 50  ILE B CB  1 
ATOM   1136 C CG1 . ILE B 1 50 ? 1.121   -5.226  13.212  1.00 6.69   ? 50  ILE B CG1 1 
ATOM   1137 C CG2 . ILE B 1 50 ? 2.479   -7.044  14.390  1.00 5.96   ? 50  ILE B CG2 1 
ATOM   1138 C CD1 . ILE B 1 50 ? 0.144   -5.987  12.341  1.00 5.41   ? 50  ILE B CD1 1 
ATOM   1139 N N   . ASN B 1 51 ? 2.507   -3.252  15.328  1.00 5.68   ? 51  ASN B N   1 
ATOM   1140 C CA  . ASN B 1 51 ? 1.874   -2.831  16.563  1.00 6.70   ? 51  ASN B CA  1 
ATOM   1141 C C   . ASN B 1 51 ? 0.523   -3.543  16.616  1.00 6.64   ? 51  ASN B C   1 
ATOM   1142 O O   . ASN B 1 51 ? -0.324  -3.343  15.738  1.00 6.73   ? 51  ASN B O   1 
ATOM   1143 C CB  . ASN B 1 51 ? 1.693   -1.305  16.507  1.00 6.87   ? 51  ASN B CB  1 
ATOM   1144 C CG  . ASN B 1 51 ? 0.999   -0.725  17.729  1.00 6.85   ? 51  ASN B CG  1 
ATOM   1145 O OD1 . ASN B 1 51 ? 0.243   -1.381  18.417  1.00 8.19   ? 51  ASN B OD1 1 
ATOM   1146 N ND2 . ASN B 1 51 ? 1.237   0.549   17.968  1.00 7.86   ? 51  ASN B ND2 1 
ATOM   1147 N N   . ASP B 1 52 ? 0.327   -4.396  17.620  1.00 6.79   ? 52  ASP B N   1 
ATOM   1148 C CA  . ASP B 1 52 ? -0.923  -5.169  17.719  1.00 6.72   ? 52  ASP B CA  1 
ATOM   1149 C C   . ASP B 1 52 ? -2.187  -4.317  17.979  1.00 6.49   ? 52  ASP B C   1 
ATOM   1150 O O   . ASP B 1 52 ? -3.299  -4.770  17.729  1.00 5.75   ? 52  ASP B O   1 
ATOM   1151 C CB  . ASP B 1 52 ? -0.789  -6.376  18.687  1.00 7.01   ? 52  ASP B CB  1 
ATOM   1152 C CG  . ASP B 1 52 ? -0.776  -5.990  20.169  1.00 7.98   ? 52  ASP B CG  1 
ATOM   1153 O OD1 . ASP B 1 52 ? -0.894  -6.906  21.000  1.00 7.69   ? 52  ASP B OD1 1 
ATOM   1154 O OD2 . ASP B 1 52 ? -0.638  -4.808  20.533  1.00 11.46  ? 52  ASP B OD2 1 
ATOM   1155 N N   . ILE B 1 53 ? -1.999  -3.072  18.431  1.00 6.34   ? 53  ILE B N   1 
ATOM   1156 C CA  . ILE B 1 53 ? -3.134  -2.175  18.701  1.00 6.48   ? 53  ILE B CA  1 
ATOM   1157 C C   . ILE B 1 53 ? -3.479  -1.325  17.459  1.00 6.71   ? 53  ILE B C   1 
ATOM   1158 O O   . ILE B 1 53 ? -4.637  -1.282  17.027  1.00 7.12   ? 53  ILE B O   1 
ATOM   1159 C CB  . ILE B 1 53 ? -2.922  -1.304  20.000  1.00 6.61   ? 53  ILE B CB  1 
ATOM   1160 C CG1 . ILE B 1 53 ? -2.804  -2.199  21.244  1.00 5.81   ? 53  ILE B CG1 1 
ATOM   1161 C CG2 . ILE B 1 53 ? -4.071  -0.299  20.187  1.00 7.03   ? 53  ILE B CG2 1 
ATOM   1162 C CD1 . ILE B 1 53 ? -2.251  -1.503  22.495  1.00 6.15   ? 53  ILE B CD1 1 
ATOM   1163 N N   . THR B 1 54 ? -2.477  -0.683  16.867  1.00 6.33   ? 54  THR B N   1 
ATOM   1164 C CA  . THR B 1 54 ? -2.702  0.265   15.777  1.00 5.99   ? 54  THR B CA  1 
ATOM   1165 C C   . THR B 1 54 ? -2.706  -0.383  14.397  1.00 6.12   ? 54  THR B C   1 
ATOM   1166 O O   . THR B 1 54 ? -3.220  0.190   13.440  1.00 5.78   ? 54  THR B O   1 
ATOM   1167 C CB  . THR B 1 54 ? -1.612  1.362   15.753  1.00 6.37   ? 54  THR B CB  1 
ATOM   1168 O OG1 . THR B 1 54 ? -0.374  0.790   15.292  1.00 6.99   ? 54  THR B OG1 1 
ATOM   1169 C CG2 . THR B 1 54 ? -1.445  2.004   17.155  1.00 6.53   ? 54  THR B CG2 1 
ATOM   1170 N N   . GLY B 1 55 ? -2.097  -1.560  14.298  1.00 5.80   ? 55  GLY B N   1 
ATOM   1171 C CA  . GLY B 1 55 ? -2.035  -2.262  13.041  1.00 6.10   ? 55  GLY B CA  1 
ATOM   1172 C C   . GLY B 1 55 ? -0.864  -1.825  12.180  1.00 5.93   ? 55  GLY B C   1 
ATOM   1173 O O   . GLY B 1 55 ? -0.654  -2.410  11.143  1.00 6.29   ? 55  GLY B O   1 
ATOM   1174 N N   . ASP B 1 56 ? -0.099  -0.821  12.625  1.00 6.22   ? 56  ASP B N   1 
ATOM   1175 C CA  . ASP B 1 56 ? 1.044   -0.290  11.861  1.00 6.20   ? 56  ASP B CA  1 
ATOM   1176 C C   . ASP B 1 56 ? 2.160   -1.317  11.661  1.00 6.39   ? 56  ASP B C   1 
ATOM   1177 O O   . ASP B 1 56 ? 2.636   -1.906  12.635  1.00 6.50   ? 56  ASP B O   1 
ATOM   1178 C CB  . ASP B 1 56 ? 1.624   0.995   12.512  1.00 5.84   ? 56  ASP B CB  1 
ATOM   1179 C CG  . ASP B 1 56 ? 0.678   2.191   12.419  1.00 6.58   ? 56  ASP B CG  1 
ATOM   1180 O OD1 . ASP B 1 56 ? -0.003  2.340   11.389  1.00 8.16   ? 56  ASP B OD1 1 
ATOM   1181 O OD2 . ASP B 1 56 ? 0.586   2.984   13.396  1.00 10.55  ? 56  ASP B OD2 1 
ATOM   1182 N N   . ILE B 1 57 ? 2.582   -1.504  10.403  1.00 6.22   ? 57  ILE B N   1 
ATOM   1183 C CA  . ILE B 1 57 ? 3.756   -2.321  10.089  1.00 5.74   ? 57  ILE B CA  1 
ATOM   1184 C C   . ILE B 1 57 ? 4.959   -1.413  9.761   1.00 5.70   ? 57  ILE B C   1 
ATOM   1185 O O   . ILE B 1 57 ? 4.882   -0.568  8.856   1.00 5.40   ? 57  ILE B O   1 
ATOM   1186 C CB  . ILE B 1 57 ? 3.481   -3.274  8.931   1.00 6.14   ? 57  ILE B CB  1 
ATOM   1187 C CG1 . ILE B 1 57 ? 2.315   -4.225  9.250   1.00 6.36   ? 57  ILE B CG1 1 
ATOM   1188 C CG2 . ILE B 1 57 ? 4.773   -4.003  8.463   1.00 7.07   ? 57  ILE B CG2 1 
ATOM   1189 C CD1 . ILE B 1 57 ? 1.808   -4.983  8.024   1.00 6.66   ? 57  ILE B CD1 1 
ATOM   1190 N N   . HIS B 1 58 ? 6.040   -1.571  10.522  1.00 5.16   ? 58  HIS B N   1 
ATOM   1191 C CA  . HIS B 1 58 ? 7.291   -0.863  10.251  1.00 5.55   ? 58  HIS B CA  1 
ATOM   1192 C C   . HIS B 1 58 ? 8.359   -1.837  9.765   1.00 5.93   ? 58  HIS B C   1 
ATOM   1193 O O   . HIS B 1 58 ? 8.439   -2.977  10.231  1.00 6.21   ? 58  HIS B O   1 
ATOM   1194 C CB  . HIS B 1 58 ? 7.822   -0.139  11.497  1.00 5.68   ? 58  HIS B CB  1 
ATOM   1195 C CG  . HIS B 1 58 ? 7.064   1.105   11.840  1.00 5.81   ? 58  HIS B CG  1 
ATOM   1196 N ND1 . HIS B 1 58 ? 5.844   1.075   12.478  1.00 5.89   ? 58  HIS B ND1 1 
ATOM   1197 C CD2 . HIS B 1 58 ? 7.348   2.414   11.634  1.00 5.11   ? 58  HIS B CD2 1 
ATOM   1198 C CE1 . HIS B 1 58 ? 5.402   2.309   12.648  1.00 5.08   ? 58  HIS B CE1 1 
ATOM   1199 N NE2 . HIS B 1 58 ? 6.296   3.141   12.146  1.00 6.90   ? 58  HIS B NE2 1 
ATOM   1200 N N   . ALA B 1 59 ? 9.194   -1.365  8.857   1.00 5.82   ? 59  ALA B N   1 
ATOM   1201 C CA  . ALA B 1 59 ? 10.415  -2.065  8.533   1.00 6.43   ? 59  ALA B CA  1 
ATOM   1202 C C   . ALA B 1 59 ? 11.494  -1.644  9.532   1.00 6.71   ? 59  ALA B C   1 
ATOM   1203 O O   . ALA B 1 59 ? 11.738  -0.448  9.723   1.00 6.71   ? 59  ALA B O   1 
ATOM   1204 C CB  . ALA B 1 59 ? 10.831  -1.763  7.101   1.00 6.32   ? 59  ALA B CB  1 
ATOM   1205 N N   . ILE B 1 60 ? 12.136  -2.615  10.177  1.00 6.71   ? 60  ILE B N   1 
ATOM   1206 C CA  . ILE B 1 60 ? 13.074  -2.288  11.281  1.00 7.13   ? 60  ILE B CA  1 
ATOM   1207 C C   . ILE B 1 60 ? 14.537  -2.706  11.024  1.00 7.03   ? 60  ILE B C   1 
ATOM   1208 O O   . ILE B 1 60 ? 15.394  -2.584  11.904  1.00 6.88   ? 60  ILE B O   1 
ATOM   1209 C CB  . ILE B 1 60 ? 12.545  -2.785  12.651  1.00 7.09   ? 60  ILE B CB  1 
ATOM   1210 C CG1 . ILE B 1 60 ? 12.350  -4.312  12.662  1.00 6.81   ? 60  ILE B CG1 1 
ATOM   1211 C CG2 . ILE B 1 60 ? 11.241  -2.045  13.022  1.00 7.06   ? 60  ILE B CG2 1 
ATOM   1212 C CD1 . ILE B 1 60 ? 12.351  -4.917  14.069  1.00 6.71   ? 60  ILE B CD1 1 
ATOM   1213 N N   . LYS B 1 61 ? 14.783  -3.206  9.810   1.00 7.21   ? 61  LYS B N   1 
ATOM   1214 C CA  . LYS B 1 61 ? 16.115  -3.533  9.288   1.00 7.64   ? 61  LYS B CA  1 
ATOM   1215 C C   . LYS B 1 61 ? 16.254  -2.899  7.919   1.00 7.84   ? 61  LYS B C   1 
ATOM   1216 O O   . LYS B 1 61 ? 15.256  -2.673  7.233   1.00 7.37   ? 61  LYS B O   1 
ATOM   1217 C CB  . LYS B 1 61 ? 16.262  -5.034  9.032   1.00 8.18   ? 61  LYS B CB  1 
ATOM   1218 C CG  . LYS B 1 61 ? 16.896  -5.840  10.126  1.00 11.19  ? 61  LYS B CG  1 
ATOM   1219 C CD  . LYS B 1 61 ? 17.208  -7.223  9.582   1.00 14.12  ? 61  LYS B CD  1 
ATOM   1220 C CE  . LYS B 1 61 ? 17.700  -8.157  10.678  1.00 15.90  ? 61  LYS B CE  1 
ATOM   1221 N NZ  . LYS B 1 61 ? 17.641  -9.579  10.210  1.00 17.35  ? 61  LYS B NZ  1 
ATOM   1222 N N   . ARG B 1 62 ? 17.502  -2.654  7.521   1.00 7.79   ? 62  ARG B N   1 
ATOM   1223 C CA  . ARG B 1 62 ? 17.842  -2.332  6.155   1.00 8.52   ? 62  ARG B CA  1 
ATOM   1224 C C   . ARG B 1 62 ? 17.339  -3.470  5.276   1.00 9.00   ? 62  ARG B C   1 
ATOM   1225 O O   . ARG B 1 62 ? 17.590  -4.640  5.573   1.00 9.64   ? 62  ARG B O   1 
ATOM   1226 C CB  . ARG B 1 62 ? 19.361  -2.203  6.020   1.00 8.35   ? 62  ARG B CB  1 
ATOM   1227 C CG  . ARG B 1 62 ? 19.863  -1.830  4.618   1.00 8.32   ? 62  ARG B CG  1 
ATOM   1228 C CD  . ARG B 1 62 ? 19.487  -0.398  4.265   1.00 7.85   ? 62  ARG B CD  1 
ATOM   1229 N NE  . ARG B 1 62 ? 19.878  -0.039  2.900   1.00 9.49   ? 62  ARG B NE  1 
ATOM   1230 C CZ  . ARG B 1 62 ? 19.798  1.195   2.417   1.00 8.59   ? 62  ARG B CZ  1 
ATOM   1231 N NH1 . ARG B 1 62 ? 19.343  2.187   3.187   1.00 7.47   ? 62  ARG B NH1 1 
ATOM   1232 N NH2 . ARG B 1 62 ? 20.169  1.441   1.172   1.00 6.86   ? 62  ARG B NH2 1 
ATOM   1233 N N   . LEU B 1 63 ? 16.599  -3.121  4.226   1.00 9.16   ? 63  LEU B N   1 
ATOM   1234 C CA  . LEU B 1 63 ? 16.135  -4.101  3.238   1.00 9.25   ? 63  LEU B CA  1 
ATOM   1235 C C   . LEU B 1 63 ? 17.108  -4.167  2.090   1.00 8.92   ? 63  LEU B C   1 
ATOM   1236 O O   . LEU B 1 63 ? 17.869  -3.227  1.866   1.00 9.26   ? 63  LEU B O   1 
ATOM   1237 C CB  . LEU B 1 63 ? 14.730  -3.749  2.719   1.00 9.21   ? 63  LEU B CB  1 
ATOM   1238 C CG  . LEU B 1 63 ? 13.588  -3.582  3.723   1.00 10.09  ? 63  LEU B CG  1 
ATOM   1239 C CD1 . LEU B 1 63 ? 12.368  -2.942  3.059   1.00 9.23   ? 63  LEU B CD1 1 
ATOM   1240 C CD2 . LEU B 1 63 ? 13.214  -4.899  4.377   1.00 12.02  ? 63  LEU B CD2 1 
ATOM   1241 N N   . ASP B 1 64 ? 17.085  -5.283  1.367   1.00 9.21   ? 64  ASP B N   1 
ATOM   1242 C CA  . ASP B 1 64 ? 17.979  -5.518  0.245   1.00 9.29   ? 64  ASP B CA  1 
ATOM   1243 C C   . ASP B 1 64 ? 17.216  -6.300  -0.819  1.00 9.54   ? 64  ASP B C   1 
ATOM   1244 O O   . ASP B 1 64 ? 17.090  -7.520  -0.720  1.00 9.72   ? 64  ASP B O   1 
ATOM   1245 C CB  . ASP B 1 64 ? 19.214  -6.306  0.704   1.00 9.39   ? 64  ASP B CB  1 
ATOM   1246 C CG  . ASP B 1 64 ? 20.216  -6.557  -0.421  1.00 10.10  ? 64  ASP B CG  1 
ATOM   1247 O OD1 . ASP B 1 64 ? 19.899  -6.299  -1.606  1.00 9.07   ? 64  ASP B OD1 1 
ATOM   1248 O OD2 . ASP B 1 64 ? 21.342  -7.010  -0.112  1.00 11.49  ? 64  ASP B OD2 1 
ATOM   1249 N N   . ARG B 1 65 ? 16.717  -5.592  -1.831  1.00 9.32   ? 65  ARG B N   1 
ATOM   1250 C CA  . ARG B 1 65 ? 15.869  -6.193  -2.863  1.00 10.32  ? 65  ARG B CA  1 
ATOM   1251 C C   . ARG B 1 65 ? 16.567  -7.335  -3.616  1.00 10.14  ? 65  ARG B C   1 
ATOM   1252 O O   . ARG B 1 65 ? 15.916  -8.293  -4.036  1.00 9.80   ? 65  ARG B O   1 
ATOM   1253 C CB  . ARG B 1 65 ? 15.348  -5.134  -3.842  1.00 10.21  ? 65  ARG B CB  1 
ATOM   1254 C CG  . ARG B 1 65 ? 14.127  -5.603  -4.619  1.00 12.38  ? 65  ARG B CG  1 
ATOM   1255 C CD  . ARG B 1 65 ? 13.872  -4.756  -5.859  1.00 14.27  ? 65  ARG B CD  1 
ATOM   1256 N NE  . ARG B 1 65 ? 13.499  -5.593  -6.993  1.00 15.96  ? 65  ARG B NE  1 
ATOM   1257 C CZ  . ARG B 1 65 ? 14.336  -5.906  -7.978  1.00 18.48  ? 65  ARG B CZ  1 
ATOM   1258 N NH1 . ARG B 1 65 ? 15.585  -5.432  -7.978  1.00 20.04  ? 65  ARG B NH1 1 
ATOM   1259 N NH2 . ARG B 1 65 ? 13.935  -6.690  -8.970  1.00 20.37  ? 65  ARG B NH2 1 
ATOM   1260 N N   . GLU B 1 66 ? 17.890  -7.259  -3.720  1.00 10.48  ? 66  GLU B N   1 
ATOM   1261 C CA  . GLU B 1 66 ? 18.673  -8.310  -4.390  1.00 11.67  ? 66  GLU B CA  1 
ATOM   1262 C C   . GLU B 1 66 ? 18.625  -9.623  -3.595  1.00 11.10  ? 66  GLU B C   1 
ATOM   1263 O O   . GLU B 1 66 ? 18.614  -10.707 -4.170  1.00 11.09  ? 66  GLU B O   1 
ATOM   1264 C CB  . GLU B 1 66 ? 20.130  -7.871  -4.611  1.00 11.80  ? 66  GLU B CB  1 
ATOM   1265 C CG  . GLU B 1 66 ? 20.326  -6.690  -5.576  1.00 14.89  ? 66  GLU B CG  1 
ATOM   1266 C CD  . GLU B 1 66 ? 20.213  -5.309  -4.913  1.00 19.11  ? 66  GLU B CD  1 
ATOM   1267 O OE1 . GLU B 1 66 ? 20.879  -5.056  -3.868  1.00 18.51  ? 66  GLU B OE1 1 
ATOM   1268 O OE2 . GLU B 1 66 ? 19.460  -4.465  -5.462  1.00 20.61  ? 66  GLU B OE2 1 
ATOM   1269 N N   . GLU B 1 67 ? 18.599  -9.508  -2.272  1.00 10.99  ? 67  GLU B N   1 
ATOM   1270 C CA  . GLU B 1 67 ? 18.519  -10.660 -1.372  1.00 10.65  ? 67  GLU B CA  1 
ATOM   1271 C C   . GLU B 1 67 ? 17.097  -11.254 -1.342  1.00 10.22  ? 67  GLU B C   1 
ATOM   1272 O O   . GLU B 1 67 ? 16.913  -12.469 -1.522  1.00 10.65  ? 67  GLU B O   1 
ATOM   1273 C CB  . GLU B 1 67 ? 18.976  -10.243 0.037   1.00 11.19  ? 67  GLU B CB  1 
ATOM   1274 C CG  . GLU B 1 67 ? 18.858  -11.312 1.114   1.00 11.69  ? 67  GLU B CG  1 
ATOM   1275 C CD  . GLU B 1 67 ? 20.098  -11.398 1.977   1.00 13.11  ? 67  GLU B CD  1 
ATOM   1276 O OE1 . GLU B 1 67 ? 21.216  -11.380 1.413   1.00 16.28  ? 67  GLU B OE1 1 
ATOM   1277 O OE2 . GLU B 1 67 ? 19.966  -11.501 3.213   1.00 13.26  ? 67  GLU B OE2 1 
ATOM   1278 N N   . LYS B 1 68 ? 16.105  -10.394 -1.139  1.00 8.77   ? 68  LYS B N   1 
ATOM   1279 C CA  . LYS B 1 68 ? 14.690  -10.792 -1.137  1.00 7.92   ? 68  LYS B CA  1 
ATOM   1280 C C   . LYS B 1 68 ? 13.854  -9.609  -1.637  1.00 7.38   ? 68  LYS B C   1 
ATOM   1281 O O   . LYS B 1 68 ? 13.851  -8.535  -1.013  1.00 7.08   ? 68  LYS B O   1 
ATOM   1282 C CB  . LYS B 1 68 ? 14.247  -11.224 0.279   1.00 7.75   ? 68  LYS B CB  1 
ATOM   1283 C CG  . LYS B 1 68 ? 12.831  -11.799 0.348   1.00 7.32   ? 68  LYS B CG  1 
ATOM   1284 C CD  . LYS B 1 68 ? 12.631  -12.839 1.477   1.00 6.11   ? 68  LYS B CD  1 
ATOM   1285 C CE  . LYS B 1 68 ? 11.180  -13.368 1.521   1.00 5.13   ? 68  LYS B CE  1 
ATOM   1286 N NZ  . LYS B 1 68 ? 10.707  -13.909 0.197   1.00 10.58  ? 68  LYS B NZ  1 
ATOM   1287 N N   . ALA B 1 69 ? 13.146  -9.812  -2.745  1.00 6.58   ? 69  ALA B N   1 
ATOM   1288 C CA  . ALA B 1 69 ? 12.401  -8.747  -3.439  1.00 6.43   ? 69  ALA B CA  1 
ATOM   1289 C C   . ALA B 1 69 ? 10.995  -8.596  -2.899  1.00 6.65   ? 69  ALA B C   1 
ATOM   1290 O O   . ALA B 1 69 ? 10.401  -7.509  -2.929  1.00 6.43   ? 69  ALA B O   1 
ATOM   1291 C CB  . ALA B 1 69 ? 12.345  -9.029  -4.980  1.00 6.40   ? 69  ALA B CB  1 
ATOM   1292 N N   . GLU B 1 70 ? 10.471  -9.694  -2.375  1.00 7.03   ? 70  GLU B N   1 
ATOM   1293 C CA  . GLU B 1 70 ? 9.049   -9.785  -2.076  1.00 7.61   ? 70  GLU B CA  1 
ATOM   1294 C C   . GLU B 1 70 ? 8.802   -10.632 -0.831  1.00 6.68   ? 70  GLU B C   1 
ATOM   1295 O O   . GLU B 1 70 ? 9.405   -11.681 -0.659  1.00 6.71   ? 70  GLU B O   1 
ATOM   1296 C CB  . GLU B 1 70 ? 8.371   -10.352 -3.318  1.00 8.23   ? 70  GLU B CB  1 
ATOM   1297 C CG  . GLU B 1 70 ? 6.916   -10.708 -3.212  1.00 11.01  ? 70  GLU B CG  1 
ATOM   1298 C CD  . GLU B 1 70 ? 6.450   -11.289 -4.536  1.00 14.73  ? 70  GLU B CD  1 
ATOM   1299 O OE1 . GLU B 1 70 ? 6.510   -10.575 -5.582  1.00 13.68  ? 70  GLU B OE1 1 
ATOM   1300 O OE2 . GLU B 1 70 ? 6.065   -12.480 -4.535  1.00 17.91  ? 70  GLU B OE2 1 
ATOM   1301 N N   . TYR B 1 71 ? 7.924   -10.153 0.040   1.00 6.77   ? 71  TYR B N   1 
ATOM   1302 C CA  . TYR B 1 71 ? 7.602   -10.844 1.275   1.00 6.55   ? 71  TYR B CA  1 
ATOM   1303 C C   . TYR B 1 71 ? 6.112   -11.176 1.344   1.00 6.74   ? 71  TYR B C   1 
ATOM   1304 O O   . TYR B 1 71 ? 5.274   -10.294 1.441   1.00 7.36   ? 71  TYR B O   1 
ATOM   1305 C CB  . TYR B 1 71 ? 7.973   -9.963  2.469   1.00 6.21   ? 71  TYR B CB  1 
ATOM   1306 C CG  . TYR B 1 71 ? 9.451   -9.754  2.677   1.00 5.93   ? 71  TYR B CG  1 
ATOM   1307 C CD1 . TYR B 1 71 ? 10.151  -8.791  1.944   1.00 5.34   ? 71  TYR B CD1 1 
ATOM   1308 C CD2 . TYR B 1 71 ? 10.146  -10.482 3.659   1.00 5.78   ? 71  TYR B CD2 1 
ATOM   1309 C CE1 . TYR B 1 71 ? 11.510  -8.581  2.151   1.00 5.44   ? 71  TYR B CE1 1 
ATOM   1310 C CE2 . TYR B 1 71 ? 11.513  -10.294 3.864   1.00 6.01   ? 71  TYR B CE2 1 
ATOM   1311 C CZ  . TYR B 1 71 ? 12.187  -9.341  3.112   1.00 6.43   ? 71  TYR B CZ  1 
ATOM   1312 O OH  . TYR B 1 71 ? 13.537  -9.152  3.307   1.00 7.47   ? 71  TYR B OH  1 
ATOM   1313 N N   . THR B 1 72 ? 5.787   -12.455 1.330   1.00 6.84   ? 72  THR B N   1 
ATOM   1314 C CA  . THR B 1 72 ? 4.403   -12.896 1.561   1.00 6.54   ? 72  THR B CA  1 
ATOM   1315 C C   . THR B 1 72 ? 4.120   -13.073 3.059   1.00 6.40   ? 72  THR B C   1 
ATOM   1316 O O   . THR B 1 72 ? 4.736   -13.917 3.711   1.00 5.66   ? 72  THR B O   1 
ATOM   1317 C CB  . THR B 1 72 ? 4.172   -14.199 0.790   1.00 6.71   ? 72  THR B CB  1 
ATOM   1318 O OG1 . THR B 1 72 ? 4.334   -13.910 -0.589  1.00 6.00   ? 72  THR B OG1 1 
ATOM   1319 C CG2 . THR B 1 72 ? 2.753   -14.737 1.006   1.00 7.27   ? 72  THR B CG2 1 
ATOM   1320 N N   . LEU B 1 73 ? 3.194   -12.264 3.590   1.00 6.54   ? 73  LEU B N   1 
ATOM   1321 C CA  . LEU B 1 73 ? 2.835   -12.314 5.003   1.00 7.34   ? 73  LEU B CA  1 
ATOM   1322 C C   . LEU B 1 73 ? 1.360   -12.658 5.178   1.00 7.26   ? 73  LEU B C   1 
ATOM   1323 O O   . LEU B 1 73 ? 0.597   -12.663 4.214   1.00 6.66   ? 73  LEU B O   1 
ATOM   1324 C CB  . LEU B 1 73 ? 3.162   -10.987 5.692   1.00 7.24   ? 73  LEU B CB  1 
ATOM   1325 C CG  . LEU B 1 73 ? 4.660   -10.623 5.672   1.00 8.14   ? 73  LEU B CG  1 
ATOM   1326 C CD1 . LEU B 1 73 ? 4.827   -9.201  5.291   1.00 9.44   ? 73  LEU B CD1 1 
ATOM   1327 C CD2 . LEU B 1 73 ? 5.287   -10.855 7.025   1.00 10.29  ? 73  LEU B CD2 1 
ATOM   1328 N N   . THR B 1 74 ? 0.996   -12.991 6.413   1.00 6.98   ? 74  THR B N   1 
ATOM   1329 C CA  . THR B 1 74 ? -0.360  -13.334 6.750   1.00 7.31   ? 74  THR B CA  1 
ATOM   1330 C C   . THR B 1 74 ? -0.857  -12.335 7.779   1.00 7.21   ? 74  THR B C   1 
ATOM   1331 O O   . THR B 1 74 ? -0.213  -12.126 8.823   1.00 7.28   ? 74  THR B O   1 
ATOM   1332 C CB  . THR B 1 74 ? -0.444  -14.776 7.306   1.00 7.51   ? 74  THR B CB  1 
ATOM   1333 O OG1 . THR B 1 74 ? -0.161  -15.709 6.254   1.00 7.85   ? 74  THR B OG1 1 
ATOM   1334 C CG2 . THR B 1 74 ? -1.822  -15.086 7.878   1.00 8.43   ? 74  THR B CG2 1 
ATOM   1335 N N   . ALA B 1 75 ? -2.011  -11.742 7.479   1.00 6.83   ? 75  ALA B N   1 
ATOM   1336 C CA  . ALA B 1 75 ? -2.701  -10.824 8.376   1.00 6.41   ? 75  ALA B CA  1 
ATOM   1337 C C   . ALA B 1 75 ? -3.732  -11.590 9.192   1.00 6.40   ? 75  ALA B C   1 
ATOM   1338 O O   . ALA B 1 75 ? -4.492  -12.414 8.649   1.00 5.76   ? 75  ALA B O   1 
ATOM   1339 C CB  . ALA B 1 75 ? -3.394  -9.746  7.581   1.00 6.07   ? 75  ALA B CB  1 
ATOM   1340 N N   . GLN B 1 76 ? -3.754  -11.320 10.493  1.00 6.47   ? 76  GLN B N   1 
ATOM   1341 C CA  . GLN B 1 76 ? -4.770  -11.900 11.370  1.00 6.37   ? 76  GLN B CA  1 
ATOM   1342 C C   . GLN B 1 76 ? -5.391  -10.811 12.248  1.00 6.55   ? 76  GLN B C   1 
ATOM   1343 O O   . GLN B 1 76 ? -4.722  -9.841  12.602  1.00 6.12   ? 76  GLN B O   1 
ATOM   1344 C CB  . GLN B 1 76 ? -4.165  -12.987 12.255  1.00 6.96   ? 76  GLN B CB  1 
ATOM   1345 C CG  . GLN B 1 76 ? -3.874  -14.342 11.582  1.00 7.80   ? 76  GLN B CG  1 
ATOM   1346 C CD  . GLN B 1 76 ? -3.339  -15.347 12.597  1.00 8.76   ? 76  GLN B CD  1 
ATOM   1347 O OE1 . GLN B 1 76 ? -4.107  -16.104 13.189  1.00 10.76  ? 76  GLN B OE1 1 
ATOM   1348 N NE2 . GLN B 1 76 ? -2.032  -15.311 12.852  1.00 7.11   ? 76  GLN B NE2 1 
ATOM   1349 N N   . ALA B 1 77 ? -6.668  -10.986 12.596  1.00 6.21   ? 77  ALA B N   1 
ATOM   1350 C CA  . ALA B 1 77 ? -7.361  -10.080 13.498  1.00 6.22   ? 77  ALA B CA  1 
ATOM   1351 C C   . ALA B 1 77 ? -8.108  -10.923 14.504  1.00 6.36   ? 77  ALA B C   1 
ATOM   1352 O O   . ALA B 1 77 ? -8.970  -11.735 14.125  1.00 5.83   ? 77  ALA B O   1 
ATOM   1353 C CB  . ALA B 1 77 ? -8.324  -9.162  12.742  1.00 6.25   ? 77  ALA B CB  1 
ATOM   1354 N N   . VAL B 1 78 ? -7.757  -10.760 15.779  1.00 5.87   ? 78  VAL B N   1 
ATOM   1355 C CA  . VAL B 1 78 ? -8.345  -11.591 16.831  1.00 5.86   ? 78  VAL B CA  1 
ATOM   1356 C C   . VAL B 1 78 ? -8.848  -10.747 18.012  1.00 6.03   ? 78  VAL B C   1 
ATOM   1357 O O   . VAL B 1 78 ? -8.411  -9.617  18.216  1.00 5.36   ? 78  VAL B O   1 
ATOM   1358 C CB  . VAL B 1 78 ? -7.359  -12.719 17.297  1.00 5.98   ? 78  VAL B CB  1 
ATOM   1359 C CG1 . VAL B 1 78 ? -6.566  -13.304 16.081  1.00 6.00   ? 78  VAL B CG1 1 
ATOM   1360 C CG2 . VAL B 1 78 ? -6.399  -12.220 18.366  1.00 6.15   ? 78  VAL B CG2 1 
ATOM   1361 N N   . ASP B 1 79 ? -9.794  -11.303 18.761  1.00 5.97   ? 79  ASP B N   1 
ATOM   1362 C CA  . ASP B 1 79 ? -10.335 -10.645 19.937  1.00 6.33   ? 79  ASP B CA  1 
ATOM   1363 C C   . ASP B 1 79 ? -9.293  -10.669 21.056  1.00 6.17   ? 79  ASP B C   1 
ATOM   1364 O O   . ASP B 1 79 ? -8.696  -11.706 21.332  1.00 6.46   ? 79  ASP B O   1 
ATOM   1365 C CB  . ASP B 1 79 ? -11.628 -11.352 20.368  1.00 6.24   ? 79  ASP B CB  1 
ATOM   1366 C CG  . ASP B 1 79 ? -12.183 -10.808 21.659  1.00 7.56   ? 79  ASP B CG  1 
ATOM   1367 O OD1 . ASP B 1 79 ? -12.873 -9.766  21.627  1.00 11.07  ? 79  ASP B OD1 1 
ATOM   1368 O OD2 . ASP B 1 79 ? -11.927 -11.422 22.703  1.00 7.30   ? 79  ASP B OD2 1 
ATOM   1369 N N   . PHE B 1 80 ? -9.072  -9.522  21.693  1.00 6.08   ? 80  PHE B N   1 
ATOM   1370 C CA  . PHE B 1 80 ? -8.090  -9.412  22.782  1.00 5.92   ? 80  PHE B CA  1 
ATOM   1371 C C   . PHE B 1 80 ? -8.298  -10.388 23.952  1.00 6.23   ? 80  PHE B C   1 
ATOM   1372 O O   . PHE B 1 80 ? -7.331  -10.834 24.570  1.00 6.09   ? 80  PHE B O   1 
ATOM   1373 C CB  . PHE B 1 80 ? -8.016  -7.973  23.302  1.00 5.49   ? 80  PHE B CB  1 
ATOM   1374 C CG  . PHE B 1 80 ? -7.008  -7.135  22.588  1.00 4.65   ? 80  PHE B CG  1 
ATOM   1375 C CD1 . PHE B 1 80 ? -7.406  -6.173  21.667  1.00 4.33   ? 80  PHE B CD1 1 
ATOM   1376 C CD2 . PHE B 1 80 ? -5.650  -7.319  22.817  1.00 5.45   ? 80  PHE B CD2 1 
ATOM   1377 C CE1 . PHE B 1 80 ? -6.460  -5.396  20.983  1.00 4.43   ? 80  PHE B CE1 1 
ATOM   1378 C CE2 . PHE B 1 80 ? -4.693  -6.545  22.137  1.00 6.37   ? 80  PHE B CE2 1 
ATOM   1379 C CZ  . PHE B 1 80 ? -5.107  -5.583  21.215  1.00 4.84   ? 80  PHE B CZ  1 
ATOM   1380 N N   . GLU B 1 81 ? -9.553  -10.728 24.231  1.00 6.55   ? 81  GLU B N   1 
ATOM   1381 C CA  . GLU B 1 81 ? -9.877  -11.584 25.366  1.00 7.28   ? 81  GLU B CA  1 
ATOM   1382 C C   . GLU B 1 81 ? -9.840  -13.081 25.041  1.00 7.62   ? 81  GLU B C   1 
ATOM   1383 O O   . GLU B 1 81 ? -9.278  -13.866 25.810  1.00 8.69   ? 81  GLU B O   1 
ATOM   1384 C CB  . GLU B 1 81 ? -11.242 -11.207 25.969  1.00 7.11   ? 81  GLU B CB  1 
ATOM   1385 C CG  . GLU B 1 81 ? -11.642 -12.073 27.160  1.00 8.78   ? 81  GLU B CG  1 
ATOM   1386 C CD  . GLU B 1 81 ? -13.075 -11.866 27.612  1.00 9.54   ? 81  GLU B CD  1 
ATOM   1387 O OE1 . GLU B 1 81 ? -13.685 -10.837 27.257  1.00 12.07  ? 81  GLU B OE1 1 
ATOM   1388 O OE2 . GLU B 1 81 ? -13.595 -12.742 28.325  1.00 9.50   ? 81  GLU B OE2 1 
ATOM   1389 N N   . THR B 1 82 ? -10.473 -13.477 23.942  1.00 7.45   ? 82  THR B N   1 
ATOM   1390 C CA  . THR B 1 82 ? -10.703 -14.899 23.656  1.00 7.50   ? 82  THR B CA  1 
ATOM   1391 C C   . THR B 1 82 ? -9.705  -15.439 22.647  1.00 7.81   ? 82  THR B C   1 
ATOM   1392 O O   . THR B 1 82 ? -9.589  -16.661 22.466  1.00 7.51   ? 82  THR B O   1 
ATOM   1393 C CB  . THR B 1 82 ? -12.108 -15.138 23.074  1.00 7.68   ? 82  THR B CB  1 
ATOM   1394 O OG1 . THR B 1 82 ? -12.183 -14.541 21.776  1.00 6.38   ? 82  THR B OG1 1 
ATOM   1395 C CG2 . THR B 1 82 ? -13.184 -14.530 23.965  1.00 6.98   ? 82  THR B CG2 1 
ATOM   1396 N N   . ASN B 1 83 ? -9.011  -14.509 21.989  1.00 7.44   ? 83  ASN B N   1 
ATOM   1397 C CA  . ASN B 1 83 ? -8.091  -14.775 20.876  1.00 8.11   ? 83  ASN B CA  1 
ATOM   1398 C C   . ASN B 1 83 ? -8.687  -15.514 19.675  1.00 7.42   ? 83  ASN B C   1 
ATOM   1399 O O   . ASN B 1 83 ? -7.959  -15.964 18.783  1.00 7.28   ? 83  ASN B O   1 
ATOM   1400 C CB  . ASN B 1 83 ? -6.774  -15.388 21.389  1.00 8.90   ? 83  ASN B CB  1 
ATOM   1401 C CG  . ASN B 1 83 ? -5.992  -14.413 22.280  1.00 10.54  ? 83  ASN B CG  1 
ATOM   1402 O OD1 . ASN B 1 83 ? -5.546  -13.342 21.824  1.00 11.24  ? 83  ASN B OD1 1 
ATOM   1403 N ND2 . ASN B 1 83 ? -5.839  -14.769 23.560  1.00 10.62  ? 83  ASN B ND2 1 
ATOM   1404 N N   . LYS B 1 84 ? -10.017 -15.605 19.642  1.00 6.77   ? 84  LYS B N   1 
ATOM   1405 C CA  . LYS B 1 84 ? -10.717 -16.162 18.477  1.00 6.62   ? 84  LYS B CA  1 
ATOM   1406 C C   . LYS B 1 84 ? -10.715 -15.166 17.317  1.00 6.09   ? 84  LYS B C   1 
ATOM   1407 O O   . LYS B 1 84 ? -10.760 -13.951 17.547  1.00 5.22   ? 84  LYS B O   1 
ATOM   1408 C CB  . LYS B 1 84 ? -12.151 -16.563 18.819  1.00 6.49   ? 84  LYS B CB  1 
ATOM   1409 C CG  . LYS B 1 84 ? -12.248 -17.894 19.543  1.00 7.90   ? 84  LYS B CG  1 
ATOM   1410 C CD  . LYS B 1 84 ? -13.610 -18.086 20.173  1.00 9.92   ? 84  LYS B CD  1 
ATOM   1411 C CE  . LYS B 1 84 ? -13.633 -19.338 21.045  1.00 10.51  ? 84  LYS B CE  1 
ATOM   1412 N NZ  . LYS B 1 84 ? -14.745 -19.299 22.046  1.00 12.27  ? 84  LYS B NZ  1 
ATOM   1413 N N   . PRO B 1 85 ? -10.692 -15.685 16.069  1.00 6.07   ? 85  PRO B N   1 
ATOM   1414 C CA  . PRO B 1 85 ? -10.573 -14.851 14.864  1.00 6.04   ? 85  PRO B CA  1 
ATOM   1415 C C   . PRO B 1 85 ? -11.775 -13.928 14.640  1.00 6.41   ? 85  PRO B C   1 
ATOM   1416 O O   . PRO B 1 85 ? -12.928 -14.359 14.761  1.00 5.93   ? 85  PRO B O   1 
ATOM   1417 C CB  . PRO B 1 85 ? -10.448 -15.873 13.721  1.00 5.80   ? 85  PRO B CB  1 
ATOM   1418 C CG  . PRO B 1 85 ? -10.963 -17.138 14.238  1.00 6.01   ? 85  PRO B CG  1 
ATOM   1419 C CD  . PRO B 1 85 ? -10.775 -17.122 15.744  1.00 6.42   ? 85  PRO B CD  1 
ATOM   1420 N N   . LEU B 1 86 ? -11.500 -12.663 14.337  1.00 6.67   ? 86  LEU B N   1 
ATOM   1421 C CA  . LEU B 1 86 ? -12.549 -11.728 13.945  1.00 7.90   ? 86  LEU B CA  1 
ATOM   1422 C C   . LEU B 1 86 ? -12.617 -11.554 12.420  1.00 8.53   ? 86  LEU B C   1 
ATOM   1423 O O   . LEU B 1 86 ? -13.597 -11.011 11.898  1.00 8.38   ? 86  LEU B O   1 
ATOM   1424 C CB  . LEU B 1 86 ? -12.377 -10.381 14.644  1.00 8.62   ? 86  LEU B CB  1 
ATOM   1425 C CG  . LEU B 1 86 ? -12.541 -10.325 16.165  1.00 8.14   ? 86  LEU B CG  1 
ATOM   1426 C CD1 . LEU B 1 86 ? -11.849 -9.077  16.691  1.00 10.80  ? 86  LEU B CD1 1 
ATOM   1427 C CD2 . LEU B 1 86 ? -14.008 -10.342 16.596  1.00 10.43  ? 86  LEU B CD2 1 
ATOM   1428 N N   . GLU B 1 87 ? -11.564 -12.019 11.738  1.00 8.72   ? 87  GLU B N   1 
ATOM   1429 C CA  . GLU B 1 87 ? -11.459 -12.066 10.283  1.00 9.77   ? 87  GLU B CA  1 
ATOM   1430 C C   . GLU B 1 87 ? -10.846 -13.425 9.921   1.00 10.45  ? 87  GLU B C   1 
ATOM   1431 O O   . GLU B 1 87 ? -10.170 -14.034 10.760  1.00 10.85  ? 87  GLU B O   1 
ATOM   1432 C CB  . GLU B 1 87 ? -10.505 -10.969 9.768   1.00 9.63   ? 87  GLU B CB  1 
ATOM   1433 C CG  . GLU B 1 87 ? -11.039 -9.548  9.773   1.00 10.10  ? 87  GLU B CG  1 
ATOM   1434 C CD  . GLU B 1 87 ? -12.263 -9.321  8.872   1.00 10.94  ? 87  GLU B CD  1 
ATOM   1435 O OE1 . GLU B 1 87 ? -13.030 -8.395  9.183   1.00 12.21  ? 87  GLU B OE1 1 
ATOM   1436 O OE2 . GLU B 1 87 ? -12.463 -10.029 7.868   1.00 10.53  ? 87  GLU B OE2 1 
ATOM   1437 N N   . PRO B 1 88 ? -11.066 -13.908 8.675   1.00 11.14  ? 88  PRO B N   1 
ATOM   1438 C CA  . PRO B 1 88 ? -10.229 -15.019 8.189   1.00 10.85  ? 88  PRO B CA  1 
ATOM   1439 C C   . PRO B 1 88 ? -8.791  -14.564 7.937   1.00 10.57  ? 88  PRO B C   1 
ATOM   1440 O O   . PRO B 1 88 ? -8.582  -13.439 7.466   1.00 10.92  ? 88  PRO B O   1 
ATOM   1441 C CB  . PRO B 1 88 ? -10.908 -15.427 6.881   1.00 11.14  ? 88  PRO B CB  1 
ATOM   1442 C CG  . PRO B 1 88 ? -11.609 -14.190 6.419   1.00 11.60  ? 88  PRO B CG  1 
ATOM   1443 C CD  . PRO B 1 88 ? -12.085 -13.516 7.678   1.00 11.10  ? 88  PRO B CD  1 
ATOM   1444 N N   . PRO B 1 89 ? -7.796  -15.409 8.277   1.00 10.42  ? 89  PRO B N   1 
ATOM   1445 C CA  . PRO B 1 89 ? -6.400  -15.071 8.019   1.00 10.36  ? 89  PRO B CA  1 
ATOM   1446 C C   . PRO B 1 89 ? -6.100  -14.877 6.529   1.00 10.47  ? 89  PRO B C   1 
ATOM   1447 O O   . PRO B 1 89 ? -6.367  -15.775 5.695   1.00 11.31  ? 89  PRO B O   1 
ATOM   1448 C CB  . PRO B 1 89 ? -5.633  -16.263 8.599   1.00 10.50  ? 89  PRO B CB  1 
ATOM   1449 C CG  . PRO B 1 89 ? -6.565  -16.862 9.599   1.00 10.42  ? 89  PRO B CG  1 
ATOM   1450 C CD  . PRO B 1 89 ? -7.916  -16.706 8.966   1.00 10.70  ? 89  PRO B CD  1 
ATOM   1451 N N   . SER B 1 90 ? -5.561  -13.702 6.199   1.00 9.86   ? 90  SER B N   1 
ATOM   1452 C CA  . SER B 1 90 ? -5.424  -13.272 4.798   1.00 10.06  ? 90  SER B CA  1 
ATOM   1453 C C   . SER B 1 90 ? -3.982  -12.965 4.428   1.00 9.52   ? 90  SER B C   1 
ATOM   1454 O O   . SER B 1 90 ? -3.263  -12.332 5.189   1.00 9.43   ? 90  SER B O   1 
ATOM   1455 C CB  . SER B 1 90 ? -6.306  -12.044 4.533   1.00 9.88   ? 90  SER B CB  1 
ATOM   1456 O OG  . SER B 1 90 ? -6.025  -11.483 3.258   1.00 11.68  ? 90  SER B OG  1 
ATOM   1457 N N   . GLU B 1 91 ? -3.570  -13.417 3.248   1.00 9.21   ? 91  GLU B N   1 
ATOM   1458 C CA  . GLU B 1 91 ? -2.238  -13.127 2.740   1.00 9.19   ? 91  GLU B CA  1 
ATOM   1459 C C   . GLU B 1 91 ? -2.140  -11.720 2.166   1.00 8.68   ? 91  GLU B C   1 
ATOM   1460 O O   . GLU B 1 91 ? -3.093  -11.197 1.580   1.00 8.50   ? 91  GLU B O   1 
ATOM   1461 C CB  . GLU B 1 91 ? -1.821  -14.158 1.674   1.00 9.46   ? 91  GLU B CB  1 
ATOM   1462 C CG  . GLU B 1 91 ? -1.481  -15.498 2.284   1.00 11.64  ? 91  GLU B CG  1 
ATOM   1463 C CD  . GLU B 1 91 ? -0.637  -16.386 1.403   1.00 14.74  ? 91  GLU B CD  1 
ATOM   1464 O OE1 . GLU B 1 91 ? -0.540  -16.154 0.168   1.00 14.42  ? 91  GLU B OE1 1 
ATOM   1465 O OE2 . GLU B 1 91 ? -0.059  -17.337 1.975   1.00 16.84  ? 91  GLU B OE2 1 
ATOM   1466 N N   . PHE B 1 92 ? -0.972  -11.115 2.330   1.00 7.96   ? 92  PHE B N   1 
ATOM   1467 C CA  . PHE B 1 92 ? -0.641  -9.882  1.620   1.00 7.47   ? 92  PHE B CA  1 
ATOM   1468 C C   . PHE B 1 92 ? 0.852   -9.861  1.314   1.00 7.40   ? 92  PHE B C   1 
ATOM   1469 O O   . PHE B 1 92 ? 1.585   -10.705 1.827   1.00 7.24   ? 92  PHE B O   1 
ATOM   1470 C CB  . PHE B 1 92 ? -1.110  -8.625  2.390   1.00 7.56   ? 92  PHE B CB  1 
ATOM   1471 C CG  . PHE B 1 92 ? -0.353  -8.359  3.658   1.00 6.91   ? 92  PHE B CG  1 
ATOM   1472 C CD1 . PHE B 1 92 ? 0.655   -7.409  3.687   1.00 7.43   ? 92  PHE B CD1 1 
ATOM   1473 C CD2 . PHE B 1 92 ? -0.634  -9.074  4.813   1.00 6.19   ? 92  PHE B CD2 1 
ATOM   1474 C CE1 . PHE B 1 92 ? 1.350   -7.156  4.864   1.00 6.62   ? 92  PHE B CE1 1 
ATOM   1475 C CE2 . PHE B 1 92 ? 0.058   -8.835  5.995   1.00 6.35   ? 92  PHE B CE2 1 
ATOM   1476 C CZ  . PHE B 1 92 ? 1.054   -7.872  6.018   1.00 6.45   ? 92  PHE B CZ  1 
ATOM   1477 N N   . ILE B 1 93 ? 1.281   -8.925  0.462   1.00 6.64   ? 93  ILE B N   1 
ATOM   1478 C CA  . ILE B 1 93 ? 2.655   -8.894  -0.036  1.00 7.61   ? 93  ILE B CA  1 
ATOM   1479 C C   . ILE B 1 93 ? 3.298   -7.541  0.234   1.00 7.87   ? 93  ILE B C   1 
ATOM   1480 O O   . ILE B 1 93 ? 2.714   -6.498  -0.050  1.00 7.88   ? 93  ILE B O   1 
ATOM   1481 C CB  . ILE B 1 93 ? 2.719   -9.168  -1.580  1.00 7.51   ? 93  ILE B CB  1 
ATOM   1482 C CG1 . ILE B 1 93 ? 1.850   -10.356 -1.967  1.00 8.80   ? 93  ILE B CG1 1 
ATOM   1483 C CG2 . ILE B 1 93 ? 4.161   -9.362  -2.073  1.00 8.19   ? 93  ILE B CG2 1 
ATOM   1484 C CD1 . ILE B 1 93 ? 2.424   -11.714 -1.606  1.00 11.31  ? 93  ILE B CD1 1 
ATOM   1485 N N   . ILE B 1 94 ? 4.483   -7.565  0.833   1.00 7.60   ? 94  ILE B N   1 
ATOM   1486 C CA  . ILE B 1 94 ? 5.302   -6.369  0.900   1.00 6.90   ? 94  ILE B CA  1 
ATOM   1487 C C   . ILE B 1 94 ? 6.353   -6.470  -0.203  1.00 6.57   ? 94  ILE B C   1 
ATOM   1488 O O   . ILE B 1 94 ? 7.099   -7.439  -0.267  1.00 6.54   ? 94  ILE B O   1 
ATOM   1489 C CB  . ILE B 1 94 ? 5.937   -6.166  2.289   1.00 6.45   ? 94  ILE B CB  1 
ATOM   1490 C CG1 . ILE B 1 94 ? 4.842   -6.015  3.370   1.00 6.11   ? 94  ILE B CG1 1 
ATOM   1491 C CG2 . ILE B 1 94 ? 6.832   -4.931  2.260   1.00 7.25   ? 94  ILE B CG2 1 
ATOM   1492 C CD1 . ILE B 1 94 ? 5.368   -5.837  4.825   1.00 5.38   ? 94  ILE B CD1 1 
ATOM   1493 N N   . LYS B 1 95 ? 6.404   -5.461  -1.069  1.00 6.75   ? 95  LYS B N   1 
ATOM   1494 C CA  . LYS B 1 95 ? 7.372   -5.450  -2.157  1.00 7.58   ? 95  LYS B CA  1 
ATOM   1495 C C   . LYS B 1 95 ? 8.445   -4.387  -1.954  1.00 7.79   ? 95  LYS B C   1 
ATOM   1496 O O   . LYS B 1 95 ? 8.143   -3.238  -1.631  1.00 6.35   ? 95  LYS B O   1 
ATOM   1497 C CB  . LYS B 1 95 ? 6.655   -5.235  -3.489  1.00 7.35   ? 95  LYS B CB  1 
ATOM   1498 C CG  . LYS B 1 95 ? 5.806   -6.425  -3.882  1.00 9.48   ? 95  LYS B CG  1 
ATOM   1499 C CD  . LYS B 1 95 ? 4.888   -6.117  -5.050  1.00 9.75   ? 95  LYS B CD  1 
ATOM   1500 C CE  . LYS B 1 95 ? 4.180   -7.375  -5.512  1.00 8.93   ? 95  LYS B CE  1 
ATOM   1501 N NZ  . LYS B 1 95 ? 3.523   -7.174  -6.846  1.00 11.63  ? 95  LYS B NZ  1 
ATOM   1502 N N   . VAL B 1 96 ? 9.700   -4.763  -2.212  1.00 9.05   ? 96  VAL B N   1 
ATOM   1503 C CA  . VAL B 1 96 ? 10.799  -3.820  -1.929  1.00 11.47  ? 96  VAL B CA  1 
ATOM   1504 C C   . VAL B 1 96 ? 11.448  -3.083  -3.099  1.00 12.67  ? 96  VAL B C   1 
ATOM   1505 O O   . VAL B 1 96 ? 12.205  -3.679  -3.863  1.00 14.04  ? 96  VAL B O   1 
ATOM   1506 C CB  . VAL B 1 96 ? 11.931  -4.495  -1.144  1.00 11.02  ? 96  VAL B CB  1 
ATOM   1507 C CG1 . VAL B 1 96 ? 13.055  -3.494  -0.856  1.00 10.35  ? 96  VAL B CG1 1 
ATOM   1508 C CG2 . VAL B 1 96 ? 11.373  -5.082  0.158   1.00 11.88  ? 96  VAL B CG2 1 
ATOM   1509 N N   . GLN B 1 97 ? 11.153  -1.798  -3.218  1.00 14.44  ? 97  GLN B N   1 
ATOM   1510 C CA  . GLN B 1 97 ? 11.970  -0.865  -4.011  1.00 16.69  ? 97  GLN B CA  1 
ATOM   1511 C C   . GLN B 1 97 ? 12.678  -1.270  -5.330  1.00 18.40  ? 97  GLN B C   1 
ATOM   1512 O O   . GLN B 1 97 ? 12.232  -2.142  -6.091  1.00 19.71  ? 97  GLN B O   1 
ATOM   1513 C CB  . GLN B 1 97 ? 13.073  -0.395  -3.062  1.00 15.84  ? 97  GLN B CB  1 
ATOM   1514 C CG  . GLN B 1 97 ? 13.439  1.049   -3.128  1.00 16.93  ? 97  GLN B CG  1 
ATOM   1515 C CD  . GLN B 1 97 ? 14.913  1.206   -2.862  1.00 18.59  ? 97  GLN B CD  1 
ATOM   1516 O OE1 . GLN B 1 97 ? 15.727  0.333   -3.212  1.00 20.48  ? 97  GLN B OE1 1 
ATOM   1517 N NE2 . GLN B 1 97 ? 15.388  2.273   -2.233  1.00 21.16  ? 97  GLN B NE2 1 
ATOM   1518 N N   . ASP B 1 98 ? 13.800  -0.559  -5.541  1.00 19.26  ? 98  ASP B N   1 
ATOM   1519 C CA  . ASP B 1 98 ? 14.802  -0.593  -6.626  1.00 21.06  ? 98  ASP B CA  1 
ATOM   1520 C C   . ASP B 1 98 ? 15.155  0.882   -6.816  1.00 21.16  ? 98  ASP B C   1 
ATOM   1521 O O   . ASP B 1 98 ? 14.558  1.751   -6.160  1.00 21.31  ? 98  ASP B O   1 
ATOM   1522 C CB  . ASP B 1 98 ? 14.335  -1.187  -7.962  1.00 21.18  ? 98  ASP B CB  1 
ATOM   1523 C CG  . ASP B 1 98 ? 14.715  -0.286  -9.144  1.00 23.88  ? 98  ASP B CG  1 
ATOM   1524 O OD1 . ASP B 1 98 ? 14.196  0.858   -9.189  1.00 26.63  ? 98  ASP B OD1 1 
ATOM   1525 O OD2 . ASP B 1 98 ? 15.516  -0.696  -10.029 1.00 26.16  ? 98  ASP B OD2 1 
HETATM 1526 O O   . HOH C 2 .  ? -5.569  -4.480  6.147   1.00 4.64   ? 99  HOH A O   1 
HETATM 1527 O O   . HOH C 2 .  ? -4.974  -1.585  -7.452  1.00 4.35   ? 100 HOH A O   1 
HETATM 1528 O O   . HOH C 2 .  ? -4.530  9.111   -15.461 1.00 5.45   ? 101 HOH A O   1 
HETATM 1529 O O   . HOH C 2 .  ? 8.336   13.216  -4.017  1.00 7.29   ? 102 HOH A O   1 
HETATM 1530 O O   . HOH C 2 .  ? -0.886  8.689   -17.148 1.00 14.91  ? 103 HOH A O   1 
HETATM 1531 O O   . HOH C 2 .  ? -9.698  -3.185  0.306   1.00 8.15   ? 104 HOH A O   1 
HETATM 1532 O O   . HOH C 2 .  ? -3.340  7.534   -17.195 1.00 4.91   ? 105 HOH A O   1 
HETATM 1533 O O   . HOH C 2 .  ? -0.168  -2.926  -12.685 1.00 6.46   ? 106 HOH A O   1 
HETATM 1534 O O   . HOH C 2 .  ? -0.560  11.030  -13.916 1.00 9.04   ? 107 HOH A O   1 
HETATM 1535 O O   . HOH C 2 .  ? 3.847   3.433   -0.107  1.00 4.34   ? 108 HOH A O   1 
HETATM 1536 O O   . HOH C 2 .  ? 1.947   0.975   -1.213  1.00 6.65   ? 109 HOH A O   1 
HETATM 1537 O O   . HOH C 2 .  ? -9.693  7.529   -12.586 1.00 8.35   ? 110 HOH A O   1 
HETATM 1538 O O   . HOH C 2 .  ? -12.439 1.552   -14.731 1.00 6.38   ? 111 HOH A O   1 
HETATM 1539 O O   . HOH C 2 .  ? 0.083   16.877  1.718   1.00 7.11   ? 112 HOH A O   1 
HETATM 1540 O O   . HOH C 2 .  ? -7.115  15.535  4.682   1.00 17.15  ? 113 HOH A O   1 
HETATM 1541 O O   . HOH C 2 .  ? 7.721   20.062  -4.371  1.00 13.44  ? 114 HOH A O   1 
HETATM 1542 O O   . HOH C 2 .  ? -2.547  -2.665  1.420   1.00 15.54  ? 115 HOH A O   1 
HETATM 1543 O O   . HOH C 2 .  ? 1.070   7.493   -18.432 1.00 7.15   ? 116 HOH A O   1 
HETATM 1544 O O   . HOH C 2 .  ? 4.563   20.005  8.234   1.00 18.35  ? 117 HOH A O   1 
HETATM 1545 O O   . HOH C 2 .  ? 4.501   6.468   -12.382 1.00 6.17   ? 118 HOH A O   1 
HETATM 1546 O O   . HOH C 2 .  ? 11.062  16.176  2.063   1.00 13.19  ? 119 HOH A O   1 
HETATM 1547 O O   . HOH C 2 .  ? 10.936  5.484   -5.987  1.00 7.27   ? 120 HOH A O   1 
HETATM 1548 O O   . HOH C 2 .  ? -2.471  -8.626  -19.848 1.00 27.29  ? 121 HOH A O   1 
HETATM 1549 O O   . HOH C 2 .  ? -0.724  -0.244  2.045   1.00 13.85  ? 122 HOH A O   1 
HETATM 1550 O O   . HOH C 2 .  ? -11.801 -9.323  4.035   1.00 9.55   ? 123 HOH A O   1 
HETATM 1551 O O   . HOH C 2 .  ? -13.757 3.360   -16.183 1.00 6.36   ? 124 HOH A O   1 
HETATM 1552 O O   . HOH C 2 .  ? -12.730 0.956   -3.364  1.00 11.24  ? 125 HOH A O   1 
HETATM 1553 O O   . HOH C 2 .  ? 0.068   -0.629  -4.216  1.00 7.98   ? 126 HOH A O   1 
HETATM 1554 O O   . HOH C 2 .  ? -0.479  -9.155  -22.428 1.00 47.85  ? 127 HOH A O   1 
HETATM 1555 O O   . HOH C 2 .  ? -6.304  10.713  -17.034 1.00 14.07  ? 128 HOH A O   1 
HETATM 1556 O O   . HOH C 2 .  ? -0.816  -2.347  -18.813 1.00 7.34   ? 129 HOH A O   1 
HETATM 1557 O O   . HOH C 2 .  ? 8.121   0.007   -13.695 1.00 21.10  ? 130 HOH A O   1 
HETATM 1558 O O   . HOH C 2 .  ? 4.666   7.734   -14.415 1.00 16.16  ? 131 HOH A O   1 
HETATM 1559 O O   . HOH C 2 .  ? -2.040  19.146  -1.494  1.00 10.71  ? 132 HOH A O   1 
HETATM 1560 O O   . HOH C 2 .  ? -3.321  8.107   9.759   1.00 18.63  ? 133 HOH A O   1 
HETATM 1561 O O   . HOH C 2 .  ? -4.254  9.844   7.828   1.00 27.14  ? 134 HOH A O   1 
HETATM 1562 O O   . HOH C 2 .  ? -2.103  10.690  7.206   1.00 7.95   ? 135 HOH A O   1 
HETATM 1563 O O   . HOH C 2 .  ? -0.778  8.639   8.641   1.00 32.07  ? 136 HOH A O   1 
HETATM 1564 O O   . HOH C 2 .  ? -13.217 2.464   0.457   1.00 27.31  ? 137 HOH A O   1 
HETATM 1565 O O   . HOH C 2 .  ? -0.335  21.180  -5.162  1.00 24.21  ? 138 HOH A O   1 
HETATM 1566 O O   . HOH C 2 .  ? -2.498  19.900  -6.927  1.00 11.59  ? 139 HOH A O   1 
HETATM 1567 O O   . HOH C 2 .  ? -3.861  20.595  -4.124  1.00 24.57  ? 140 HOH A O   1 
HETATM 1568 O O   . HOH C 2 .  ? -6.519  18.158  -5.695  1.00 9.54   ? 141 HOH A O   1 
HETATM 1569 O O   . HOH C 2 .  ? -6.706  18.147  -8.148  1.00 16.56  ? 142 HOH A O   1 
HETATM 1570 O O   . HOH C 2 .  ? -16.657 0.945   -15.109 1.00 34.36  ? 143 HOH A O   1 
HETATM 1571 O O   . HOH C 2 .  ? -15.160 3.180   -4.535  1.00 20.90  ? 144 HOH A O   1 
HETATM 1572 O O   . HOH C 2 .  ? 9.695   18.762  9.445   1.00 32.72  ? 145 HOH A O   1 
HETATM 1573 O O   . HOH C 2 .  ? -2.292  13.797  13.432  1.00 39.92  ? 146 HOH A O   1 
HETATM 1574 O O   . HOH C 2 .  ? 0.778   14.990  13.673  1.00 17.81  ? 147 HOH A O   1 
HETATM 1575 O O   . HOH C 2 .  ? 6.319   3.763   -13.931 1.00 10.62  ? 148 HOH A O   1 
HETATM 1576 O O   . HOH C 2 .  ? -8.144  14.164  -11.791 1.00 12.57  ? 149 HOH A O   1 
HETATM 1577 O O   . HOH C 2 .  ? -3.266  -7.853  -15.235 1.00 36.22  ? 150 HOH A O   1 
HETATM 1578 O O   . HOH C 2 .  ? 5.296   -2.554  -9.154  1.00 11.31  ? 151 HOH A O   1 
HETATM 1579 O O   . HOH C 2 .  ? -3.623  11.351  -13.558 1.00 14.74  ? 152 HOH A O   1 
HETATM 1580 O O   . HOH C 2 .  ? -9.150  3.425   -17.006 1.00 155.89 ? 153 HOH A O   1 
HETATM 1581 O O   . HOH C 2 .  ? -11.901 9.921   -15.381 1.00 27.79  ? 154 HOH A O   1 
HETATM 1582 O O   . HOH C 2 .  ? -7.353  -4.330  -28.459 1.00 30.92  ? 155 HOH A O   1 
HETATM 1583 O O   . HOH C 2 .  ? -16.016 5.346   -6.414  1.00 35.42  ? 156 HOH A O   1 
HETATM 1584 O O   . HOH C 2 .  ? 7.146   13.420  -13.785 1.00 10.92  ? 157 HOH A O   1 
HETATM 1585 O O   . HOH C 2 .  ? 5.306   16.024  -15.337 1.00 43.83  ? 158 HOH A O   1 
HETATM 1586 O O   . HOH C 2 .  ? -8.421  4.314   -23.812 1.00 22.98  ? 159 HOH A O   1 
HETATM 1587 O O   . HOH C 2 .  ? 7.072   16.047  -13.289 1.00 35.83  ? 160 HOH A O   1 
HETATM 1588 O O   . HOH C 2 .  ? -2.880  8.276   -20.163 1.00 29.65  ? 161 HOH A O   1 
HETATM 1589 O O   . HOH C 2 .  ? 3.779   -2.569  -12.850 1.00 19.48  ? 162 HOH A O   1 
HETATM 1590 O O   . HOH C 2 .  ? -11.830 4.780   0.179   1.00 31.50  ? 163 HOH A O   1 
HETATM 1591 O O   . HOH C 2 .  ? -15.293 -6.992  3.708   1.00 42.05  ? 164 HOH A O   1 
HETATM 1592 O O   . HOH C 2 .  ? 10.781  20.518  -2.793  1.00 21.52  ? 165 HOH A O   1 
HETATM 1593 O O   . HOH C 2 .  ? 8.428   20.594  6.990   1.00 20.85  ? 166 HOH A O   1 
HETATM 1594 O O   . HOH C 2 .  ? -6.949  17.710  -3.249  1.00 17.61  ? 167 HOH A O   1 
HETATM 1595 O O   . HOH C 2 .  ? -9.485  -5.425  -1.116  1.00 9.44   ? 168 HOH A O   1 
HETATM 1596 O O   . HOH C 2 .  ? -13.281 -6.718  -18.070 1.00 29.13  ? 169 HOH A O   1 
HETATM 1597 O O   . HOH C 2 .  ? 6.317   4.479   -0.366  1.00 24.57  ? 170 HOH A O   1 
HETATM 1598 O O   . HOH C 2 .  ? -3.695  13.340  -14.822 1.00 9.77   ? 171 HOH A O   1 
HETATM 1599 O O   . HOH C 2 .  ? 2.662   9.843   -16.698 1.00 22.35  ? 172 HOH A O   1 
HETATM 1600 O O   . HOH C 2 .  ? -1.704  -5.529  -15.716 1.00 28.75  ? 173 HOH A O   1 
HETATM 1601 O O   . HOH C 2 .  ? 1.225   -11.148 -22.455 1.00 23.93  ? 174 HOH A O   1 
HETATM 1602 O O   . HOH C 2 .  ? -8.828  3.630   1.986   1.00 47.62  ? 175 HOH A O   1 
HETATM 1603 O O   . HOH D 2 .  ? 13.992  0.749   8.167   1.00 5.95   ? 99  HOH B O   1 
HETATM 1604 O O   . HOH D 2 .  ? 9.894   -5.812  -5.570  1.00 6.37   ? 100 HOH B O   1 
HETATM 1605 O O   . HOH D 2 .  ? 14.798  -7.396  1.283   1.00 7.18   ? 101 HOH B O   1 
HETATM 1606 O O   . HOH D 2 .  ? 4.259   1.866   1.884   1.00 5.47   ? 102 HOH B O   1 
HETATM 1607 O O   . HOH D 2 .  ? -5.696  -0.508  12.120  1.00 6.12   ? 103 HOH B O   1 
HETATM 1608 O O   . HOH D 2 .  ? 0.895   -8.726  17.169  1.00 6.06   ? 104 HOH B O   1 
HETATM 1609 O O   . HOH D 2 .  ? 19.689  -2.939  9.536   1.00 11.10  ? 105 HOH B O   1 
HETATM 1610 O O   . HOH D 2 .  ? -5.243  -15.077 1.560   1.00 18.99  ? 106 HOH B O   1 
HETATM 1611 O O   . HOH D 2 .  ? 7.770   5.978   9.187   1.00 6.39   ? 107 HOH B O   1 
HETATM 1612 O O   . HOH D 2 .  ? -7.657  -13.591 11.627  1.00 6.23   ? 108 HOH B O   1 
HETATM 1613 O O   . HOH D 2 .  ? -12.461 -4.782  -7.551  1.00 5.70   ? 109 HOH B O   1 
HETATM 1614 O O   . HOH D 2 .  ? 4.646   -0.822  14.113  1.00 5.70   ? 110 HOH B O   1 
HETATM 1615 O O   . HOH D 2 .  ? -0.769  -13.531 11.218  1.00 10.69  ? 111 HOH B O   1 
HETATM 1616 O O   . HOH D 2 .  ? 0.680   5.690   11.365  1.00 27.31  ? 112 HOH B O   1 
HETATM 1617 O O   . HOH D 2 .  ? 2.157   -10.390 15.500  1.00 6.09   ? 113 HOH B O   1 
HETATM 1618 O O   . HOH D 2 .  ? -6.910  -6.861  -2.565  1.00 6.92   ? 114 HOH B O   1 
HETATM 1619 O O   . HOH D 2 .  ? -1.556  -0.316  4.382   1.00 5.72   ? 115 HOH B O   1 
HETATM 1620 O O   . HOH D 2 .  ? 5.458   -1.168  16.679  1.00 13.15  ? 116 HOH B O   1 
HETATM 1621 O O   . HOH D 2 .  ? 6.234   3.293   2.952   1.00 19.00  ? 117 HOH B O   1 
HETATM 1622 O O   . HOH D 2 .  ? 15.216  -10.812 4.110   1.00 9.17   ? 118 HOH B O   1 
HETATM 1623 O O   . HOH D 2 .  ? 1.409   1.432   1.970   1.00 13.86  ? 119 HOH B O   1 
HETATM 1624 O O   . HOH D 2 .  ? 17.712  4.007   9.354   1.00 11.73  ? 120 HOH B O   1 
HETATM 1625 O O   . HOH D 2 .  ? -1.334  -5.773  23.336  1.00 21.44  ? 121 HOH B O   1 
HETATM 1626 O O   . HOH D 2 .  ? -4.320  -1.308  5.181   1.00 12.78  ? 122 HOH B O   1 
HETATM 1627 O O   . HOH D 2 .  ? -3.972  2.722   13.359  1.00 14.78  ? 123 HOH B O   1 
HETATM 1628 O O   . HOH D 2 .  ? 0.754   -18.367 -0.584  1.00 20.43  ? 124 HOH B O   1 
HETATM 1629 O O   . HOH D 2 .  ? 0.703   1.790   20.234  1.00 19.65  ? 125 HOH B O   1 
HETATM 1630 O O   . HOH D 2 .  ? -11.161 -5.901  -5.616  1.00 20.65  ? 126 HOH B O   1 
HETATM 1631 O O   . HOH D 2 .  ? -6.834  -2.387  18.143  1.00 7.20   ? 127 HOH B O   1 
HETATM 1632 O O   . HOH D 2 .  ? 15.164  -7.890  14.087  1.00 18.11  ? 128 HOH B O   1 
HETATM 1633 O O   . HOH D 2 .  ? 11.381  -12.781 -3.481  1.00 20.84  ? 129 HOH B O   1 
HETATM 1634 O O   . HOH D 2 .  ? -6.903  -15.918 13.314  1.00 8.81   ? 130 HOH B O   1 
HETATM 1635 O O   . HOH D 2 .  ? 20.286  -2.207  1.122   1.00 17.04  ? 131 HOH B O   1 
HETATM 1636 O O   . HOH D 2 .  ? 9.987   -6.464  16.441  1.00 19.04  ? 132 HOH B O   1 
HETATM 1637 O O   . HOH D 2 .  ? 2.479   -14.293 14.335  1.00 18.28  ? 133 HOH B O   1 
HETATM 1638 O O   . HOH D 2 .  ? -6.709  0.327   14.573  1.00 14.58  ? 134 HOH B O   1 
HETATM 1639 O O   . HOH D 2 .  ? -0.380  -0.174  -1.760  1.00 11.89  ? 135 HOH B O   1 
HETATM 1640 O O   . HOH D 2 .  ? -14.338 -2.603  3.262   1.00 25.87  ? 136 HOH B O   1 
HETATM 1641 O O   . HOH D 2 .  ? -3.033  -0.436  -1.746  1.00 10.27  ? 137 HOH B O   1 
HETATM 1642 O O   . HOH D 2 .  ? -2.106  -2.645  -5.928  1.00 6.86   ? 138 HOH B O   1 
HETATM 1643 O O   . HOH D 2 .  ? 9.004   4.522   1.837   1.00 45.81  ? 139 HOH B O   1 
HETATM 1644 O O   . HOH D 2 .  ? 12.091  -3.821  -8.398  1.00 30.44  ? 140 HOH B O   1 
HETATM 1645 O O   . HOH D 2 .  ? 2.588   7.628   9.804   1.00 7.51   ? 141 HOH B O   1 
HETATM 1646 O O   . HOH D 2 .  ? -11.753 -2.131  -4.778  1.00 26.61  ? 142 HOH B O   1 
HETATM 1647 O O   . HOH D 2 .  ? -9.497  -1.593  17.117  1.00 24.36  ? 143 HOH B O   1 
HETATM 1648 O O   . HOH D 2 .  ? -8.904  -1.346  14.510  1.00 8.20   ? 144 HOH B O   1 
HETATM 1649 O O   . HOH D 2 .  ? 3.147   -7.389  18.028  1.00 18.66  ? 145 HOH B O   1 
HETATM 1650 O O   . HOH D 2 .  ? -2.609  -8.045  25.038  1.00 13.85  ? 146 HOH B O   1 
HETATM 1651 O O   . HOH D 2 .  ? -3.269  -10.708 23.767  1.00 21.65  ? 147 HOH B O   1 
HETATM 1652 O O   . HOH D 2 .  ? -1.631  -10.198 26.981  1.00 28.87  ? 148 HOH B O   1 
HETATM 1653 O O   . HOH D 2 .  ? 4.799   -10.451 14.301  1.00 20.53  ? 149 HOH B O   1 
HETATM 1654 O O   . HOH D 2 .  ? 5.954   -15.465 11.820  1.00 19.57  ? 150 HOH B O   1 
HETATM 1655 O O   . HOH D 2 .  ? -7.418  -16.635 16.061  1.00 22.13  ? 151 HOH B O   1 
HETATM 1656 O O   . HOH D 2 .  ? -3.789  -16.621 16.354  1.00 17.74  ? 152 HOH B O   1 
HETATM 1657 O O   . HOH D 2 .  ? 15.236  -1.128  14.288  1.00 7.55   ? 153 HOH B O   1 
HETATM 1658 O O   . HOH D 2 .  ? -16.228 -11.243 13.695  1.00 27.48  ? 154 HOH B O   1 
HETATM 1659 O O   . HOH D 2 .  ? -1.203  4.749   14.305  1.00 32.78  ? 155 HOH B O   1 
HETATM 1660 O O   . HOH D 2 .  ? -0.302  7.481   13.903  1.00 18.28  ? 156 HOH B O   1 
HETATM 1661 O O   . HOH D 2 .  ? 0.083   5.156   16.749  0.50 21.63  ? 157 HOH B O   1 
HETATM 1662 O O   . HOH D 2 .  ? 22.001  -1.305  -0.620  1.00 26.80  ? 158 HOH B O   1 
HETATM 1663 O O   . HOH D 2 .  ? 6.284   -17.391 5.136   1.00 14.73  ? 159 HOH B O   1 
HETATM 1664 O O   . HOH D 2 .  ? 8.809   -3.077  -5.554  1.00 28.62  ? 160 HOH B O   1 
HETATM 1665 O O   . HOH D 2 .  ? 4.601   -15.593 14.063  1.00 28.04  ? 161 HOH B O   1 
HETATM 1666 O O   . HOH D 2 .  ? 6.780   6.087   12.403  1.00 11.77  ? 162 HOH B O   1 
HETATM 1667 O O   . HOH D 2 .  ? 4.227   5.710   13.481  1.00 12.37  ? 163 HOH B O   1 
HETATM 1668 O O   . HOH D 2 .  ? -4.869  -10.545 -4.077  1.00 30.29  ? 164 HOH B O   1 
HETATM 1669 O O   . HOH D 2 .  ? 16.434  -4.342  -10.244 1.00 12.75  ? 165 HOH B O   1 
HETATM 1670 O O   . HOH D 2 .  ? 10.245  0.021   -7.380  1.00 19.07  ? 166 HOH B O   1 
HETATM 1671 O O   . HOH D 2 .  ? 2.443   -10.193 -6.748  1.00 12.67  ? 167 HOH B O   1 
HETATM 1672 O O   . HOH D 2 .  ? 3.051   -7.444  20.721  1.00 33.38  ? 168 HOH B O   1 
HETATM 1673 O O   . HOH D 2 .  ? 4.676   -3.330  18.804  0.50 21.95  ? 169 HOH B O   1 
HETATM 1674 O O   . HOH D 2 .  ? -2.202  -19.881 1.839   1.00 24.51  ? 170 HOH B O   1 
HETATM 1675 O O   . HOH D 2 .  ? -4.213  -17.853 4.535   1.00 34.46  ? 171 HOH B O   1 
HETATM 1676 O O   . HOH D 2 .  ? 16.973  -8.725  2.962   1.00 19.34  ? 172 HOH B O   1 
HETATM 1677 O O   . HOH D 2 .  ? 22.255  -4.900  1.353   1.00 33.56  ? 173 HOH B O   1 
HETATM 1678 O O   . HOH D 2 .  ? 11.240  -8.304  -0.471  1.00 41.71  ? 174 HOH B O   1 
HETATM 1679 O O   . HOH D 2 .  ? 4.602   -14.015 -3.086  1.00 17.06  ? 175 HOH B O   1 
HETATM 1680 O O   . HOH D 2 .  ? 17.219  -0.993  -4.592  1.00 63.71  ? 176 HOH B O   1 
HETATM 1681 O O   . HOH D 2 .  ? 21.698  -0.499  8.536   1.00 22.59  ? 177 HOH B O   1 
HETATM 1682 O O   . HOH D 2 .  ? 21.110  1.467   6.933   1.00 13.42  ? 178 HOH B O   1 
HETATM 1683 O O   . HOH D 2 .  ? 6.197   -1.304  19.315  1.00 67.84  ? 179 HOH B O   1 
HETATM 1684 O O   . HOH D 2 .  ? 10.412  -12.665 -6.022  1.00 39.77  ? 180 HOH B O   1 
HETATM 1685 O O   . HOH D 2 .  ? -6.676  -13.449 25.844  1.00 50.62  ? 181 HOH B O   1 
# 
loop_
_pdbx_poly_seq_scheme.asym_id 
_pdbx_poly_seq_scheme.entity_id 
_pdbx_poly_seq_scheme.seq_id 
_pdbx_poly_seq_scheme.mon_id 
_pdbx_poly_seq_scheme.ndb_seq_num 
_pdbx_poly_seq_scheme.pdb_seq_num 
_pdbx_poly_seq_scheme.auth_seq_num 
_pdbx_poly_seq_scheme.pdb_mon_id 
_pdbx_poly_seq_scheme.auth_mon_id 
_pdbx_poly_seq_scheme.pdb_strand_id 
_pdbx_poly_seq_scheme.pdb_ins_code 
_pdbx_poly_seq_scheme.hetero 
A 1 1  SER 1  1  1  SER SER A . n 
A 1 2  TRP 2  2  2  TRP TRP A . n 
A 1 3  VAL 3  3  3  VAL VAL A . n 
A 1 4  TRP 4  4  4  TRP TRP A . n 
A 1 5  ASN 5  5  5  ASN ASN A . n 
A 1 6  GLN 6  6  6  GLN GLN A . n 
A 1 7  MET 7  7  7  MET MET A . n 
A 1 8  PHE 8  8  8  PHE PHE A . n 
A 1 9  VAL 9  9  9  VAL VAL A . n 
A 1 10 LEU 10 10 10 LEU LEU A . n 
A 1 11 GLU 11 11 11 GLU GLU A . n 
A 1 12 GLU 12 12 12 GLU GLU A . n 
A 1 13 PHE 13 13 13 PHE PHE A . n 
A 1 14 SER 14 14 14 SER SER A . n 
A 1 15 GLY 15 15 15 GLY GLY A . n 
A 1 16 PRO 16 16 16 PRO PRO A . n 
A 1 17 GLU 17 17 17 GLU GLU A . n 
A 1 18 PRO 18 18 18 PRO PRO A . n 
A 1 19 ILE 19 19 19 ILE ILE A . n 
A 1 20 LEU 20 20 20 LEU LEU A . n 
A 1 21 VAL 21 21 21 VAL VAL A . n 
A 1 22 GLY 22 22 22 GLY GLY A . n 
A 1 23 ARG 23 23 23 ARG ARG A . n 
A 1 24 LEU 24 24 24 LEU LEU A . n 
A 1 25 HIS 25 25 25 HIS HIS A . n 
A 1 26 THR 26 26 26 THR THR A . n 
A 1 27 ASP 27 27 27 ASP ASP A . n 
A 1 28 LEU 28 28 28 LEU LEU A . n 
A 1 29 ASP 29 29 29 ASP ASP A . n 
A 1 30 PRO 30 30 30 PRO PRO A . n 
A 1 31 GLY 31 31 31 GLY GLY A . n 
A 1 32 SER 32 32 ?  ?   ?   A . n 
A 1 33 LYS 33 33 ?  ?   ?   A . n 
A 1 34 LYS 34 34 34 LYS LYS A . n 
A 1 35 ILE 35 35 35 ILE ILE A . n 
A 1 36 LYS 36 36 36 LYS LYS A . n 
A 1 37 TYR 37 37 37 TYR TYR A . n 
A 1 38 ILE 38 38 38 ILE ILE A . n 
A 1 39 LEU 39 39 39 LEU LEU A . n 
A 1 40 SER 40 40 40 SER SER A . n 
A 1 41 GLY 41 41 41 GLY GLY A . n 
A 1 42 ASP 42 42 42 ASP ASP A . n 
A 1 43 GLY 43 43 43 GLY GLY A . n 
A 1 44 ALA 44 44 44 ALA ALA A . n 
A 1 45 GLY 45 45 45 GLY GLY A . n 
A 1 46 THR 46 46 46 THR THR A . n 
A 1 47 ILE 47 47 47 ILE ILE A . n 
A 1 48 PHE 48 48 48 PHE PHE A . n 
A 1 49 GLN 49 49 49 GLN GLN A . n 
A 1 50 ILE 50 50 50 ILE ILE A . n 
A 1 51 ASN 51 51 51 ASN ASN A . n 
A 1 52 ASP 52 52 52 ASP ASP A . n 
A 1 53 ILE 53 53 53 ILE ILE A . n 
A 1 54 THR 54 54 54 THR THR A . n 
A 1 55 GLY 55 55 55 GLY GLY A . n 
A 1 56 ASP 56 56 56 ASP ASP A . n 
A 1 57 ILE 57 57 57 ILE ILE A . n 
A 1 58 HIS 58 58 58 HIS HIS A . n 
A 1 59 ALA 59 59 59 ALA ALA A . n 
A 1 60 ILE 60 60 60 ILE ILE A . n 
A 1 61 LYS 61 61 61 LYS LYS A . n 
A 1 62 ARG 62 62 62 ARG ARG A . n 
A 1 63 LEU 63 63 63 LEU LEU A . n 
A 1 64 ASP 64 64 64 ASP ASP A . n 
A 1 65 ARG 65 65 65 ARG ARG A . n 
A 1 66 GLU 66 66 66 GLU GLU A . n 
A 1 67 GLU 67 67 67 GLU GLU A . n 
A 1 68 LYS 68 68 68 LYS LYS A . n 
A 1 69 ALA 69 69 69 ALA ALA A . n 
A 1 70 GLU 70 70 70 GLU GLU A . n 
A 1 71 TYR 71 71 71 TYR TYR A . n 
A 1 72 THR 72 72 72 THR THR A . n 
A 1 73 LEU 73 73 73 LEU LEU A . n 
A 1 74 THR 74 74 74 THR THR A . n 
A 1 75 ALA 75 75 75 ALA ALA A . n 
A 1 76 GLN 76 76 76 GLN GLN A . n 
A 1 77 ALA 77 77 77 ALA ALA A . n 
A 1 78 VAL 78 78 78 VAL VAL A . n 
A 1 79 ASP 79 79 79 ASP ASP A . n 
A 1 80 PHE 80 80 80 PHE PHE A . n 
A 1 81 GLU 81 81 81 GLU GLU A . n 
A 1 82 THR 82 82 82 THR THR A . n 
A 1 83 ASN 83 83 83 ASN ASN A . n 
A 1 84 LYS 84 84 84 LYS LYS A . n 
A 1 85 PRO 85 85 85 PRO PRO A . n 
A 1 86 LEU 86 86 86 LEU LEU A . n 
A 1 87 GLU 87 87 87 GLU GLU A . n 
A 1 88 PRO 88 88 88 PRO PRO A . n 
A 1 89 PRO 89 89 89 PRO PRO A . n 
A 1 90 SER 90 90 90 SER SER A . n 
A 1 91 GLU 91 91 91 GLU GLU A . n 
A 1 92 PHE 92 92 92 PHE PHE A . n 
A 1 93 ILE 93 93 93 ILE ILE A . n 
A 1 94 ILE 94 94 94 ILE ILE A . n 
A 1 95 LYS 95 95 95 LYS LYS A . n 
A 1 96 VAL 96 96 96 VAL VAL A . n 
A 1 97 GLN 97 97 97 GLN GLN A . n 
A 1 98 ASP 98 98 98 ASP ASP A . n 
B 1 1  SER 1  1  1  SER SER B . n 
B 1 2  TRP 2  2  2  TRP TRP B . n 
B 1 3  VAL 3  3  3  VAL VAL B . n 
B 1 4  TRP 4  4  4  TRP TRP B . n 
B 1 5  ASN 5  5  5  ASN ASN B . n 
B 1 6  GLN 6  6  6  GLN GLN B . n 
B 1 7  MET 7  7  7  MET MET B . n 
B 1 8  PHE 8  8  8  PHE PHE B . n 
B 1 9  VAL 9  9  9  VAL VAL B . n 
B 1 10 LEU 10 10 10 LEU LEU B . n 
B 1 11 GLU 11 11 11 GLU GLU B . n 
B 1 12 GLU 12 12 12 GLU GLU B . n 
B 1 13 PHE 13 13 13 PHE PHE B . n 
B 1 14 SER 14 14 14 SER SER B . n 
B 1 15 GLY 15 15 15 GLY GLY B . n 
B 1 16 PRO 16 16 16 PRO PRO B . n 
B 1 17 GLU 17 17 17 GLU GLU B . n 
B 1 18 PRO 18 18 18 PRO PRO B . n 
B 1 19 ILE 19 19 19 ILE ILE B . n 
B 1 20 LEU 20 20 20 LEU LEU B . n 
B 1 21 VAL 21 21 21 VAL VAL B . n 
B 1 22 GLY 22 22 22 GLY GLY B . n 
B 1 23 ARG 23 23 23 ARG ARG B . n 
B 1 24 LEU 24 24 24 LEU LEU B . n 
B 1 25 HIS 25 25 25 HIS HIS B . n 
B 1 26 THR 26 26 26 THR THR B . n 
B 1 27 ASP 27 27 27 ASP ASP B . n 
B 1 28 LEU 28 28 28 LEU LEU B . n 
B 1 29 ASP 29 29 29 ASP ASP B . n 
B 1 30 PRO 30 30 ?  ?   ?   B . n 
B 1 31 GLY 31 31 ?  ?   ?   B . n 
B 1 32 SER 32 32 ?  ?   ?   B . n 
B 1 33 LYS 33 33 ?  ?   ?   B . n 
B 1 34 LYS 34 34 34 LYS LYS B . n 
B 1 35 ILE 35 35 35 ILE ILE B . n 
B 1 36 LYS 36 36 36 LYS LYS B . n 
B 1 37 TYR 37 37 37 TYR TYR B . n 
B 1 38 ILE 38 38 38 ILE ILE B . n 
B 1 39 LEU 39 39 39 LEU LEU B . n 
B 1 40 SER 40 40 40 SER SER B . n 
B 1 41 GLY 41 41 41 GLY GLY B . n 
B 1 42 ASP 42 42 42 ASP ASP B . n 
B 1 43 GLY 43 43 43 GLY GLY B . n 
B 1 44 ALA 44 44 44 ALA ALA B . n 
B 1 45 GLY 45 45 45 GLY GLY B . n 
B 1 46 THR 46 46 46 THR THR B . n 
B 1 47 ILE 47 47 47 ILE ILE B . n 
B 1 48 PHE 48 48 48 PHE PHE B . n 
B 1 49 GLN 49 49 49 GLN GLN B . n 
B 1 50 ILE 50 50 50 ILE ILE B . n 
B 1 51 ASN 51 51 51 ASN ASN B . n 
B 1 52 ASP 52 52 52 ASP ASP B . n 
B 1 53 ILE 53 53 53 ILE ILE B . n 
B 1 54 THR 54 54 54 THR THR B . n 
B 1 55 GLY 55 55 55 GLY GLY B . n 
B 1 56 ASP 56 56 56 ASP ASP B . n 
B 1 57 ILE 57 57 57 ILE ILE B . n 
B 1 58 HIS 58 58 58 HIS HIS B . n 
B 1 59 ALA 59 59 59 ALA ALA B . n 
B 1 60 ILE 60 60 60 ILE ILE B . n 
B 1 61 LYS 61 61 61 LYS LYS B . n 
B 1 62 ARG 62 62 62 ARG ARG B . n 
B 1 63 LEU 63 63 63 LEU LEU B . n 
B 1 64 ASP 64 64 64 ASP ASP B . n 
B 1 65 ARG 65 65 65 ARG ARG B . n 
B 1 66 GLU 66 66 66 GLU GLU B . n 
B 1 67 GLU 67 67 67 GLU GLU B . n 
B 1 68 LYS 68 68 68 LYS LYS B . n 
B 1 69 ALA 69 69 69 ALA ALA B . n 
B 1 70 GLU 70 70 70 GLU GLU B . n 
B 1 71 TYR 71 71 71 TYR TYR B . n 
B 1 72 THR 72 72 72 THR THR B . n 
B 1 73 LEU 73 73 73 LEU LEU B . n 
B 1 74 THR 74 74 74 THR THR B . n 
B 1 75 ALA 75 75 75 ALA ALA B . n 
B 1 76 GLN 76 76 76 GLN GLN B . n 
B 1 77 ALA 77 77 77 ALA ALA B . n 
B 1 78 VAL 78 78 78 VAL VAL B . n 
B 1 79 ASP 79 79 79 ASP ASP B . n 
B 1 80 PHE 80 80 80 PHE PHE B . n 
B 1 81 GLU 81 81 81 GLU GLU B . n 
B 1 82 THR 82 82 82 THR THR B . n 
B 1 83 ASN 83 83 83 ASN ASN B . n 
B 1 84 LYS 84 84 84 LYS LYS B . n 
B 1 85 PRO 85 85 85 PRO PRO B . n 
B 1 86 LEU 86 86 86 LEU LEU B . n 
B 1 87 GLU 87 87 87 GLU GLU B . n 
B 1 88 PRO 88 88 88 PRO PRO B . n 
B 1 89 PRO 89 89 89 PRO PRO B . n 
B 1 90 SER 90 90 90 SER SER B . n 
B 1 91 GLU 91 91 91 GLU GLU B . n 
B 1 92 PHE 92 92 92 PHE PHE B . n 
B 1 93 ILE 93 93 93 ILE ILE B . n 
B 1 94 ILE 94 94 94 ILE ILE B . n 
B 1 95 LYS 95 95 95 LYS LYS B . n 
B 1 96 VAL 96 96 96 VAL VAL B . n 
B 1 97 GLN 97 97 97 GLN GLN B . n 
B 1 98 ASP 98 98 98 ASP ASP B . n 
# 
loop_
_pdbx_nonpoly_scheme.asym_id 
_pdbx_nonpoly_scheme.entity_id 
_pdbx_nonpoly_scheme.mon_id 
_pdbx_nonpoly_scheme.ndb_seq_num 
_pdbx_nonpoly_scheme.pdb_seq_num 
_pdbx_nonpoly_scheme.auth_seq_num 
_pdbx_nonpoly_scheme.pdb_mon_id 
_pdbx_nonpoly_scheme.auth_mon_id 
_pdbx_nonpoly_scheme.pdb_strand_id 
_pdbx_nonpoly_scheme.pdb_ins_code 
C 2 HOH 1  99  1   HOH HOH A . 
C 2 HOH 2  100 2   HOH HOH A . 
C 2 HOH 3  101 4   HOH HOH A . 
C 2 HOH 4  102 5   HOH HOH A . 
C 2 HOH 5  103 8   HOH HOH A . 
C 2 HOH 6  104 11  HOH HOH A . 
C 2 HOH 7  105 14  HOH HOH A . 
C 2 HOH 8  106 16  HOH HOH A . 
C 2 HOH 9  107 17  HOH HOH A . 
C 2 HOH 10 108 24  HOH HOH A . 
C 2 HOH 11 109 25  HOH HOH A . 
C 2 HOH 12 110 27  HOH HOH A . 
C 2 HOH 13 111 28  HOH HOH A . 
C 2 HOH 14 112 30  HOH HOH A . 
C 2 HOH 15 113 31  HOH HOH A . 
C 2 HOH 16 114 33  HOH HOH A . 
C 2 HOH 17 115 34  HOH HOH A . 
C 2 HOH 18 116 35  HOH HOH A . 
C 2 HOH 19 117 37  HOH HOH A . 
C 2 HOH 20 118 39  HOH HOH A . 
C 2 HOH 21 119 41  HOH HOH A . 
C 2 HOH 22 120 51  HOH HOH A . 
C 2 HOH 23 121 54  HOH HOH A . 
C 2 HOH 24 122 56  HOH HOH A . 
C 2 HOH 25 123 58  HOH HOH A . 
C 2 HOH 26 124 59  HOH HOH A . 
C 2 HOH 27 125 65  HOH HOH A . 
C 2 HOH 28 126 67  HOH HOH A . 
C 2 HOH 29 127 70  HOH HOH A . 
C 2 HOH 30 128 71  HOH HOH A . 
C 2 HOH 31 129 72  HOH HOH A . 
C 2 HOH 32 130 73  HOH HOH A . 
C 2 HOH 33 131 75  HOH HOH A . 
C 2 HOH 34 132 76  HOH HOH A . 
C 2 HOH 35 133 77  HOH HOH A . 
C 2 HOH 36 134 78  HOH HOH A . 
C 2 HOH 37 135 79  HOH HOH A . 
C 2 HOH 38 136 80  HOH HOH A . 
C 2 HOH 39 137 99  HOH HOH A . 
C 2 HOH 40 138 100 HOH HOH A . 
C 2 HOH 41 139 101 HOH HOH A . 
C 2 HOH 42 140 102 HOH HOH A . 
C 2 HOH 43 141 103 HOH HOH A . 
C 2 HOH 44 142 105 HOH HOH A . 
C 2 HOH 45 143 107 HOH HOH A . 
C 2 HOH 46 144 109 HOH HOH A . 
C 2 HOH 47 145 112 HOH HOH A . 
C 2 HOH 48 146 113 HOH HOH A . 
C 2 HOH 49 147 114 HOH HOH A . 
C 2 HOH 50 148 116 HOH HOH A . 
C 2 HOH 51 149 117 HOH HOH A . 
C 2 HOH 52 150 118 HOH HOH A . 
C 2 HOH 53 151 119 HOH HOH A . 
C 2 HOH 54 152 120 HOH HOH A . 
C 2 HOH 55 153 121 HOH HOH A . 
C 2 HOH 56 154 122 HOH HOH A . 
C 2 HOH 57 155 123 HOH HOH A . 
C 2 HOH 58 156 124 HOH HOH A . 
C 2 HOH 59 157 125 HOH HOH A . 
C 2 HOH 60 158 126 HOH HOH A . 
C 2 HOH 61 159 127 HOH HOH A . 
C 2 HOH 62 160 128 HOH HOH A . 
C 2 HOH 63 161 129 HOH HOH A . 
C 2 HOH 64 162 130 HOH HOH A . 
C 2 HOH 65 163 134 HOH HOH A . 
C 2 HOH 66 164 144 HOH HOH A . 
C 2 HOH 67 165 145 HOH HOH A . 
C 2 HOH 68 166 146 HOH HOH A . 
C 2 HOH 69 167 147 HOH HOH A . 
C 2 HOH 70 168 148 HOH HOH A . 
C 2 HOH 71 169 149 HOH HOH A . 
C 2 HOH 72 170 150 HOH HOH A . 
C 2 HOH 73 171 151 HOH HOH A . 
C 2 HOH 74 172 154 HOH HOH A . 
C 2 HOH 75 173 157 HOH HOH A . 
C 2 HOH 76 174 158 HOH HOH A . 
C 2 HOH 77 175 159 HOH HOH A . 
D 2 HOH 1  99  3   HOH HOH B . 
D 2 HOH 2  100 6   HOH HOH B . 
D 2 HOH 3  101 7   HOH HOH B . 
D 2 HOH 4  102 9   HOH HOH B . 
D 2 HOH 5  103 10  HOH HOH B . 
D 2 HOH 6  104 12  HOH HOH B . 
D 2 HOH 7  105 13  HOH HOH B . 
D 2 HOH 8  106 15  HOH HOH B . 
D 2 HOH 9  107 18  HOH HOH B . 
D 2 HOH 10 108 19  HOH HOH B . 
D 2 HOH 11 109 20  HOH HOH B . 
D 2 HOH 12 110 21  HOH HOH B . 
D 2 HOH 13 111 22  HOH HOH B . 
D 2 HOH 14 112 23  HOH HOH B . 
D 2 HOH 15 113 26  HOH HOH B . 
D 2 HOH 16 114 29  HOH HOH B . 
D 2 HOH 17 115 32  HOH HOH B . 
D 2 HOH 18 116 36  HOH HOH B . 
D 2 HOH 19 117 38  HOH HOH B . 
D 2 HOH 20 118 40  HOH HOH B . 
D 2 HOH 21 119 42  HOH HOH B . 
D 2 HOH 22 120 43  HOH HOH B . 
D 2 HOH 23 121 44  HOH HOH B . 
D 2 HOH 24 122 45  HOH HOH B . 
D 2 HOH 25 123 46  HOH HOH B . 
D 2 HOH 26 124 47  HOH HOH B . 
D 2 HOH 27 125 48  HOH HOH B . 
D 2 HOH 28 126 49  HOH HOH B . 
D 2 HOH 29 127 50  HOH HOH B . 
D 2 HOH 30 128 52  HOH HOH B . 
D 2 HOH 31 129 53  HOH HOH B . 
D 2 HOH 32 130 55  HOH HOH B . 
D 2 HOH 33 131 57  HOH HOH B . 
D 2 HOH 34 132 60  HOH HOH B . 
D 2 HOH 35 133 61  HOH HOH B . 
D 2 HOH 36 134 62  HOH HOH B . 
D 2 HOH 37 135 63  HOH HOH B . 
D 2 HOH 38 136 64  HOH HOH B . 
D 2 HOH 39 137 66  HOH HOH B . 
D 2 HOH 40 138 68  HOH HOH B . 
D 2 HOH 41 139 69  HOH HOH B . 
D 2 HOH 42 140 74  HOH HOH B . 
D 2 HOH 43 141 81  HOH HOH B . 
D 2 HOH 44 142 82  HOH HOH B . 
D 2 HOH 45 143 83  HOH HOH B . 
D 2 HOH 46 144 84  HOH HOH B . 
D 2 HOH 47 145 85  HOH HOH B . 
D 2 HOH 48 146 86  HOH HOH B . 
D 2 HOH 49 147 87  HOH HOH B . 
D 2 HOH 50 148 88  HOH HOH B . 
D 2 HOH 51 149 89  HOH HOH B . 
D 2 HOH 52 150 90  HOH HOH B . 
D 2 HOH 53 151 91  HOH HOH B . 
D 2 HOH 54 152 92  HOH HOH B . 
D 2 HOH 55 153 93  HOH HOH B . 
D 2 HOH 56 154 94  HOH HOH B . 
D 2 HOH 57 155 95  HOH HOH B . 
D 2 HOH 58 156 96  HOH HOH B . 
D 2 HOH 59 157 97  HOH HOH B . 
D 2 HOH 60 158 98  HOH HOH B . 
D 2 HOH 61 159 104 HOH HOH B . 
D 2 HOH 62 160 106 HOH HOH B . 
D 2 HOH 63 161 108 HOH HOH B . 
D 2 HOH 64 162 110 HOH HOH B . 
D 2 HOH 65 163 111 HOH HOH B . 
D 2 HOH 66 164 115 HOH HOH B . 
D 2 HOH 67 165 131 HOH HOH B . 
D 2 HOH 68 166 132 HOH HOH B . 
D 2 HOH 69 167 133 HOH HOH B . 
D 2 HOH 70 168 135 HOH HOH B . 
D 2 HOH 71 169 136 HOH HOH B . 
D 2 HOH 72 170 137 HOH HOH B . 
D 2 HOH 73 171 138 HOH HOH B . 
D 2 HOH 74 172 139 HOH HOH B . 
D 2 HOH 75 173 140 HOH HOH B . 
D 2 HOH 76 174 141 HOH HOH B . 
D 2 HOH 77 175 142 HOH HOH B . 
D 2 HOH 78 176 143 HOH HOH B . 
D 2 HOH 79 177 152 HOH HOH B . 
D 2 HOH 80 178 153 HOH HOH B . 
D 2 HOH 81 179 155 HOH HOH B . 
D 2 HOH 82 180 156 HOH HOH B . 
D 2 HOH 83 181 160 HOH HOH B . 
# 
_pdbx_struct_assembly.id                   1 
_pdbx_struct_assembly.details              author_and_software_defined_assembly 
_pdbx_struct_assembly.method_details       PISA 
_pdbx_struct_assembly.oligomeric_details   dimeric 
_pdbx_struct_assembly.oligomeric_count     2 
# 
_pdbx_struct_assembly_gen.assembly_id       1 
_pdbx_struct_assembly_gen.oper_expression   1 
_pdbx_struct_assembly_gen.asym_id_list      A,B,C,D 
# 
loop_
_pdbx_struct_assembly_prop.biol_id 
_pdbx_struct_assembly_prop.type 
_pdbx_struct_assembly_prop.value 
_pdbx_struct_assembly_prop.details 
1 'ABSA (A^2)' 2530  ? 
1 MORE         -19   ? 
1 'SSA (A^2)'  10240 ? 
# 
_pdbx_struct_oper_list.id                   1 
_pdbx_struct_oper_list.type                 'identity operation' 
_pdbx_struct_oper_list.name                 1_555 
_pdbx_struct_oper_list.symmetry_operation   x,y,z 
_pdbx_struct_oper_list.matrix[1][1]         1.0000000000 
_pdbx_struct_oper_list.matrix[1][2]         0.0000000000 
_pdbx_struct_oper_list.matrix[1][3]         0.0000000000 
_pdbx_struct_oper_list.vector[1]            0.0000000000 
_pdbx_struct_oper_list.matrix[2][1]         0.0000000000 
_pdbx_struct_oper_list.matrix[2][2]         1.0000000000 
_pdbx_struct_oper_list.matrix[2][3]         0.0000000000 
_pdbx_struct_oper_list.vector[2]            0.0000000000 
_pdbx_struct_oper_list.matrix[3][1]         0.0000000000 
_pdbx_struct_oper_list.matrix[3][2]         0.0000000000 
_pdbx_struct_oper_list.matrix[3][3]         1.0000000000 
_pdbx_struct_oper_list.vector[3]            0.0000000000 
# 
_pdbx_struct_special_symmetry.id              1 
_pdbx_struct_special_symmetry.PDB_model_num   1 
_pdbx_struct_special_symmetry.auth_asym_id    B 
_pdbx_struct_special_symmetry.auth_comp_id    HOH 
_pdbx_struct_special_symmetry.auth_seq_id     157 
_pdbx_struct_special_symmetry.PDB_ins_code    ? 
_pdbx_struct_special_symmetry.label_asym_id   D 
_pdbx_struct_special_symmetry.label_comp_id   HOH 
_pdbx_struct_special_symmetry.label_seq_id    . 
# 
loop_
_pdbx_audit_revision_history.ordinal 
_pdbx_audit_revision_history.data_content_type 
_pdbx_audit_revision_history.major_revision 
_pdbx_audit_revision_history.minor_revision 
_pdbx_audit_revision_history.revision_date 
1 'Structure model' 1 0 2006-04-25 
2 'Structure model' 1 1 2008-04-30 
3 'Structure model' 1 2 2011-07-13 
4 'Structure model' 1 3 2021-10-20 
5 'Structure model' 1 4 2023-08-23 
# 
_pdbx_audit_revision_details.ordinal             1 
_pdbx_audit_revision_details.revision_ordinal    1 
_pdbx_audit_revision_details.data_content_type   'Structure model' 
_pdbx_audit_revision_details.provider            repository 
_pdbx_audit_revision_details.type                'Initial release' 
_pdbx_audit_revision_details.description         ? 
_pdbx_audit_revision_details.details             ? 
# 
loop_
_pdbx_audit_revision_group.ordinal 
_pdbx_audit_revision_group.revision_ordinal 
_pdbx_audit_revision_group.data_content_type 
_pdbx_audit_revision_group.group 
1 2 'Structure model' 'Version format compliance' 
2 3 'Structure model' Advisory                    
3 3 'Structure model' 'Version format compliance' 
4 4 'Structure model' 'Database references'       
5 5 'Structure model' 'Data collection'           
6 5 'Structure model' 'Refinement description'    
# 
loop_
_pdbx_audit_revision_category.ordinal 
_pdbx_audit_revision_category.revision_ordinal 
_pdbx_audit_revision_category.data_content_type 
_pdbx_audit_revision_category.category 
1 4 'Structure model' database_2                    
2 4 'Structure model' struct_ref_seq_dif            
3 5 'Structure model' chem_comp_atom                
4 5 'Structure model' chem_comp_bond                
5 5 'Structure model' pdbx_initial_refinement_model 
# 
loop_
_pdbx_audit_revision_item.ordinal 
_pdbx_audit_revision_item.revision_ordinal 
_pdbx_audit_revision_item.data_content_type 
_pdbx_audit_revision_item.item 
1 4 'Structure model' '_database_2.pdbx_DOI'                
2 4 'Structure model' '_database_2.pdbx_database_accession' 
3 4 'Structure model' '_struct_ref_seq_dif.details'         
# 
loop_
_pdbx_refine_tls.id 
_pdbx_refine_tls.details 
_pdbx_refine_tls.method 
_pdbx_refine_tls.origin_x 
_pdbx_refine_tls.origin_y 
_pdbx_refine_tls.origin_z 
_pdbx_refine_tls.T[1][1] 
_pdbx_refine_tls.T[2][2] 
_pdbx_refine_tls.T[3][3] 
_pdbx_refine_tls.T[1][2] 
_pdbx_refine_tls.T[1][3] 
_pdbx_refine_tls.T[2][3] 
_pdbx_refine_tls.L[1][1] 
_pdbx_refine_tls.L[2][2] 
_pdbx_refine_tls.L[3][3] 
_pdbx_refine_tls.L[1][2] 
_pdbx_refine_tls.L[1][3] 
_pdbx_refine_tls.L[2][3] 
_pdbx_refine_tls.S[1][1] 
_pdbx_refine_tls.S[1][2] 
_pdbx_refine_tls.S[1][3] 
_pdbx_refine_tls.S[2][1] 
_pdbx_refine_tls.S[2][2] 
_pdbx_refine_tls.S[2][3] 
_pdbx_refine_tls.S[3][1] 
_pdbx_refine_tls.S[3][2] 
_pdbx_refine_tls.S[3][3] 
_pdbx_refine_tls.pdbx_refine_id 
1 ? refined -2.4034 5.5921  -7.2119 -0.1146 0.0709 -0.2049 -0.0718 0.0929 -0.0799 2.4839 1.9033 2.9658 0.2626 -0.4488 -0.4753 -0.0479 0.1631 0.0427  0.0834 0.0266  0.0172  -0.0836 -0.0043 0.0213  'X-RAY DIFFRACTION' 
2 ? refined 2.5144  -5.8032 7.2441  -0.0360 0.0156 -0.2205 -0.0780 0.0882 -0.1022 1.1713 1.8293 3.0705 0.0827 0.4704  -0.2547 0.0928  0.0050 -0.0668 0.0872 -0.0923 -0.0033 0.1124  0.0654  -0.0005 'X-RAY DIFFRACTION' 
# 
loop_
_pdbx_refine_tls_group.id 
_pdbx_refine_tls_group.refine_tls_id 
_pdbx_refine_tls_group.beg_auth_asym_id 
_pdbx_refine_tls_group.beg_auth_seq_id 
_pdbx_refine_tls_group.beg_label_asym_id 
_pdbx_refine_tls_group.beg_label_seq_id 
_pdbx_refine_tls_group.end_auth_asym_id 
_pdbx_refine_tls_group.end_auth_seq_id 
_pdbx_refine_tls_group.end_label_asym_id 
_pdbx_refine_tls_group.end_label_seq_id 
_pdbx_refine_tls_group.selection 
_pdbx_refine_tls_group.pdbx_refine_id 
_pdbx_refine_tls_group.selection_details 
1 1 A 1 A 1 A 98 A 98 ? 'X-RAY DIFFRACTION' ? 
2 2 B 1 B 1 B 98 B 98 ? 'X-RAY DIFFRACTION' ? 
# 
loop_
_software.name 
_software.classification 
_software.version 
_software.citation_id 
_software.pdbx_ordinal 
REFMAC    refinement       5.2.0005 ? 1 
DENZO     'data reduction' .        ? 2 
SCALEPACK 'data scaling'   .        ? 3 
AMoRE     phasing          .        ? 4 
# 
loop_
_pdbx_validate_torsion.id 
_pdbx_validate_torsion.PDB_model_num 
_pdbx_validate_torsion.auth_comp_id 
_pdbx_validate_torsion.auth_asym_id 
_pdbx_validate_torsion.auth_seq_id 
_pdbx_validate_torsion.PDB_ins_code 
_pdbx_validate_torsion.label_alt_id 
_pdbx_validate_torsion.phi 
_pdbx_validate_torsion.psi 
1 1 PRO A 30 ? ? -57.17 -121.99 
2 1 ASP A 42 ? ? -43.56 91.33   
3 1 ASN A 83 ? ? 56.46  13.58   
4 1 GLN A 97 ? ? -24.49 177.88  
5 1 ASN B 5  ? ? -82.53 48.70   
6 1 ASP B 42 ? ? -40.39 89.65   
7 1 ASN B 83 ? ? 56.78  12.80   
8 1 GLN B 97 ? ? 35.57  -150.76 
# 
loop_
_pdbx_unobs_or_zero_occ_atoms.id 
_pdbx_unobs_or_zero_occ_atoms.PDB_model_num 
_pdbx_unobs_or_zero_occ_atoms.polymer_flag 
_pdbx_unobs_or_zero_occ_atoms.occupancy_flag 
_pdbx_unobs_or_zero_occ_atoms.auth_asym_id 
_pdbx_unobs_or_zero_occ_atoms.auth_comp_id 
_pdbx_unobs_or_zero_occ_atoms.auth_seq_id 
_pdbx_unobs_or_zero_occ_atoms.PDB_ins_code 
_pdbx_unobs_or_zero_occ_atoms.auth_atom_id 
_pdbx_unobs_or_zero_occ_atoms.label_alt_id 
_pdbx_unobs_or_zero_occ_atoms.label_asym_id 
_pdbx_unobs_or_zero_occ_atoms.label_comp_id 
_pdbx_unobs_or_zero_occ_atoms.label_seq_id 
_pdbx_unobs_or_zero_occ_atoms.label_atom_id 
1 1 Y 1 A LYS 84 ? CG ? A LYS 84 CG 
2 1 Y 1 A LYS 84 ? CD ? A LYS 84 CD 
3 1 Y 1 A LYS 84 ? CE ? A LYS 84 CE 
4 1 Y 1 A LYS 84 ? NZ ? A LYS 84 NZ 
# 
loop_
_pdbx_unobs_or_zero_occ_residues.id 
_pdbx_unobs_or_zero_occ_residues.PDB_model_num 
_pdbx_unobs_or_zero_occ_residues.polymer_flag 
_pdbx_unobs_or_zero_occ_residues.occupancy_flag 
_pdbx_unobs_or_zero_occ_residues.auth_asym_id 
_pdbx_unobs_or_zero_occ_residues.auth_comp_id 
_pdbx_unobs_or_zero_occ_residues.auth_seq_id 
_pdbx_unobs_or_zero_occ_residues.PDB_ins_code 
_pdbx_unobs_or_zero_occ_residues.label_asym_id 
_pdbx_unobs_or_zero_occ_residues.label_comp_id 
_pdbx_unobs_or_zero_occ_residues.label_seq_id 
1 1 Y 1 A SER 32 ? A SER 32 
2 1 Y 1 A LYS 33 ? A LYS 33 
3 1 Y 1 B PRO 30 ? B PRO 30 
4 1 Y 1 B GLY 31 ? B GLY 31 
5 1 Y 1 B SER 32 ? B SER 32 
6 1 Y 1 B LYS 33 ? B LYS 33 
# 
loop_
_chem_comp_atom.comp_id 
_chem_comp_atom.atom_id 
_chem_comp_atom.type_symbol 
_chem_comp_atom.pdbx_aromatic_flag 
_chem_comp_atom.pdbx_stereo_config 
_chem_comp_atom.pdbx_ordinal 
ALA N    N N N 1   
ALA CA   C N S 2   
ALA C    C N N 3   
ALA O    O N N 4   
ALA CB   C N N 5   
ALA OXT  O N N 6   
ALA H    H N N 7   
ALA H2   H N N 8   
ALA HA   H N N 9   
ALA HB1  H N N 10  
ALA HB2  H N N 11  
ALA HB3  H N N 12  
ALA HXT  H N N 13  
ARG N    N N N 14  
ARG CA   C N S 15  
ARG C    C N N 16  
ARG O    O N N 17  
ARG CB   C N N 18  
ARG CG   C N N 19  
ARG CD   C N N 20  
ARG NE   N N N 21  
ARG CZ   C N N 22  
ARG NH1  N N N 23  
ARG NH2  N N N 24  
ARG OXT  O N N 25  
ARG H    H N N 26  
ARG H2   H N N 27  
ARG HA   H N N 28  
ARG HB2  H N N 29  
ARG HB3  H N N 30  
ARG HG2  H N N 31  
ARG HG3  H N N 32  
ARG HD2  H N N 33  
ARG HD3  H N N 34  
ARG HE   H N N 35  
ARG HH11 H N N 36  
ARG HH12 H N N 37  
ARG HH21 H N N 38  
ARG HH22 H N N 39  
ARG HXT  H N N 40  
ASN N    N N N 41  
ASN CA   C N S 42  
ASN C    C N N 43  
ASN O    O N N 44  
ASN CB   C N N 45  
ASN CG   C N N 46  
ASN OD1  O N N 47  
ASN ND2  N N N 48  
ASN OXT  O N N 49  
ASN H    H N N 50  
ASN H2   H N N 51  
ASN HA   H N N 52  
ASN HB2  H N N 53  
ASN HB3  H N N 54  
ASN HD21 H N N 55  
ASN HD22 H N N 56  
ASN HXT  H N N 57  
ASP N    N N N 58  
ASP CA   C N S 59  
ASP C    C N N 60  
ASP O    O N N 61  
ASP CB   C N N 62  
ASP CG   C N N 63  
ASP OD1  O N N 64  
ASP OD2  O N N 65  
ASP OXT  O N N 66  
ASP H    H N N 67  
ASP H2   H N N 68  
ASP HA   H N N 69  
ASP HB2  H N N 70  
ASP HB3  H N N 71  
ASP HD2  H N N 72  
ASP HXT  H N N 73  
GLN N    N N N 74  
GLN CA   C N S 75  
GLN C    C N N 76  
GLN O    O N N 77  
GLN CB   C N N 78  
GLN CG   C N N 79  
GLN CD   C N N 80  
GLN OE1  O N N 81  
GLN NE2  N N N 82  
GLN OXT  O N N 83  
GLN H    H N N 84  
GLN H2   H N N 85  
GLN HA   H N N 86  
GLN HB2  H N N 87  
GLN HB3  H N N 88  
GLN HG2  H N N 89  
GLN HG3  H N N 90  
GLN HE21 H N N 91  
GLN HE22 H N N 92  
GLN HXT  H N N 93  
GLU N    N N N 94  
GLU CA   C N S 95  
GLU C    C N N 96  
GLU O    O N N 97  
GLU CB   C N N 98  
GLU CG   C N N 99  
GLU CD   C N N 100 
GLU OE1  O N N 101 
GLU OE2  O N N 102 
GLU OXT  O N N 103 
GLU H    H N N 104 
GLU H2   H N N 105 
GLU HA   H N N 106 
GLU HB2  H N N 107 
GLU HB3  H N N 108 
GLU HG2  H N N 109 
GLU HG3  H N N 110 
GLU HE2  H N N 111 
GLU HXT  H N N 112 
GLY N    N N N 113 
GLY CA   C N N 114 
GLY C    C N N 115 
GLY O    O N N 116 
GLY OXT  O N N 117 
GLY H    H N N 118 
GLY H2   H N N 119 
GLY HA2  H N N 120 
GLY HA3  H N N 121 
GLY HXT  H N N 122 
HIS N    N N N 123 
HIS CA   C N S 124 
HIS C    C N N 125 
HIS O    O N N 126 
HIS CB   C N N 127 
HIS CG   C Y N 128 
HIS ND1  N Y N 129 
HIS CD2  C Y N 130 
HIS CE1  C Y N 131 
HIS NE2  N Y N 132 
HIS OXT  O N N 133 
HIS H    H N N 134 
HIS H2   H N N 135 
HIS HA   H N N 136 
HIS HB2  H N N 137 
HIS HB3  H N N 138 
HIS HD1  H N N 139 
HIS HD2  H N N 140 
HIS HE1  H N N 141 
HIS HE2  H N N 142 
HIS HXT  H N N 143 
HOH O    O N N 144 
HOH H1   H N N 145 
HOH H2   H N N 146 
ILE N    N N N 147 
ILE CA   C N S 148 
ILE C    C N N 149 
ILE O    O N N 150 
ILE CB   C N S 151 
ILE CG1  C N N 152 
ILE CG2  C N N 153 
ILE CD1  C N N 154 
ILE OXT  O N N 155 
ILE H    H N N 156 
ILE H2   H N N 157 
ILE HA   H N N 158 
ILE HB   H N N 159 
ILE HG12 H N N 160 
ILE HG13 H N N 161 
ILE HG21 H N N 162 
ILE HG22 H N N 163 
ILE HG23 H N N 164 
ILE HD11 H N N 165 
ILE HD12 H N N 166 
ILE HD13 H N N 167 
ILE HXT  H N N 168 
LEU N    N N N 169 
LEU CA   C N S 170 
LEU C    C N N 171 
LEU O    O N N 172 
LEU CB   C N N 173 
LEU CG   C N N 174 
LEU CD1  C N N 175 
LEU CD2  C N N 176 
LEU OXT  O N N 177 
LEU H    H N N 178 
LEU H2   H N N 179 
LEU HA   H N N 180 
LEU HB2  H N N 181 
LEU HB3  H N N 182 
LEU HG   H N N 183 
LEU HD11 H N N 184 
LEU HD12 H N N 185 
LEU HD13 H N N 186 
LEU HD21 H N N 187 
LEU HD22 H N N 188 
LEU HD23 H N N 189 
LEU HXT  H N N 190 
LYS N    N N N 191 
LYS CA   C N S 192 
LYS C    C N N 193 
LYS O    O N N 194 
LYS CB   C N N 195 
LYS CG   C N N 196 
LYS CD   C N N 197 
LYS CE   C N N 198 
LYS NZ   N N N 199 
LYS OXT  O N N 200 
LYS H    H N N 201 
LYS H2   H N N 202 
LYS HA   H N N 203 
LYS HB2  H N N 204 
LYS HB3  H N N 205 
LYS HG2  H N N 206 
LYS HG3  H N N 207 
LYS HD2  H N N 208 
LYS HD3  H N N 209 
LYS HE2  H N N 210 
LYS HE3  H N N 211 
LYS HZ1  H N N 212 
LYS HZ2  H N N 213 
LYS HZ3  H N N 214 
LYS HXT  H N N 215 
MET N    N N N 216 
MET CA   C N S 217 
MET C    C N N 218 
MET O    O N N 219 
MET CB   C N N 220 
MET CG   C N N 221 
MET SD   S N N 222 
MET CE   C N N 223 
MET OXT  O N N 224 
MET H    H N N 225 
MET H2   H N N 226 
MET HA   H N N 227 
MET HB2  H N N 228 
MET HB3  H N N 229 
MET HG2  H N N 230 
MET HG3  H N N 231 
MET HE1  H N N 232 
MET HE2  H N N 233 
MET HE3  H N N 234 
MET HXT  H N N 235 
PHE N    N N N 236 
PHE CA   C N S 237 
PHE C    C N N 238 
PHE O    O N N 239 
PHE CB   C N N 240 
PHE CG   C Y N 241 
PHE CD1  C Y N 242 
PHE CD2  C Y N 243 
PHE CE1  C Y N 244 
PHE CE2  C Y N 245 
PHE CZ   C Y N 246 
PHE OXT  O N N 247 
PHE H    H N N 248 
PHE H2   H N N 249 
PHE HA   H N N 250 
PHE HB2  H N N 251 
PHE HB3  H N N 252 
PHE HD1  H N N 253 
PHE HD2  H N N 254 
PHE HE1  H N N 255 
PHE HE2  H N N 256 
PHE HZ   H N N 257 
PHE HXT  H N N 258 
PRO N    N N N 259 
PRO CA   C N S 260 
PRO C    C N N 261 
PRO O    O N N 262 
PRO CB   C N N 263 
PRO CG   C N N 264 
PRO CD   C N N 265 
PRO OXT  O N N 266 
PRO H    H N N 267 
PRO HA   H N N 268 
PRO HB2  H N N 269 
PRO HB3  H N N 270 
PRO HG2  H N N 271 
PRO HG3  H N N 272 
PRO HD2  H N N 273 
PRO HD3  H N N 274 
PRO HXT  H N N 275 
SER N    N N N 276 
SER CA   C N S 277 
SER C    C N N 278 
SER O    O N N 279 
SER CB   C N N 280 
SER OG   O N N 281 
SER OXT  O N N 282 
SER H    H N N 283 
SER H2   H N N 284 
SER HA   H N N 285 
SER HB2  H N N 286 
SER HB3  H N N 287 
SER HG   H N N 288 
SER HXT  H N N 289 
THR N    N N N 290 
THR CA   C N S 291 
THR C    C N N 292 
THR O    O N N 293 
THR CB   C N R 294 
THR OG1  O N N 295 
THR CG2  C N N 296 
THR OXT  O N N 297 
THR H    H N N 298 
THR H2   H N N 299 
THR HA   H N N 300 
THR HB   H N N 301 
THR HG1  H N N 302 
THR HG21 H N N 303 
THR HG22 H N N 304 
THR HG23 H N N 305 
THR HXT  H N N 306 
TRP N    N N N 307 
TRP CA   C N S 308 
TRP C    C N N 309 
TRP O    O N N 310 
TRP CB   C N N 311 
TRP CG   C Y N 312 
TRP CD1  C Y N 313 
TRP CD2  C Y N 314 
TRP NE1  N Y N 315 
TRP CE2  C Y N 316 
TRP CE3  C Y N 317 
TRP CZ2  C Y N 318 
TRP CZ3  C Y N 319 
TRP CH2  C Y N 320 
TRP OXT  O N N 321 
TRP H    H N N 322 
TRP H2   H N N 323 
TRP HA   H N N 324 
TRP HB2  H N N 325 
TRP HB3  H N N 326 
TRP HD1  H N N 327 
TRP HE1  H N N 328 
TRP HE3  H N N 329 
TRP HZ2  H N N 330 
TRP HZ3  H N N 331 
TRP HH2  H N N 332 
TRP HXT  H N N 333 
TYR N    N N N 334 
TYR CA   C N S 335 
TYR C    C N N 336 
TYR O    O N N 337 
TYR CB   C N N 338 
TYR CG   C Y N 339 
TYR CD1  C Y N 340 
TYR CD2  C Y N 341 
TYR CE1  C Y N 342 
TYR CE2  C Y N 343 
TYR CZ   C Y N 344 
TYR OH   O N N 345 
TYR OXT  O N N 346 
TYR H    H N N 347 
TYR H2   H N N 348 
TYR HA   H N N 349 
TYR HB2  H N N 350 
TYR HB3  H N N 351 
TYR HD1  H N N 352 
TYR HD2  H N N 353 
TYR HE1  H N N 354 
TYR HE2  H N N 355 
TYR HH   H N N 356 
TYR HXT  H N N 357 
VAL N    N N N 358 
VAL CA   C N S 359 
VAL C    C N N 360 
VAL O    O N N 361 
VAL CB   C N N 362 
VAL CG1  C N N 363 
VAL CG2  C N N 364 
VAL OXT  O N N 365 
VAL H    H N N 366 
VAL H2   H N N 367 
VAL HA   H N N 368 
VAL HB   H N N 369 
VAL HG11 H N N 370 
VAL HG12 H N N 371 
VAL HG13 H N N 372 
VAL HG21 H N N 373 
VAL HG22 H N N 374 
VAL HG23 H N N 375 
VAL HXT  H N N 376 
# 
loop_
_chem_comp_bond.comp_id 
_chem_comp_bond.atom_id_1 
_chem_comp_bond.atom_id_2 
_chem_comp_bond.value_order 
_chem_comp_bond.pdbx_aromatic_flag 
_chem_comp_bond.pdbx_stereo_config 
_chem_comp_bond.pdbx_ordinal 
ALA N   CA   sing N N 1   
ALA N   H    sing N N 2   
ALA N   H2   sing N N 3   
ALA CA  C    sing N N 4   
ALA CA  CB   sing N N 5   
ALA CA  HA   sing N N 6   
ALA C   O    doub N N 7   
ALA C   OXT  sing N N 8   
ALA CB  HB1  sing N N 9   
ALA CB  HB2  sing N N 10  
ALA CB  HB3  sing N N 11  
ALA OXT HXT  sing N N 12  
ARG N   CA   sing N N 13  
ARG N   H    sing N N 14  
ARG N   H2   sing N N 15  
ARG CA  C    sing N N 16  
ARG CA  CB   sing N N 17  
ARG CA  HA   sing N N 18  
ARG C   O    doub N N 19  
ARG C   OXT  sing N N 20  
ARG CB  CG   sing N N 21  
ARG CB  HB2  sing N N 22  
ARG CB  HB3  sing N N 23  
ARG CG  CD   sing N N 24  
ARG CG  HG2  sing N N 25  
ARG CG  HG3  sing N N 26  
ARG CD  NE   sing N N 27  
ARG CD  HD2  sing N N 28  
ARG CD  HD3  sing N N 29  
ARG NE  CZ   sing N N 30  
ARG NE  HE   sing N N 31  
ARG CZ  NH1  sing N N 32  
ARG CZ  NH2  doub N N 33  
ARG NH1 HH11 sing N N 34  
ARG NH1 HH12 sing N N 35  
ARG NH2 HH21 sing N N 36  
ARG NH2 HH22 sing N N 37  
ARG OXT HXT  sing N N 38  
ASN N   CA   sing N N 39  
ASN N   H    sing N N 40  
ASN N   H2   sing N N 41  
ASN CA  C    sing N N 42  
ASN CA  CB   sing N N 43  
ASN CA  HA   sing N N 44  
ASN C   O    doub N N 45  
ASN C   OXT  sing N N 46  
ASN CB  CG   sing N N 47  
ASN CB  HB2  sing N N 48  
ASN CB  HB3  sing N N 49  
ASN CG  OD1  doub N N 50  
ASN CG  ND2  sing N N 51  
ASN ND2 HD21 sing N N 52  
ASN ND2 HD22 sing N N 53  
ASN OXT HXT  sing N N 54  
ASP N   CA   sing N N 55  
ASP N   H    sing N N 56  
ASP N   H2   sing N N 57  
ASP CA  C    sing N N 58  
ASP CA  CB   sing N N 59  
ASP CA  HA   sing N N 60  
ASP C   O    doub N N 61  
ASP C   OXT  sing N N 62  
ASP CB  CG   sing N N 63  
ASP CB  HB2  sing N N 64  
ASP CB  HB3  sing N N 65  
ASP CG  OD1  doub N N 66  
ASP CG  OD2  sing N N 67  
ASP OD2 HD2  sing N N 68  
ASP OXT HXT  sing N N 69  
GLN N   CA   sing N N 70  
GLN N   H    sing N N 71  
GLN N   H2   sing N N 72  
GLN CA  C    sing N N 73  
GLN CA  CB   sing N N 74  
GLN CA  HA   sing N N 75  
GLN C   O    doub N N 76  
GLN C   OXT  sing N N 77  
GLN CB  CG   sing N N 78  
GLN CB  HB2  sing N N 79  
GLN CB  HB3  sing N N 80  
GLN CG  CD   sing N N 81  
GLN CG  HG2  sing N N 82  
GLN CG  HG3  sing N N 83  
GLN CD  OE1  doub N N 84  
GLN CD  NE2  sing N N 85  
GLN NE2 HE21 sing N N 86  
GLN NE2 HE22 sing N N 87  
GLN OXT HXT  sing N N 88  
GLU N   CA   sing N N 89  
GLU N   H    sing N N 90  
GLU N   H2   sing N N 91  
GLU CA  C    sing N N 92  
GLU CA  CB   sing N N 93  
GLU CA  HA   sing N N 94  
GLU C   O    doub N N 95  
GLU C   OXT  sing N N 96  
GLU CB  CG   sing N N 97  
GLU CB  HB2  sing N N 98  
GLU CB  HB3  sing N N 99  
GLU CG  CD   sing N N 100 
GLU CG  HG2  sing N N 101 
GLU CG  HG3  sing N N 102 
GLU CD  OE1  doub N N 103 
GLU CD  OE2  sing N N 104 
GLU OE2 HE2  sing N N 105 
GLU OXT HXT  sing N N 106 
GLY N   CA   sing N N 107 
GLY N   H    sing N N 108 
GLY N   H2   sing N N 109 
GLY CA  C    sing N N 110 
GLY CA  HA2  sing N N 111 
GLY CA  HA3  sing N N 112 
GLY C   O    doub N N 113 
GLY C   OXT  sing N N 114 
GLY OXT HXT  sing N N 115 
HIS N   CA   sing N N 116 
HIS N   H    sing N N 117 
HIS N   H2   sing N N 118 
HIS CA  C    sing N N 119 
HIS CA  CB   sing N N 120 
HIS CA  HA   sing N N 121 
HIS C   O    doub N N 122 
HIS C   OXT  sing N N 123 
HIS CB  CG   sing N N 124 
HIS CB  HB2  sing N N 125 
HIS CB  HB3  sing N N 126 
HIS CG  ND1  sing Y N 127 
HIS CG  CD2  doub Y N 128 
HIS ND1 CE1  doub Y N 129 
HIS ND1 HD1  sing N N 130 
HIS CD2 NE2  sing Y N 131 
HIS CD2 HD2  sing N N 132 
HIS CE1 NE2  sing Y N 133 
HIS CE1 HE1  sing N N 134 
HIS NE2 HE2  sing N N 135 
HIS OXT HXT  sing N N 136 
HOH O   H1   sing N N 137 
HOH O   H2   sing N N 138 
ILE N   CA   sing N N 139 
ILE N   H    sing N N 140 
ILE N   H2   sing N N 141 
ILE CA  C    sing N N 142 
ILE CA  CB   sing N N 143 
ILE CA  HA   sing N N 144 
ILE C   O    doub N N 145 
ILE C   OXT  sing N N 146 
ILE CB  CG1  sing N N 147 
ILE CB  CG2  sing N N 148 
ILE CB  HB   sing N N 149 
ILE CG1 CD1  sing N N 150 
ILE CG1 HG12 sing N N 151 
ILE CG1 HG13 sing N N 152 
ILE CG2 HG21 sing N N 153 
ILE CG2 HG22 sing N N 154 
ILE CG2 HG23 sing N N 155 
ILE CD1 HD11 sing N N 156 
ILE CD1 HD12 sing N N 157 
ILE CD1 HD13 sing N N 158 
ILE OXT HXT  sing N N 159 
LEU N   CA   sing N N 160 
LEU N   H    sing N N 161 
LEU N   H2   sing N N 162 
LEU CA  C    sing N N 163 
LEU CA  CB   sing N N 164 
LEU CA  HA   sing N N 165 
LEU C   O    doub N N 166 
LEU C   OXT  sing N N 167 
LEU CB  CG   sing N N 168 
LEU CB  HB2  sing N N 169 
LEU CB  HB3  sing N N 170 
LEU CG  CD1  sing N N 171 
LEU CG  CD2  sing N N 172 
LEU CG  HG   sing N N 173 
LEU CD1 HD11 sing N N 174 
LEU CD1 HD12 sing N N 175 
LEU CD1 HD13 sing N N 176 
LEU CD2 HD21 sing N N 177 
LEU CD2 HD22 sing N N 178 
LEU CD2 HD23 sing N N 179 
LEU OXT HXT  sing N N 180 
LYS N   CA   sing N N 181 
LYS N   H    sing N N 182 
LYS N   H2   sing N N 183 
LYS CA  C    sing N N 184 
LYS CA  CB   sing N N 185 
LYS CA  HA   sing N N 186 
LYS C   O    doub N N 187 
LYS C   OXT  sing N N 188 
LYS CB  CG   sing N N 189 
LYS CB  HB2  sing N N 190 
LYS CB  HB3  sing N N 191 
LYS CG  CD   sing N N 192 
LYS CG  HG2  sing N N 193 
LYS CG  HG3  sing N N 194 
LYS CD  CE   sing N N 195 
LYS CD  HD2  sing N N 196 
LYS CD  HD3  sing N N 197 
LYS CE  NZ   sing N N 198 
LYS CE  HE2  sing N N 199 
LYS CE  HE3  sing N N 200 
LYS NZ  HZ1  sing N N 201 
LYS NZ  HZ2  sing N N 202 
LYS NZ  HZ3  sing N N 203 
LYS OXT HXT  sing N N 204 
MET N   CA   sing N N 205 
MET N   H    sing N N 206 
MET N   H2   sing N N 207 
MET CA  C    sing N N 208 
MET CA  CB   sing N N 209 
MET CA  HA   sing N N 210 
MET C   O    doub N N 211 
MET C   OXT  sing N N 212 
MET CB  CG   sing N N 213 
MET CB  HB2  sing N N 214 
MET CB  HB3  sing N N 215 
MET CG  SD   sing N N 216 
MET CG  HG2  sing N N 217 
MET CG  HG3  sing N N 218 
MET SD  CE   sing N N 219 
MET CE  HE1  sing N N 220 
MET CE  HE2  sing N N 221 
MET CE  HE3  sing N N 222 
MET OXT HXT  sing N N 223 
PHE N   CA   sing N N 224 
PHE N   H    sing N N 225 
PHE N   H2   sing N N 226 
PHE CA  C    sing N N 227 
PHE CA  CB   sing N N 228 
PHE CA  HA   sing N N 229 
PHE C   O    doub N N 230 
PHE C   OXT  sing N N 231 
PHE CB  CG   sing N N 232 
PHE CB  HB2  sing N N 233 
PHE CB  HB3  sing N N 234 
PHE CG  CD1  doub Y N 235 
PHE CG  CD2  sing Y N 236 
PHE CD1 CE1  sing Y N 237 
PHE CD1 HD1  sing N N 238 
PHE CD2 CE2  doub Y N 239 
PHE CD2 HD2  sing N N 240 
PHE CE1 CZ   doub Y N 241 
PHE CE1 HE1  sing N N 242 
PHE CE2 CZ   sing Y N 243 
PHE CE2 HE2  sing N N 244 
PHE CZ  HZ   sing N N 245 
PHE OXT HXT  sing N N 246 
PRO N   CA   sing N N 247 
PRO N   CD   sing N N 248 
PRO N   H    sing N N 249 
PRO CA  C    sing N N 250 
PRO CA  CB   sing N N 251 
PRO CA  HA   sing N N 252 
PRO C   O    doub N N 253 
PRO C   OXT  sing N N 254 
PRO CB  CG   sing N N 255 
PRO CB  HB2  sing N N 256 
PRO CB  HB3  sing N N 257 
PRO CG  CD   sing N N 258 
PRO CG  HG2  sing N N 259 
PRO CG  HG3  sing N N 260 
PRO CD  HD2  sing N N 261 
PRO CD  HD3  sing N N 262 
PRO OXT HXT  sing N N 263 
SER N   CA   sing N N 264 
SER N   H    sing N N 265 
SER N   H2   sing N N 266 
SER CA  C    sing N N 267 
SER CA  CB   sing N N 268 
SER CA  HA   sing N N 269 
SER C   O    doub N N 270 
SER C   OXT  sing N N 271 
SER CB  OG   sing N N 272 
SER CB  HB2  sing N N 273 
SER CB  HB3  sing N N 274 
SER OG  HG   sing N N 275 
SER OXT HXT  sing N N 276 
THR N   CA   sing N N 277 
THR N   H    sing N N 278 
THR N   H2   sing N N 279 
THR CA  C    sing N N 280 
THR CA  CB   sing N N 281 
THR CA  HA   sing N N 282 
THR C   O    doub N N 283 
THR C   OXT  sing N N 284 
THR CB  OG1  sing N N 285 
THR CB  CG2  sing N N 286 
THR CB  HB   sing N N 287 
THR OG1 HG1  sing N N 288 
THR CG2 HG21 sing N N 289 
THR CG2 HG22 sing N N 290 
THR CG2 HG23 sing N N 291 
THR OXT HXT  sing N N 292 
TRP N   CA   sing N N 293 
TRP N   H    sing N N 294 
TRP N   H2   sing N N 295 
TRP CA  C    sing N N 296 
TRP CA  CB   sing N N 297 
TRP CA  HA   sing N N 298 
TRP C   O    doub N N 299 
TRP C   OXT  sing N N 300 
TRP CB  CG   sing N N 301 
TRP CB  HB2  sing N N 302 
TRP CB  HB3  sing N N 303 
TRP CG  CD1  doub Y N 304 
TRP CG  CD2  sing Y N 305 
TRP CD1 NE1  sing Y N 306 
TRP CD1 HD1  sing N N 307 
TRP CD2 CE2  doub Y N 308 
TRP CD2 CE3  sing Y N 309 
TRP NE1 CE2  sing Y N 310 
TRP NE1 HE1  sing N N 311 
TRP CE2 CZ2  sing Y N 312 
TRP CE3 CZ3  doub Y N 313 
TRP CE3 HE3  sing N N 314 
TRP CZ2 CH2  doub Y N 315 
TRP CZ2 HZ2  sing N N 316 
TRP CZ3 CH2  sing Y N 317 
TRP CZ3 HZ3  sing N N 318 
TRP CH2 HH2  sing N N 319 
TRP OXT HXT  sing N N 320 
TYR N   CA   sing N N 321 
TYR N   H    sing N N 322 
TYR N   H2   sing N N 323 
TYR CA  C    sing N N 324 
TYR CA  CB   sing N N 325 
TYR CA  HA   sing N N 326 
TYR C   O    doub N N 327 
TYR C   OXT  sing N N 328 
TYR CB  CG   sing N N 329 
TYR CB  HB2  sing N N 330 
TYR CB  HB3  sing N N 331 
TYR CG  CD1  doub Y N 332 
TYR CG  CD2  sing Y N 333 
TYR CD1 CE1  sing Y N 334 
TYR CD1 HD1  sing N N 335 
TYR CD2 CE2  doub Y N 336 
TYR CD2 HD2  sing N N 337 
TYR CE1 CZ   doub Y N 338 
TYR CE1 HE1  sing N N 339 
TYR CE2 CZ   sing Y N 340 
TYR CE2 HE2  sing N N 341 
TYR CZ  OH   sing N N 342 
TYR OH  HH   sing N N 343 
TYR OXT HXT  sing N N 344 
VAL N   CA   sing N N 345 
VAL N   H    sing N N 346 
VAL N   H2   sing N N 347 
VAL CA  C    sing N N 348 
VAL CA  CB   sing N N 349 
VAL CA  HA   sing N N 350 
VAL C   O    doub N N 351 
VAL C   OXT  sing N N 352 
VAL CB  CG1  sing N N 353 
VAL CB  CG2  sing N N 354 
VAL CB  HB   sing N N 355 
VAL CG1 HG11 sing N N 356 
VAL CG1 HG12 sing N N 357 
VAL CG1 HG13 sing N N 358 
VAL CG2 HG21 sing N N 359 
VAL CG2 HG22 sing N N 360 
VAL CG2 HG23 sing N N 361 
VAL OXT HXT  sing N N 362 
# 
_pdbx_entity_nonpoly.entity_id   2 
_pdbx_entity_nonpoly.name        water 
_pdbx_entity_nonpoly.comp_id     HOH 
# 
_pdbx_initial_refinement_model.id               1 
_pdbx_initial_refinement_model.entity_id_list   ? 
_pdbx_initial_refinement_model.type             'experimental model' 
_pdbx_initial_refinement_model.source_name      PDB 
_pdbx_initial_refinement_model.accession_code   1ZVN 
_pdbx_initial_refinement_model.details          'PDB entry 1ZVN' 
# 
